data_2LAU
#
_entry.id   2LAU
#
loop_
_entity.id
_entity.type
_entity.pdbx_description
1 polymer 'THAP domain-containing protein 11'
2 non-polymer 'ZINC ION'
#
_entity_poly.entity_id   1
_entity_poly.type   'polypeptide(L)'
_entity_poly.pdbx_seq_one_letter_code
;GSPGFTCCVPGCYNNSHRDKALHFYTFPKDAELRRLWLKNVSRAGVSGCFSTFQPTTGHRLCSVHFQGGRKTYTVRVPTI
F
;
_entity_poly.pdbx_strand_id   A
#
# COMPACT_ATOMS: atom_id res chain seq x y z
N GLY A 1 16.22 0.52 -3.54
CA GLY A 1 15.57 1.24 -2.41
C GLY A 1 15.60 0.43 -1.12
N SER A 2 14.53 0.54 -0.34
CA SER A 2 14.44 -0.18 0.92
C SER A 2 14.55 -1.69 0.70
N PRO A 3 14.63 -2.47 1.79
CA PRO A 3 14.74 -3.93 1.71
C PRO A 3 13.42 -4.61 1.40
N GLY A 4 12.36 -3.82 1.23
CA GLY A 4 11.04 -4.36 0.93
C GLY A 4 9.93 -3.35 1.22
N PHE A 5 8.66 -3.75 0.98
CA PHE A 5 7.50 -2.89 1.20
C PHE A 5 6.69 -2.74 -0.09
N THR A 6 6.76 -3.80 -0.90
CA THR A 6 6.05 -3.84 -2.16
C THR A 6 4.57 -4.19 -1.97
N CYS A 7 3.90 -3.41 -1.09
CA CYS A 7 2.47 -3.55 -0.85
C CYS A 7 2.14 -4.87 -0.18
N CYS A 8 1.81 -4.85 1.12
CA CYS A 8 1.48 -6.09 1.82
C CYS A 8 0.40 -6.81 1.04
N VAL A 9 0.82 -7.39 -0.06
CA VAL A 9 -0.06 -8.07 -0.99
C VAL A 9 -0.42 -9.48 -0.58
N PRO A 10 -1.63 -9.69 -0.05
CA PRO A 10 -2.10 -11.01 0.30
C PRO A 10 -2.46 -11.78 -0.97
N GLY A 11 -2.63 -11.02 -2.07
CA GLY A 11 -2.97 -11.64 -3.34
C GLY A 11 -2.88 -10.72 -4.56
N CYS A 12 -2.69 -9.40 -4.38
CA CYS A 12 -2.64 -8.51 -5.56
C CYS A 12 -1.35 -8.72 -6.39
N TYR A 13 -0.66 -7.64 -6.79
CA TYR A 13 0.51 -7.74 -7.66
C TYR A 13 1.75 -8.40 -6.97
N ASN A 14 2.56 -7.55 -6.34
CA ASN A 14 3.81 -7.90 -5.64
C ASN A 14 3.67 -7.38 -4.20
N ASN A 15 4.36 -7.94 -3.17
CA ASN A 15 4.06 -7.49 -1.77
C ASN A 15 5.17 -6.68 -1.02
N SER A 16 4.77 -6.05 0.15
CA SER A 16 5.61 -5.18 0.93
C SER A 16 6.89 -5.85 1.46
N HIS A 17 7.37 -6.91 0.80
CA HIS A 17 8.60 -7.58 1.23
C HIS A 17 8.86 -8.89 0.46
N ARG A 18 8.84 -8.84 -0.87
CA ARG A 18 9.11 -10.04 -1.67
C ARG A 18 9.24 -9.75 -3.16
N ASP A 19 9.50 -8.49 -3.53
CA ASP A 19 9.66 -8.12 -4.94
C ASP A 19 10.41 -6.79 -5.06
N LYS A 20 9.68 -5.70 -4.85
CA LYS A 20 10.23 -4.35 -4.92
C LYS A 20 10.71 -3.98 -6.33
N ALA A 21 10.34 -4.78 -7.33
CA ALA A 21 10.76 -4.49 -8.70
C ALA A 21 9.60 -4.30 -9.72
N LEU A 22 8.36 -4.06 -9.25
CA LEU A 22 7.23 -3.88 -10.17
C LEU A 22 6.73 -2.39 -10.02
N HIS A 23 5.48 -2.00 -10.34
CA HIS A 23 5.08 -0.60 -10.25
C HIS A 23 4.28 -0.29 -8.96
N PHE A 24 4.47 0.91 -8.33
CA PHE A 24 3.70 1.23 -7.14
C PHE A 24 3.01 2.63 -7.24
N TYR A 25 1.73 2.74 -6.80
CA TYR A 25 1.01 4.01 -6.83
C TYR A 25 1.33 4.78 -5.54
N THR A 26 1.19 6.12 -5.51
CA THR A 26 1.55 6.86 -4.32
C THR A 26 0.31 7.29 -3.51
N PHE A 27 0.54 7.83 -2.30
CA PHE A 27 -0.53 8.20 -1.38
C PHE A 27 -1.28 9.52 -1.72
N PRO A 28 -2.65 9.52 -1.71
CA PRO A 28 -3.45 10.73 -2.01
C PRO A 28 -2.88 11.99 -1.32
N LYS A 29 -3.46 13.17 -1.64
CA LYS A 29 -2.99 14.43 -1.06
C LYS A 29 -3.56 14.68 0.32
N ASP A 30 -4.72 14.13 0.56
CA ASP A 30 -5.43 14.28 1.84
C ASP A 30 -4.87 13.31 2.89
N ALA A 31 -4.24 13.84 3.95
CA ALA A 31 -3.66 13.01 4.99
C ALA A 31 -4.57 11.83 5.41
N GLU A 32 -5.74 12.06 6.01
CA GLU A 32 -6.62 10.95 6.43
C GLU A 32 -6.86 9.92 5.36
N LEU A 33 -7.48 10.25 4.22
CA LEU A 33 -7.66 9.22 3.22
C LEU A 33 -6.41 8.33 3.21
N ARG A 34 -5.28 8.99 3.38
CA ARG A 34 -3.98 8.32 3.40
C ARG A 34 -3.93 7.26 4.48
N ARG A 35 -4.18 7.67 5.71
CA ARG A 35 -4.18 6.73 6.79
C ARG A 35 -5.16 5.63 6.47
N LEU A 36 -6.25 5.97 5.78
CA LEU A 36 -7.20 4.91 5.42
C LEU A 36 -6.48 3.85 4.61
N TRP A 37 -5.70 4.27 3.64
CA TRP A 37 -4.97 3.31 2.87
C TRP A 37 -4.02 2.54 3.77
N LEU A 38 -3.39 3.24 4.75
CA LEU A 38 -2.49 2.57 5.67
C LEU A 38 -3.09 1.18 5.96
N LYS A 39 -4.41 1.17 6.28
CA LYS A 39 -5.11 -0.06 6.56
C LYS A 39 -4.92 -1.14 5.48
N ASN A 40 -5.32 -0.82 4.26
CA ASN A 40 -5.22 -1.76 3.14
C ASN A 40 -3.80 -2.23 2.88
N VAL A 41 -2.85 -1.43 3.29
CA VAL A 41 -1.44 -1.72 3.07
C VAL A 41 -0.85 -2.75 4.01
N SER A 42 -1.43 -2.96 5.21
CA SER A 42 -0.89 -3.94 6.16
C SER A 42 -1.30 -3.60 7.62
N ARG A 43 -0.43 -2.92 8.45
CA ARG A 43 -0.78 -2.57 9.84
C ARG A 43 0.43 -2.82 10.74
N ALA A 44 0.20 -3.00 12.05
CA ALA A 44 1.28 -3.26 13.00
C ALA A 44 2.02 -4.57 12.66
N GLY A 45 2.76 -4.64 11.53
CA GLY A 45 3.47 -5.86 11.20
C GLY A 45 2.55 -7.03 10.95
N VAL A 46 1.27 -6.74 10.75
CA VAL A 46 0.28 -7.79 10.50
C VAL A 46 0.30 -8.83 11.62
N SER A 47 0.80 -8.44 12.79
CA SER A 47 0.88 -9.34 13.93
C SER A 47 1.51 -8.61 15.14
N GLY A 48 2.76 -8.11 15.01
CA GLY A 48 3.38 -7.40 16.13
C GLY A 48 3.72 -5.97 15.77
N CYS A 49 3.58 -5.07 16.75
CA CYS A 49 3.88 -3.66 16.53
C CYS A 49 5.38 -3.39 16.55
N PHE A 50 6.13 -4.10 15.70
CA PHE A 50 7.57 -3.93 15.63
C PHE A 50 7.93 -2.52 15.09
N SER A 51 7.71 -2.26 13.78
CA SER A 51 8.02 -0.96 13.18
C SER A 51 8.50 -1.10 11.74
N THR A 52 8.79 -2.33 11.31
CA THR A 52 9.27 -2.58 9.95
C THR A 52 8.42 -1.83 8.92
N PHE A 53 8.89 -1.77 7.65
CA PHE A 53 8.17 -1.07 6.58
C PHE A 53 7.46 0.20 7.08
N GLN A 54 8.07 0.86 8.06
CA GLN A 54 7.51 2.09 8.62
C GLN A 54 7.02 3.02 7.49
N PRO A 55 5.72 3.39 7.48
CA PRO A 55 5.17 4.25 6.43
C PRO A 55 5.63 5.70 6.55
N THR A 56 6.95 5.89 6.59
CA THR A 56 7.53 7.22 6.68
C THR A 56 8.28 7.52 5.37
N THR A 57 9.10 6.56 4.89
CA THR A 57 9.85 6.76 3.66
C THR A 57 8.91 7.02 2.49
N GLY A 58 7.64 6.64 2.64
CA GLY A 58 6.68 6.85 1.56
C GLY A 58 6.05 5.53 1.09
N HIS A 59 4.99 5.02 1.75
CA HIS A 59 4.40 3.75 1.33
C HIS A 59 3.46 3.96 0.14
N ARG A 60 3.71 3.17 -0.90
CA ARG A 60 2.96 3.21 -2.13
C ARG A 60 2.24 1.84 -2.33
N LEU A 61 1.29 1.72 -3.29
CA LEU A 61 0.51 0.46 -3.47
C LEU A 61 0.77 -0.21 -4.87
N CYS A 62 0.45 -1.54 -5.05
CA CYS A 62 0.77 -2.21 -6.33
C CYS A 62 -0.46 -2.41 -7.29
N SER A 63 -0.12 -2.59 -8.57
CA SER A 63 -1.00 -2.70 -9.73
C SER A 63 -2.43 -3.30 -9.54
N VAL A 64 -2.45 -4.61 -9.64
CA VAL A 64 -3.66 -5.45 -9.69
C VAL A 64 -4.73 -5.31 -8.60
N HIS A 65 -4.92 -4.14 -8.05
CA HIS A 65 -5.97 -3.95 -7.01
C HIS A 65 -7.27 -3.32 -7.54
N PHE A 66 -7.19 -2.15 -8.19
CA PHE A 66 -8.39 -1.48 -8.67
C PHE A 66 -9.02 -2.30 -9.81
N GLN A 67 -10.26 -1.97 -10.23
CA GLN A 67 -10.88 -2.71 -11.32
C GLN A 67 -10.66 -1.93 -12.63
N GLY A 68 -10.54 -2.57 -13.82
CA GLY A 68 -10.32 -1.80 -15.04
C GLY A 68 -9.06 -0.94 -14.99
N GLY A 69 -9.04 0.12 -14.19
CA GLY A 69 -7.87 0.97 -14.10
C GLY A 69 -8.20 2.43 -13.87
N ARG A 70 -7.39 3.10 -13.05
CA ARG A 70 -7.59 4.53 -12.74
C ARG A 70 -8.64 4.73 -11.65
N LYS A 71 -8.96 3.66 -10.92
CA LYS A 71 -9.94 3.74 -9.86
C LYS A 71 -11.31 4.15 -10.40
N THR A 72 -12.29 3.28 -10.27
CA THR A 72 -13.64 3.56 -10.75
C THR A 72 -14.60 2.42 -10.43
N TYR A 73 -15.81 2.51 -10.96
CA TYR A 73 -16.84 1.50 -10.76
C TYR A 73 -17.40 1.52 -9.33
N THR A 74 -16.52 1.38 -8.36
CA THR A 74 -16.93 1.38 -6.96
C THR A 74 -15.73 1.33 -6.02
N VAL A 75 -14.65 0.73 -6.48
CA VAL A 75 -13.46 0.56 -5.66
C VAL A 75 -12.59 1.84 -5.63
N ARG A 76 -12.42 2.40 -4.43
CA ARG A 76 -11.62 3.61 -4.25
C ARG A 76 -10.34 3.29 -3.48
N VAL A 77 -10.47 2.51 -2.42
CA VAL A 77 -9.32 2.12 -1.60
C VAL A 77 -8.83 0.74 -2.07
N PRO A 78 -7.51 0.61 -2.40
CA PRO A 78 -6.94 -0.66 -2.90
C PRO A 78 -7.11 -1.88 -2.06
N THR A 79 -8.26 -2.15 -1.44
CA THR A 79 -8.28 -3.41 -0.77
C THR A 79 -9.06 -4.41 -1.59
N ILE A 80 -8.31 -5.34 -2.16
CA ILE A 80 -8.86 -6.47 -2.88
C ILE A 80 -8.24 -7.72 -2.26
N PHE A 81 -8.91 -8.41 -1.34
CA PHE A 81 -8.31 -9.60 -0.75
C PHE A 81 -9.37 -10.44 -0.04
N GLY A 1 16.84 -1.16 8.96
CA GLY A 1 16.39 -2.56 8.71
C GLY A 1 16.15 -2.83 7.24
N SER A 2 15.10 -3.59 6.94
CA SER A 2 14.76 -3.92 5.56
C SER A 2 13.94 -2.82 4.91
N PRO A 3 14.53 -2.09 3.94
CA PRO A 3 13.84 -0.99 3.24
C PRO A 3 12.82 -1.51 2.22
N GLY A 4 11.85 -2.28 2.69
CA GLY A 4 10.83 -2.82 1.80
C GLY A 4 9.43 -2.38 2.19
N PHE A 5 8.40 -2.84 1.44
CA PHE A 5 7.00 -2.49 1.75
C PHE A 5 6.07 -2.71 0.55
N THR A 6 6.56 -3.40 -0.49
CA THR A 6 5.75 -3.76 -1.67
C THR A 6 4.27 -3.90 -1.34
N CYS A 7 3.67 -2.80 -0.90
CA CYS A 7 2.26 -2.77 -0.56
C CYS A 7 1.92 -3.87 0.45
N CYS A 8 2.94 -4.43 1.12
CA CYS A 8 2.72 -5.51 2.09
C CYS A 8 1.45 -6.25 1.74
N VAL A 9 1.50 -6.87 0.59
CA VAL A 9 0.38 -7.55 0.01
C VAL A 9 0.41 -9.05 0.22
N PRO A 10 -0.71 -9.63 0.68
CA PRO A 10 -0.82 -11.06 0.89
C PRO A 10 -1.29 -11.79 -0.36
N GLY A 11 -1.57 -11.04 -1.43
CA GLY A 11 -2.05 -11.67 -2.64
C GLY A 11 -1.81 -10.91 -3.95
N CYS A 12 -1.81 -9.57 -3.93
CA CYS A 12 -1.64 -8.84 -5.20
C CYS A 12 -0.30 -9.16 -5.90
N TYR A 13 -0.03 -8.39 -6.96
CA TYR A 13 1.16 -8.58 -7.80
C TYR A 13 2.49 -8.53 -7.04
N ASN A 14 2.61 -7.59 -6.12
CA ASN A 14 3.84 -7.32 -5.35
C ASN A 14 3.63 -7.40 -3.84
N ASN A 15 4.70 -7.61 -3.01
CA ASN A 15 4.47 -7.67 -1.55
C ASN A 15 5.60 -6.97 -0.66
N SER A 16 5.25 -6.01 0.29
CA SER A 16 6.18 -5.27 1.11
C SER A 16 7.61 -5.82 1.23
N HIS A 17 8.00 -6.26 2.41
CA HIS A 17 9.35 -6.75 2.64
C HIS A 17 9.59 -8.08 1.92
N ARG A 18 9.30 -8.11 0.62
CA ARG A 18 9.46 -9.33 -0.15
C ARG A 18 9.89 -9.08 -1.61
N ASP A 19 10.03 -7.82 -2.01
CA ASP A 19 10.42 -7.53 -3.39
C ASP A 19 10.92 -6.09 -3.63
N LYS A 20 10.01 -5.12 -3.52
CA LYS A 20 10.32 -3.70 -3.75
C LYS A 20 10.64 -3.38 -5.21
N ALA A 21 10.36 -4.33 -6.11
CA ALA A 21 10.64 -4.17 -7.55
C ALA A 21 9.39 -3.90 -8.45
N LEU A 22 8.26 -4.61 -8.23
CA LEU A 22 7.06 -4.46 -9.05
C LEU A 22 6.60 -2.96 -9.09
N HIS A 23 5.33 -2.62 -9.41
CA HIS A 23 4.93 -1.22 -9.51
C HIS A 23 4.21 -0.74 -8.23
N PHE A 24 4.45 0.52 -7.80
CA PHE A 24 3.81 1.05 -6.60
C PHE A 24 3.13 2.45 -6.89
N TYR A 25 1.80 2.62 -6.64
CA TYR A 25 1.11 3.91 -6.86
C TYR A 25 1.32 4.78 -5.61
N THR A 26 1.20 6.12 -5.71
CA THR A 26 1.46 6.95 -4.53
C THR A 26 0.14 7.40 -3.89
N PHE A 27 0.24 8.03 -2.70
CA PHE A 27 -0.95 8.37 -1.93
C PHE A 27 -1.55 9.79 -2.12
N PRO A 28 -2.91 9.91 -1.97
CA PRO A 28 -3.62 11.21 -2.05
C PRO A 28 -2.88 12.32 -1.28
N LYS A 29 -3.36 13.57 -1.38
CA LYS A 29 -2.71 14.69 -0.69
C LYS A 29 -3.29 14.89 0.71
N ASP A 30 -4.43 14.27 0.98
CA ASP A 30 -5.10 14.39 2.28
C ASP A 30 -4.54 13.35 3.26
N ALA A 31 -3.89 13.81 4.33
CA ALA A 31 -3.29 12.92 5.32
C ALA A 31 -4.20 11.70 5.68
N GLU A 32 -5.36 11.91 6.33
CA GLU A 32 -6.24 10.78 6.70
C GLU A 32 -6.58 9.88 5.56
N LEU A 33 -7.25 10.33 4.51
CA LEU A 33 -7.53 9.41 3.42
C LEU A 33 -6.32 8.51 3.23
N ARG A 34 -5.16 9.10 3.39
CA ARG A 34 -3.90 8.38 3.25
C ARG A 34 -3.84 7.26 4.24
N ARG A 35 -3.94 7.61 5.51
CA ARG A 35 -3.92 6.62 6.55
C ARG A 35 -4.95 5.55 6.26
N LEU A 36 -6.08 5.94 5.65
CA LEU A 36 -7.08 4.92 5.32
C LEU A 36 -6.45 3.85 4.45
N TRP A 37 -5.70 4.27 3.46
CA TRP A 37 -5.02 3.34 2.60
C TRP A 37 -4.08 2.47 3.43
N LEU A 38 -3.38 3.10 4.40
CA LEU A 38 -2.47 2.36 5.28
C LEU A 38 -3.13 1.00 5.56
N LYS A 39 -4.43 1.03 5.92
CA LYS A 39 -5.18 -0.17 6.19
C LYS A 39 -5.07 -1.23 5.06
N ASN A 40 -5.47 -0.84 3.86
CA ASN A 40 -5.46 -1.74 2.69
C ASN A 40 -4.10 -2.33 2.40
N VAL A 41 -3.06 -1.65 2.82
CA VAL A 41 -1.69 -2.07 2.54
C VAL A 41 -1.17 -3.23 3.39
N SER A 42 -1.73 -3.44 4.60
CA SER A 42 -1.24 -4.55 5.45
C SER A 42 -1.62 -4.36 6.95
N ARG A 43 -0.74 -3.77 7.81
CA ARG A 43 -1.07 -3.59 9.23
C ARG A 43 -0.99 -4.93 9.99
N ALA A 44 -0.59 -5.99 9.30
CA ALA A 44 -0.47 -7.31 9.92
C ALA A 44 0.67 -7.35 10.96
N GLY A 45 0.53 -6.67 12.12
CA GLY A 45 1.60 -6.69 13.10
C GLY A 45 1.74 -8.03 13.80
N VAL A 46 1.89 -9.08 13.01
CA VAL A 46 2.02 -10.43 13.54
C VAL A 46 3.49 -10.79 13.77
N SER A 47 4.21 -10.00 14.57
CA SER A 47 5.62 -10.27 14.84
C SER A 47 6.03 -9.76 16.23
N GLY A 48 5.87 -8.44 16.55
CA GLY A 48 6.26 -7.97 17.86
C GLY A 48 6.07 -6.48 18.03
N CYS A 49 6.67 -5.93 19.09
CA CYS A 49 6.55 -4.50 19.37
C CYS A 49 7.78 -3.75 18.85
N PHE A 50 8.28 -4.18 17.70
CA PHE A 50 9.45 -3.54 17.09
C PHE A 50 9.01 -2.48 16.06
N SER A 51 8.42 -2.90 14.92
CA SER A 51 7.98 -1.96 13.90
C SER A 51 7.31 -2.71 12.75
N THR A 52 6.99 -1.98 11.68
CA THR A 52 6.34 -2.58 10.52
C THR A 52 6.28 -1.63 9.33
N PHE A 53 7.44 -1.15 8.86
CA PHE A 53 7.51 -0.23 7.72
C PHE A 53 6.39 0.82 7.79
N GLN A 54 5.98 1.19 9.00
CA GLN A 54 4.91 2.17 9.20
C GLN A 54 4.86 3.20 8.07
N PRO A 55 3.74 3.27 7.34
CA PRO A 55 3.57 4.22 6.22
C PRO A 55 3.59 5.68 6.66
N THR A 56 4.70 6.09 7.27
CA THR A 56 4.84 7.47 7.72
C THR A 56 5.57 8.32 6.67
N THR A 57 6.66 7.78 6.06
CA THR A 57 7.40 8.53 5.05
C THR A 57 6.58 8.70 3.76
N GLY A 58 6.00 7.61 3.27
CA GLY A 58 5.23 7.69 2.05
C GLY A 58 5.00 6.33 1.38
N HIS A 59 4.10 5.48 1.91
CA HIS A 59 3.87 4.18 1.29
C HIS A 59 2.93 4.32 0.09
N ARG A 60 3.06 3.38 -0.85
CA ARG A 60 2.31 3.39 -2.11
C ARG A 60 1.53 2.04 -2.29
N LEU A 61 0.63 1.93 -3.31
CA LEU A 61 -0.18 0.69 -3.50
C LEU A 61 0.24 -0.01 -4.82
N CYS A 62 -0.02 -1.34 -5.01
CA CYS A 62 0.47 -2.01 -6.21
C CYS A 62 -0.66 -2.54 -7.19
N SER A 63 -0.25 -3.09 -8.35
CA SER A 63 -1.04 -3.57 -9.49
C SER A 63 -2.48 -4.04 -9.31
N VAL A 64 -2.59 -5.30 -8.97
CA VAL A 64 -3.87 -6.01 -8.97
C VAL A 64 -4.90 -5.68 -7.88
N HIS A 65 -5.04 -4.41 -7.51
CA HIS A 65 -6.06 -4.05 -6.52
C HIS A 65 -6.74 -2.73 -6.85
N PHE A 66 -7.12 -2.56 -8.12
CA PHE A 66 -7.79 -1.36 -8.55
C PHE A 66 -9.05 -1.69 -9.39
N GLN A 67 -10.23 -1.99 -8.76
CA GLN A 67 -11.41 -2.33 -9.54
C GLN A 67 -11.79 -1.11 -10.44
N GLY A 68 -12.42 -1.31 -11.63
CA GLY A 68 -12.74 -0.15 -12.45
C GLY A 68 -11.53 0.43 -13.19
N GLY A 69 -10.61 1.09 -12.46
CA GLY A 69 -9.43 1.64 -13.11
C GLY A 69 -9.53 3.14 -13.33
N ARG A 70 -8.42 3.85 -13.09
CA ARG A 70 -8.37 5.29 -13.26
C ARG A 70 -8.91 6.02 -12.03
N LYS A 71 -9.49 5.26 -11.10
CA LYS A 71 -10.03 5.85 -9.87
C LYS A 71 -11.00 6.98 -10.19
N THR A 72 -12.24 6.60 -10.49
CA THR A 72 -13.27 7.58 -10.84
C THR A 72 -13.91 8.15 -9.58
N TYR A 73 -14.75 7.36 -8.92
CA TYR A 73 -15.42 7.81 -7.71
C TYR A 73 -15.88 6.62 -6.86
N THR A 74 -16.37 5.57 -7.52
CA THR A 74 -16.83 4.38 -6.82
C THR A 74 -15.70 3.74 -6.02
N VAL A 75 -14.57 3.54 -6.68
CA VAL A 75 -13.40 2.94 -6.04
C VAL A 75 -12.64 4.00 -5.23
N ARG A 76 -12.93 4.10 -3.91
CA ARG A 76 -12.26 5.10 -3.09
C ARG A 76 -10.97 4.53 -2.46
N VAL A 77 -11.04 3.32 -1.91
CA VAL A 77 -9.86 2.71 -1.32
C VAL A 77 -9.63 1.33 -1.93
N PRO A 78 -8.43 1.07 -2.49
CA PRO A 78 -8.08 -0.22 -3.13
C PRO A 78 -8.16 -1.44 -2.27
N THR A 79 -9.20 -1.66 -1.48
CA THR A 79 -9.17 -2.91 -0.81
C THR A 79 -10.12 -3.90 -1.45
N ILE A 80 -9.48 -4.85 -2.11
CA ILE A 80 -10.12 -6.00 -2.74
C ILE A 80 -9.44 -7.27 -2.24
N PHE A 81 -9.94 -7.97 -1.24
CA PHE A 81 -9.29 -9.21 -0.80
C PHE A 81 -10.16 -9.93 0.23
N GLY A 1 18.33 -5.01 2.87
CA GLY A 1 18.12 -4.97 1.40
C GLY A 1 17.72 -3.59 0.91
N SER A 2 16.50 -3.47 0.40
CA SER A 2 16.01 -2.20 -0.10
C SER A 2 14.98 -1.60 0.86
N PRO A 3 14.63 -0.32 0.68
CA PRO A 3 13.66 0.38 1.54
C PRO A 3 12.24 -0.16 1.36
N GLY A 4 12.04 -1.45 1.61
CA GLY A 4 10.72 -2.04 1.46
C GLY A 4 9.67 -1.32 2.30
N PHE A 5 8.41 -1.79 2.27
CA PHE A 5 7.34 -1.14 3.03
C PHE A 5 6.19 -2.11 3.39
N THR A 6 5.84 -3.00 2.45
CA THR A 6 4.76 -4.00 2.64
C THR A 6 3.42 -3.47 2.08
N CYS A 7 2.95 -4.07 0.98
CA CYS A 7 1.67 -3.67 0.36
C CYS A 7 0.55 -4.51 0.97
N CYS A 8 0.85 -5.18 2.09
CA CYS A 8 -0.14 -6.03 2.74
C CYS A 8 -0.76 -6.90 1.67
N VAL A 9 0.13 -7.53 0.91
CA VAL A 9 -0.24 -8.34 -0.22
C VAL A 9 -0.58 -9.78 0.16
N PRO A 10 -1.89 -10.11 0.20
CA PRO A 10 -2.35 -11.46 0.51
C PRO A 10 -2.30 -12.36 -0.73
N GLY A 11 -2.63 -11.76 -1.87
CA GLY A 11 -2.62 -12.47 -3.13
C GLY A 11 -2.46 -11.55 -4.34
N CYS A 12 -2.15 -10.28 -4.10
CA CYS A 12 -1.99 -9.32 -5.19
C CYS A 12 -0.80 -9.73 -6.09
N TYR A 13 -0.31 -8.79 -6.91
CA TYR A 13 0.79 -9.02 -7.82
C TYR A 13 2.17 -8.82 -7.17
N ASN A 14 2.35 -7.63 -6.59
CA ASN A 14 3.63 -7.21 -5.98
C ASN A 14 3.46 -6.82 -4.49
N ASN A 15 4.54 -6.87 -3.68
CA ASN A 15 4.42 -6.49 -2.28
C ASN A 15 5.16 -5.14 -2.09
N SER A 16 4.97 -4.43 -0.97
CA SER A 16 5.59 -3.15 -0.79
C SER A 16 6.98 -3.27 -0.08
N HIS A 17 7.46 -4.52 0.18
CA HIS A 17 8.76 -4.71 0.85
C HIS A 17 9.41 -6.06 0.51
N ARG A 18 9.09 -6.65 -0.65
CA ARG A 18 9.68 -7.94 -1.00
C ARG A 18 10.07 -8.02 -2.48
N ASP A 19 10.07 -6.89 -3.17
CA ASP A 19 10.43 -6.84 -4.59
C ASP A 19 10.80 -5.43 -5.03
N LYS A 20 9.81 -4.55 -5.06
CA LYS A 20 10.03 -3.16 -5.46
C LYS A 20 10.40 -3.06 -6.95
N ALA A 21 10.22 -4.14 -7.70
CA ALA A 21 10.52 -4.12 -9.14
C ALA A 21 9.25 -4.20 -10.01
N LEU A 22 8.08 -3.88 -9.42
CA LEU A 22 6.82 -3.93 -10.18
C LEU A 22 6.15 -2.51 -10.26
N HIS A 23 4.89 -2.22 -9.81
CA HIS A 23 4.33 -0.87 -9.95
C HIS A 23 3.89 -0.31 -8.58
N PHE A 24 4.16 0.98 -8.27
CA PHE A 24 3.76 1.54 -6.98
C PHE A 24 2.99 2.89 -7.14
N TYR A 25 1.68 2.97 -6.75
CA TYR A 25 0.92 4.21 -6.85
C TYR A 25 1.18 5.07 -5.60
N THR A 26 1.00 6.40 -5.66
CA THR A 26 1.29 7.25 -4.51
C THR A 26 -0.01 7.68 -3.81
N PHE A 27 0.10 8.34 -2.66
CA PHE A 27 -1.08 8.65 -1.85
C PHE A 27 -1.70 10.06 -2.00
N PRO A 28 -3.08 10.14 -1.87
CA PRO A 28 -3.82 11.42 -1.92
C PRO A 28 -3.11 12.54 -1.14
N LYS A 29 -3.62 13.77 -1.22
CA LYS A 29 -3.01 14.91 -0.52
C LYS A 29 -3.53 15.03 0.91
N ASP A 30 -4.69 14.44 1.15
CA ASP A 30 -5.31 14.49 2.48
C ASP A 30 -4.68 13.43 3.39
N ALA A 31 -4.00 13.88 4.46
CA ALA A 31 -3.32 12.98 5.38
C ALA A 31 -4.16 11.71 5.74
N GLU A 32 -5.29 11.85 6.45
CA GLU A 32 -6.09 10.68 6.84
C GLU A 32 -6.46 9.80 5.68
N LEU A 33 -7.19 10.28 4.66
CA LEU A 33 -7.50 9.39 3.58
C LEU A 33 -6.29 8.50 3.30
N ARG A 34 -5.13 9.12 3.41
CA ARG A 34 -3.87 8.42 3.22
C ARG A 34 -3.78 7.25 4.15
N ARG A 35 -3.80 7.55 5.43
CA ARG A 35 -3.71 6.52 6.42
C ARG A 35 -4.73 5.46 6.12
N LEU A 36 -5.89 5.85 5.58
CA LEU A 36 -6.89 4.82 5.25
C LEU A 36 -6.30 3.79 4.33
N TRP A 37 -5.69 4.24 3.26
CA TRP A 37 -5.07 3.32 2.34
C TRP A 37 -4.08 2.46 3.08
N LEU A 38 -3.30 3.07 4.00
CA LEU A 38 -2.35 2.30 4.77
C LEU A 38 -3.00 0.96 5.05
N LYS A 39 -4.19 1.00 5.70
CA LYS A 39 -4.93 -0.19 5.98
C LYS A 39 -4.84 -1.24 4.85
N ASN A 40 -5.40 -0.92 3.69
CA ASN A 40 -5.41 -1.84 2.55
C ASN A 40 -4.01 -2.34 2.19
N VAL A 41 -3.10 -1.43 2.08
CA VAL A 41 -1.72 -1.72 1.70
C VAL A 41 -0.84 -2.26 2.83
N SER A 42 -1.19 -2.04 4.09
CA SER A 42 -0.31 -2.48 5.19
C SER A 42 -0.75 -1.80 6.53
N ARG A 43 -0.11 -0.67 7.01
CA ARG A 43 -0.55 -0.01 8.25
C ARG A 43 0.02 -0.63 9.54
N ALA A 44 1.35 -0.80 9.59
CA ALA A 44 1.98 -1.36 10.79
C ALA A 44 1.87 -0.38 11.99
N GLY A 45 0.65 -0.14 12.53
CA GLY A 45 0.53 0.80 13.64
C GLY A 45 -0.23 0.22 14.83
N VAL A 46 -1.54 0.05 14.69
CA VAL A 46 -2.36 -0.49 15.79
C VAL A 46 -1.96 -1.93 16.12
N SER A 47 -1.10 -2.53 15.31
CA SER A 47 -0.68 -3.90 15.54
C SER A 47 0.52 -4.25 14.64
N GLY A 48 0.32 -4.38 13.29
CA GLY A 48 1.44 -4.70 12.40
C GLY A 48 2.38 -5.75 12.99
N CYS A 49 3.48 -5.26 13.57
CA CYS A 49 4.48 -6.13 14.19
C CYS A 49 5.44 -6.72 13.16
N PHE A 50 5.50 -6.12 11.96
CA PHE A 50 6.39 -6.62 10.93
C PHE A 50 7.72 -5.84 10.96
N SER A 51 7.71 -4.55 10.53
CA SER A 51 8.93 -3.75 10.53
C SER A 51 8.62 -2.26 10.58
N THR A 52 7.41 -1.91 11.01
CA THR A 52 6.99 -0.51 11.12
C THR A 52 6.86 0.15 9.75
N PHE A 53 7.94 0.13 8.97
CA PHE A 53 7.98 0.75 7.65
C PHE A 53 7.14 2.03 7.59
N GLN A 54 7.14 2.78 8.71
CA GLN A 54 6.39 4.05 8.85
C GLN A 54 5.78 4.54 7.53
N PRO A 55 4.48 4.91 7.52
CA PRO A 55 3.82 5.41 6.32
C PRO A 55 4.31 6.81 5.96
N THR A 56 4.74 7.56 6.97
CA THR A 56 5.25 8.91 6.76
C THR A 56 6.29 8.88 5.62
N THR A 57 7.21 7.90 5.63
CA THR A 57 8.20 7.79 4.57
C THR A 57 7.53 7.83 3.21
N GLY A 58 6.30 7.32 3.14
CA GLY A 58 5.57 7.33 1.88
C GLY A 58 5.00 5.96 1.49
N HIS A 59 3.89 5.49 2.10
CA HIS A 59 3.34 4.20 1.71
C HIS A 59 2.52 4.38 0.42
N ARG A 60 2.83 3.53 -0.54
CA ARG A 60 2.25 3.53 -1.88
C ARG A 60 1.37 2.27 -2.08
N LEU A 61 0.63 2.17 -3.19
CA LEU A 61 -0.24 1.00 -3.47
C LEU A 61 0.37 0.25 -4.66
N CYS A 62 0.08 -1.06 -4.86
CA CYS A 62 0.72 -1.77 -5.96
C CYS A 62 -0.27 -2.48 -6.95
N SER A 63 0.31 -3.08 -7.98
CA SER A 63 -0.33 -3.68 -9.15
C SER A 63 -1.79 -4.08 -9.12
N VAL A 64 -2.01 -5.28 -8.71
CA VAL A 64 -3.36 -5.88 -8.86
C VAL A 64 -4.38 -5.70 -7.74
N HIS A 65 -4.35 -4.61 -7.03
CA HIS A 65 -5.36 -4.40 -5.98
C HIS A 65 -6.19 -3.16 -6.28
N PHE A 66 -6.41 -2.90 -7.57
CA PHE A 66 -7.19 -1.75 -8.01
C PHE A 66 -8.37 -2.24 -8.88
N GLN A 67 -9.36 -1.38 -9.20
CA GLN A 67 -10.48 -1.82 -10.01
C GLN A 67 -10.26 -1.43 -11.52
N GLY A 68 -9.91 -2.35 -12.46
CA GLY A 68 -9.74 -1.94 -13.85
C GLY A 68 -8.61 -0.93 -14.04
N GLY A 69 -8.79 0.32 -13.59
CA GLY A 69 -7.76 1.33 -13.76
C GLY A 69 -8.34 2.73 -13.70
N ARG A 70 -7.54 3.68 -13.20
CA ARG A 70 -7.96 5.07 -13.06
C ARG A 70 -8.57 5.31 -11.68
N LYS A 71 -9.32 4.33 -11.20
CA LYS A 71 -9.96 4.40 -9.89
C LYS A 71 -10.61 5.77 -9.67
N THR A 72 -11.92 5.84 -9.89
CA THR A 72 -12.67 7.08 -9.70
C THR A 72 -13.80 6.84 -8.68
N TYR A 73 -15.03 7.21 -9.03
CA TYR A 73 -16.16 7.02 -8.12
C TYR A 73 -16.23 5.55 -7.68
N THR A 74 -17.17 5.20 -6.77
CA THR A 74 -17.33 3.82 -6.30
C THR A 74 -16.06 3.29 -5.62
N VAL A 75 -14.96 3.20 -6.36
CA VAL A 75 -13.70 2.70 -5.81
C VAL A 75 -12.98 3.80 -5.03
N ARG A 76 -13.22 3.87 -3.69
CA ARG A 76 -12.56 4.89 -2.88
C ARG A 76 -11.22 4.39 -2.34
N VAL A 77 -11.21 3.17 -1.81
CA VAL A 77 -9.97 2.61 -1.28
C VAL A 77 -9.72 1.19 -1.85
N PRO A 78 -8.55 0.96 -2.46
CA PRO A 78 -8.18 -0.34 -3.09
C PRO A 78 -8.23 -1.55 -2.22
N THR A 79 -9.34 -1.89 -1.55
CA THR A 79 -9.24 -3.14 -0.86
C THR A 79 -10.05 -4.20 -1.59
N ILE A 80 -9.28 -5.08 -2.22
CA ILE A 80 -9.80 -6.26 -2.89
C ILE A 80 -9.06 -7.51 -2.42
N PHE A 81 -9.58 -8.29 -1.48
CA PHE A 81 -8.90 -9.50 -1.04
C PHE A 81 -9.77 -10.29 -0.08
N GLY A 1 14.66 5.20 5.48
CA GLY A 1 13.49 4.31 5.22
C GLY A 1 13.89 2.86 5.09
N SER A 2 12.91 1.97 5.26
CA SER A 2 13.16 0.54 5.17
C SER A 2 13.37 0.11 3.71
N PRO A 3 14.13 -0.98 3.49
CA PRO A 3 14.40 -1.49 2.16
C PRO A 3 13.27 -2.38 1.62
N GLY A 4 12.05 -1.86 1.67
CA GLY A 4 10.92 -2.64 1.17
C GLY A 4 9.57 -2.03 1.57
N PHE A 5 8.45 -2.68 1.16
CA PHE A 5 7.09 -2.22 1.47
C PHE A 5 6.19 -2.37 0.25
N THR A 6 6.60 -3.27 -0.65
CA THR A 6 5.89 -3.59 -1.87
C THR A 6 4.42 -3.98 -1.62
N CYS A 7 3.69 -3.10 -0.92
CA CYS A 7 2.26 -3.33 -0.67
C CYS A 7 2.02 -4.71 -0.07
N CYS A 8 1.91 -4.80 1.27
CA CYS A 8 1.66 -6.09 1.91
C CYS A 8 0.53 -6.81 1.20
N VAL A 9 0.86 -7.34 0.04
CA VAL A 9 -0.09 -8.00 -0.82
C VAL A 9 -0.48 -9.40 -0.35
N PRO A 10 -1.72 -9.55 0.11
CA PRO A 10 -2.24 -10.84 0.51
C PRO A 10 -2.72 -11.61 -0.73
N GLY A 11 -2.87 -10.87 -1.84
CA GLY A 11 -3.31 -11.48 -3.08
C GLY A 11 -3.20 -10.59 -4.33
N CYS A 12 -2.85 -9.30 -4.18
CA CYS A 12 -2.75 -8.43 -5.37
C CYS A 12 -1.44 -8.65 -6.17
N TYR A 13 -0.77 -7.56 -6.58
CA TYR A 13 0.43 -7.68 -7.43
C TYR A 13 1.61 -8.37 -6.71
N ASN A 14 2.48 -7.55 -6.12
CA ASN A 14 3.68 -7.97 -5.41
C ASN A 14 3.61 -7.36 -3.99
N ASN A 15 4.21 -7.96 -2.95
CA ASN A 15 4.00 -7.42 -1.58
C ASN A 15 5.24 -6.76 -0.89
N SER A 16 5.01 -5.90 0.16
CA SER A 16 6.04 -5.21 0.84
C SER A 16 7.27 -6.10 1.11
N HIS A 17 8.32 -5.52 1.71
CA HIS A 17 9.56 -6.22 2.05
C HIS A 17 9.79 -7.48 1.22
N ARG A 18 9.85 -7.37 -0.10
CA ARG A 18 10.06 -8.55 -0.93
C ARG A 18 10.49 -8.21 -2.38
N ASP A 19 9.63 -7.56 -3.17
CA ASP A 19 9.98 -7.27 -4.56
C ASP A 19 10.57 -5.86 -4.79
N LYS A 20 9.81 -4.81 -4.46
CA LYS A 20 10.28 -3.44 -4.65
C LYS A 20 10.68 -3.19 -6.11
N ALA A 21 10.27 -4.09 -7.00
CA ALA A 21 10.61 -4.00 -8.43
C ALA A 21 9.43 -3.63 -9.37
N LEU A 22 8.28 -4.31 -9.28
CA LEU A 22 7.16 -4.02 -10.17
C LEU A 22 6.70 -2.54 -9.99
N HIS A 23 5.47 -2.12 -10.35
CA HIS A 23 5.11 -0.70 -10.23
C HIS A 23 4.30 -0.40 -8.95
N PHE A 24 4.49 0.80 -8.34
CA PHE A 24 3.73 1.12 -7.14
C PHE A 24 3.06 2.52 -7.24
N TYR A 25 1.78 2.64 -6.81
CA TYR A 25 1.05 3.92 -6.84
C TYR A 25 1.38 4.72 -5.58
N THR A 26 1.20 6.06 -5.57
CA THR A 26 1.57 6.85 -4.40
C THR A 26 0.35 7.28 -3.57
N PHE A 27 0.63 7.87 -2.39
CA PHE A 27 -0.41 8.24 -1.43
C PHE A 27 -1.14 9.58 -1.70
N PRO A 28 -2.51 9.62 -1.68
CA PRO A 28 -3.29 10.86 -1.91
C PRO A 28 -2.68 12.07 -1.14
N LYS A 29 -3.21 13.28 -1.38
CA LYS A 29 -2.69 14.47 -0.70
C LYS A 29 -3.41 14.74 0.62
N ASP A 30 -4.57 14.13 0.78
CA ASP A 30 -5.37 14.29 2.00
C ASP A 30 -4.85 13.35 3.09
N ALA A 31 -4.33 13.92 4.19
CA ALA A 31 -3.79 13.12 5.27
C ALA A 31 -4.65 11.87 5.61
N GLU A 32 -5.86 12.03 6.15
CA GLU A 32 -6.69 10.86 6.50
C GLU A 32 -6.87 9.88 5.38
N LEU A 33 -7.48 10.24 4.25
CA LEU A 33 -7.61 9.25 3.21
C LEU A 33 -6.35 8.38 3.18
N ARG A 34 -5.23 9.04 3.39
CA ARG A 34 -3.92 8.38 3.44
C ARG A 34 -3.90 7.29 4.45
N ARG A 35 -4.13 7.66 5.70
CA ARG A 35 -4.14 6.69 6.75
C ARG A 35 -5.11 5.59 6.40
N LEU A 36 -6.21 5.93 5.71
CA LEU A 36 -7.14 4.87 5.33
C LEU A 36 -6.42 3.82 4.52
N TRP A 37 -5.65 4.24 3.55
CA TRP A 37 -4.92 3.29 2.77
C TRP A 37 -3.97 2.53 3.66
N LEU A 38 -3.34 3.23 4.63
CA LEU A 38 -2.43 2.56 5.54
C LEU A 38 -3.01 1.16 5.81
N LYS A 39 -4.32 1.13 6.18
CA LYS A 39 -5.00 -0.10 6.45
C LYS A 39 -4.81 -1.17 5.36
N ASN A 40 -5.23 -0.86 4.15
CA ASN A 40 -5.16 -1.81 3.03
C ASN A 40 -3.74 -2.27 2.75
N VAL A 41 -2.79 -1.42 3.09
CA VAL A 41 -1.39 -1.70 2.81
C VAL A 41 -0.72 -2.66 3.82
N SER A 42 -1.24 -2.77 5.06
CA SER A 42 -0.62 -3.63 6.10
C SER A 42 -0.72 -2.95 7.48
N ARG A 43 0.28 -2.15 7.93
CA ARG A 43 0.19 -1.50 9.23
C ARG A 43 1.15 -0.30 9.27
N ALA A 44 1.12 0.47 10.38
CA ALA A 44 2.00 1.65 10.49
C ALA A 44 3.46 1.24 10.79
N GLY A 45 4.17 0.57 9.84
CA GLY A 45 5.55 0.19 10.10
C GLY A 45 5.69 -0.94 11.11
N VAL A 46 4.59 -1.33 11.72
CA VAL A 46 4.60 -2.40 12.71
C VAL A 46 5.79 -2.26 13.69
N SER A 47 5.88 -1.11 14.39
CA SER A 47 6.95 -0.85 15.35
C SER A 47 8.00 -2.00 15.44
N GLY A 48 7.62 -3.18 15.99
CA GLY A 48 8.59 -4.27 16.09
C GLY A 48 9.30 -4.56 14.78
N CYS A 49 10.26 -5.48 14.82
CA CYS A 49 11.03 -5.84 13.64
C CYS A 49 10.11 -6.45 12.57
N PHE A 50 10.65 -7.38 11.78
CA PHE A 50 9.87 -8.04 10.73
C PHE A 50 9.72 -7.11 9.50
N SER A 51 9.13 -5.91 9.68
CA SER A 51 8.96 -4.99 8.57
C SER A 51 9.60 -3.64 8.86
N THR A 52 9.09 -2.93 9.86
CA THR A 52 9.62 -1.62 10.24
C THR A 52 9.79 -0.73 9.02
N PHE A 53 8.73 -0.59 8.22
CA PHE A 53 8.79 0.23 7.02
C PHE A 53 8.05 1.56 7.21
N GLN A 54 8.33 2.23 8.34
CA GLN A 54 7.73 3.53 8.67
C GLN A 54 6.97 4.13 7.48
N PRO A 55 5.64 4.36 7.60
CA PRO A 55 4.84 4.92 6.51
C PRO A 55 5.25 6.34 6.13
N THR A 56 5.73 7.10 7.11
CA THR A 56 6.17 8.47 6.86
C THR A 56 7.06 8.51 5.60
N THR A 57 7.97 7.52 5.43
CA THR A 57 8.83 7.48 4.27
C THR A 57 8.03 7.62 2.98
N GLY A 58 6.77 7.18 3.00
CA GLY A 58 5.93 7.27 1.82
C GLY A 58 5.46 5.89 1.35
N HIS A 59 4.39 5.32 1.93
CA HIS A 59 3.93 3.99 1.49
C HIS A 59 3.10 4.10 0.22
N ARG A 60 3.47 3.26 -0.75
CA ARG A 60 2.83 3.22 -2.05
C ARG A 60 2.08 1.86 -2.23
N LEU A 61 1.22 1.72 -3.26
CA LEU A 61 0.42 0.48 -3.46
C LEU A 61 0.74 -0.24 -4.81
N CYS A 62 0.41 -1.57 -4.98
CA CYS A 62 0.75 -2.28 -6.23
C CYS A 62 -0.44 -2.47 -7.22
N SER A 63 -0.07 -2.62 -8.50
CA SER A 63 -0.93 -2.72 -9.67
C SER A 63 -2.35 -3.30 -9.51
N VAL A 64 -2.38 -4.62 -9.59
CA VAL A 64 -3.58 -5.46 -9.66
C VAL A 64 -4.69 -5.31 -8.61
N HIS A 65 -4.86 -4.14 -8.03
CA HIS A 65 -5.94 -3.95 -7.02
C HIS A 65 -7.22 -3.33 -7.61
N PHE A 66 -7.11 -2.16 -8.27
CA PHE A 66 -8.29 -1.50 -8.81
C PHE A 66 -8.86 -2.35 -9.94
N GLN A 67 -10.06 -2.01 -10.44
CA GLN A 67 -10.63 -2.79 -11.53
C GLN A 67 -10.10 -2.19 -12.87
N GLY A 68 -9.92 -2.98 -13.97
CA GLY A 68 -9.41 -2.41 -15.23
C GLY A 68 -8.81 -0.98 -15.11
N GLY A 69 -7.57 -0.83 -14.58
CA GLY A 69 -6.93 0.49 -14.45
C GLY A 69 -7.86 1.69 -14.51
N ARG A 70 -7.95 2.44 -13.42
CA ARG A 70 -8.80 3.63 -13.35
C ARG A 70 -9.03 4.00 -11.89
N LYS A 71 -9.29 2.99 -11.08
CA LYS A 71 -9.52 3.19 -9.65
C LYS A 71 -10.72 4.09 -9.40
N THR A 72 -11.92 3.57 -9.70
CA THR A 72 -13.15 4.33 -9.50
C THR A 72 -14.37 3.52 -9.91
N TYR A 73 -15.53 4.17 -9.89
CA TYR A 73 -16.81 3.53 -10.26
C TYR A 73 -17.43 2.77 -9.08
N THR A 74 -16.64 2.53 -8.03
CA THR A 74 -17.14 1.81 -6.86
C THR A 74 -16.07 1.69 -5.78
N VAL A 75 -14.86 1.36 -6.21
CA VAL A 75 -13.75 1.17 -5.28
C VAL A 75 -12.98 2.46 -5.01
N ARG A 76 -12.83 2.80 -3.73
CA ARG A 76 -12.10 4.01 -3.36
C ARG A 76 -10.74 3.67 -2.74
N VAL A 77 -10.70 2.63 -1.91
CA VAL A 77 -9.46 2.21 -1.27
C VAL A 77 -9.04 0.83 -1.78
N PRO A 78 -7.79 0.67 -2.27
CA PRO A 78 -7.28 -0.61 -2.83
C PRO A 78 -7.37 -1.85 -2.02
N THR A 79 -8.47 -2.14 -1.33
CA THR A 79 -8.43 -3.42 -0.69
C THR A 79 -9.27 -4.39 -1.51
N ILE A 80 -8.56 -5.31 -2.17
CA ILE A 80 -9.16 -6.40 -2.91
C ILE A 80 -8.53 -7.67 -2.36
N PHE A 81 -9.16 -8.37 -1.43
CA PHE A 81 -8.56 -9.58 -0.88
C PHE A 81 -9.61 -10.46 -0.23
N GLY A 1 19.86 -1.10 2.38
CA GLY A 1 19.77 -0.80 0.93
C GLY A 1 18.37 -0.97 0.38
N SER A 2 17.59 -1.84 1.03
CA SER A 2 16.22 -2.10 0.61
C SER A 2 15.35 -2.54 1.78
N PRO A 3 14.82 -1.57 2.54
CA PRO A 3 13.98 -1.87 3.71
C PRO A 3 12.55 -2.27 3.31
N GLY A 4 12.28 -2.28 2.01
CA GLY A 4 10.95 -2.65 1.54
C GLY A 4 9.83 -1.88 2.24
N PHE A 5 8.56 -2.21 1.94
CA PHE A 5 7.43 -1.50 2.56
C PHE A 5 6.25 -2.43 2.93
N THR A 6 5.98 -3.44 2.11
CA THR A 6 4.87 -4.37 2.34
C THR A 6 3.53 -3.75 1.92
N CYS A 7 2.98 -4.21 0.78
CA CYS A 7 1.69 -3.70 0.29
C CYS A 7 0.56 -4.43 0.98
N CYS A 8 0.89 -5.26 1.98
CA CYS A 8 -0.14 -6.03 2.64
C CYS A 8 -0.83 -6.83 1.54
N VAL A 9 -0.01 -7.15 0.54
CA VAL A 9 -0.40 -7.89 -0.65
C VAL A 9 -0.61 -9.36 -0.34
N PRO A 10 -1.88 -9.79 -0.22
CA PRO A 10 -2.22 -11.17 0.06
C PRO A 10 -2.17 -12.00 -1.20
N GLY A 11 -2.38 -11.33 -2.32
CA GLY A 11 -2.36 -12.01 -3.59
C GLY A 11 -2.35 -11.07 -4.78
N CYS A 12 -2.08 -9.77 -4.58
CA CYS A 12 -2.08 -8.86 -5.73
C CYS A 12 -0.92 -9.24 -6.68
N TYR A 13 -0.28 -8.24 -7.29
CA TYR A 13 0.77 -8.52 -8.26
C TYR A 13 2.18 -8.46 -7.66
N ASN A 14 2.43 -7.36 -6.99
CA ASN A 14 3.71 -7.05 -6.40
C ASN A 14 3.60 -6.78 -4.89
N ASN A 15 4.67 -6.92 -4.10
CA ASN A 15 4.56 -6.64 -2.68
C ASN A 15 5.32 -5.33 -2.40
N SER A 16 5.08 -4.65 -1.26
CA SER A 16 5.75 -3.40 -1.01
C SER A 16 7.13 -3.60 -0.32
N HIS A 17 7.53 -4.87 0.01
CA HIS A 17 8.81 -5.14 0.67
C HIS A 17 9.36 -6.53 0.30
N ARG A 18 9.51 -6.80 -1.00
CA ARG A 18 10.04 -8.10 -1.44
C ARG A 18 10.31 -8.13 -2.95
N ASP A 19 10.20 -6.99 -3.61
CA ASP A 19 10.44 -6.88 -5.05
C ASP A 19 10.81 -5.47 -5.43
N LYS A 20 9.82 -4.59 -5.42
CA LYS A 20 10.03 -3.19 -5.77
C LYS A 20 10.43 -3.03 -7.24
N ALA A 21 10.28 -4.10 -8.03
CA ALA A 21 10.61 -4.04 -9.45
C ALA A 21 9.36 -4.05 -10.36
N LEU A 22 8.16 -3.76 -9.80
CA LEU A 22 6.94 -3.77 -10.60
C LEU A 22 6.31 -2.30 -10.66
N HIS A 23 5.03 -2.01 -10.28
CA HIS A 23 4.52 -0.64 -10.37
C HIS A 23 4.02 -0.16 -8.99
N PHE A 24 4.25 1.11 -8.62
CA PHE A 24 3.78 1.57 -7.31
C PHE A 24 2.97 2.90 -7.40
N TYR A 25 1.70 2.95 -6.91
CA TYR A 25 0.90 4.18 -6.93
C TYR A 25 1.21 5.03 -5.67
N THR A 26 0.99 6.36 -5.70
CA THR A 26 1.27 7.22 -4.54
C THR A 26 -0.03 7.62 -3.83
N PHE A 27 0.07 8.29 -2.67
CA PHE A 27 -1.11 8.61 -1.87
C PHE A 27 -1.80 9.98 -2.10
N PRO A 28 -3.16 10.05 -1.97
CA PRO A 28 -3.94 11.30 -2.08
C PRO A 28 -3.27 12.49 -1.36
N LYS A 29 -3.85 13.69 -1.51
CA LYS A 29 -3.30 14.90 -0.87
C LYS A 29 -3.75 15.02 0.58
N ASP A 30 -4.88 14.43 0.88
CA ASP A 30 -5.46 14.48 2.23
C ASP A 30 -4.79 13.42 3.13
N ALA A 31 -4.07 13.88 4.16
CA ALA A 31 -3.37 13.00 5.07
C ALA A 31 -4.22 11.76 5.50
N GLU A 32 -5.32 11.93 6.25
CA GLU A 32 -6.14 10.77 6.69
C GLU A 32 -6.51 9.84 5.58
N LEU A 33 -7.25 10.26 4.55
CA LEU A 33 -7.55 9.31 3.50
C LEU A 33 -6.33 8.42 3.26
N ARG A 34 -5.18 9.05 3.35
CA ARG A 34 -3.90 8.36 3.17
C ARG A 34 -3.78 7.21 4.13
N ARG A 35 -3.84 7.53 5.41
CA ARG A 35 -3.73 6.51 6.40
C ARG A 35 -4.78 5.47 6.14
N LEU A 36 -5.95 5.88 5.64
CA LEU A 36 -6.98 4.88 5.34
C LEU A 36 -6.38 3.78 4.49
N TRP A 37 -5.70 4.18 3.43
CA TRP A 37 -5.06 3.21 2.58
C TRP A 37 -4.12 2.35 3.39
N LEU A 38 -3.27 3.01 4.22
CA LEU A 38 -2.34 2.29 5.05
C LEU A 38 -3.01 1.02 5.55
N LYS A 39 -4.23 1.15 6.13
CA LYS A 39 -4.93 0.01 6.65
C LYS A 39 -4.90 -1.20 5.72
N ASN A 40 -5.58 -1.13 4.59
CA ASN A 40 -5.62 -2.28 3.67
C ASN A 40 -4.27 -2.55 3.02
N VAL A 41 -3.50 -1.52 2.92
CA VAL A 41 -2.22 -1.54 2.29
C VAL A 41 -1.08 -2.07 3.13
N SER A 42 -1.18 -2.12 4.48
CA SER A 42 -0.04 -2.60 5.29
C SER A 42 -0.07 -1.99 6.72
N ARG A 43 0.49 -0.77 7.00
CA ARG A 43 0.44 -0.21 8.35
C ARG A 43 0.91 -1.22 9.39
N ALA A 44 2.02 -1.90 9.07
CA ALA A 44 2.63 -2.92 9.94
C ALA A 44 1.98 -3.03 11.34
N GLY A 45 0.74 -3.57 11.44
CA GLY A 45 0.11 -3.69 12.75
C GLY A 45 -0.10 -5.14 13.14
N VAL A 46 0.81 -6.00 12.71
CA VAL A 46 0.72 -7.43 13.02
C VAL A 46 2.03 -8.14 12.68
N SER A 47 3.15 -7.61 13.19
CA SER A 47 4.46 -8.21 12.94
C SER A 47 5.49 -7.71 13.98
N GLY A 48 5.73 -6.36 14.08
CA GLY A 48 6.70 -5.88 15.05
C GLY A 48 8.13 -5.97 14.54
N CYS A 49 8.84 -4.86 14.59
CA CYS A 49 10.22 -4.80 14.14
C CYS A 49 10.85 -3.44 14.45
N PHE A 50 12.04 -3.21 13.90
CA PHE A 50 12.74 -1.95 14.12
C PHE A 50 11.89 -0.76 13.64
N SER A 51 11.54 -0.71 12.34
CA SER A 51 10.74 0.39 11.81
C SER A 51 9.41 -0.10 11.25
N THR A 52 9.28 -1.40 11.05
CA THR A 52 8.05 -1.98 10.50
C THR A 52 7.68 -1.29 9.19
N PHE A 53 8.71 -0.97 8.41
CA PHE A 53 8.55 -0.30 7.11
C PHE A 53 7.67 0.95 7.22
N GLN A 54 7.48 1.47 8.44
CA GLN A 54 6.66 2.67 8.70
C GLN A 54 6.28 3.43 7.42
N PRO A 55 4.98 3.77 7.25
CA PRO A 55 4.50 4.51 6.07
C PRO A 55 5.00 5.95 6.06
N THR A 56 5.45 6.43 7.22
CA THR A 56 5.97 7.79 7.33
C THR A 56 6.97 8.05 6.20
N THR A 57 7.90 7.09 5.94
CA THR A 57 8.87 7.25 4.89
C THR A 57 8.18 7.48 3.55
N GLY A 58 6.95 6.99 3.42
CA GLY A 58 6.21 7.16 2.19
C GLY A 58 5.69 5.85 1.59
N HIS A 59 4.60 5.26 2.13
CA HIS A 59 4.10 4.00 1.58
C HIS A 59 3.27 4.28 0.33
N ARG A 60 3.54 3.47 -0.69
CA ARG A 60 2.93 3.55 -2.02
C ARG A 60 2.03 2.30 -2.24
N LEU A 61 1.27 2.23 -3.35
CA LEU A 61 0.35 1.12 -3.59
C LEU A 61 0.84 0.24 -4.79
N CYS A 62 0.41 -1.05 -4.90
CA CYS A 62 0.90 -1.90 -5.97
C CYS A 62 -0.22 -2.31 -7.00
N SER A 63 0.18 -3.04 -8.05
CA SER A 63 -0.62 -3.38 -9.22
C SER A 63 -2.08 -3.88 -9.12
N VAL A 64 -2.18 -5.15 -9.41
CA VAL A 64 -3.45 -5.90 -9.63
C VAL A 64 -4.60 -5.81 -8.61
N HIS A 65 -4.67 -4.78 -7.82
CA HIS A 65 -5.79 -4.67 -6.85
C HIS A 65 -6.95 -3.84 -7.41
N PHE A 66 -6.70 -2.60 -7.85
CA PHE A 66 -7.74 -1.74 -8.41
C PHE A 66 -8.67 -2.54 -9.35
N GLN A 67 -9.85 -2.00 -9.70
CA GLN A 67 -10.74 -2.69 -10.63
C GLN A 67 -10.48 -2.12 -12.06
N GLY A 68 -9.81 -2.82 -13.02
CA GLY A 68 -9.58 -2.21 -14.30
C GLY A 68 -8.55 -1.07 -14.22
N GLY A 69 -8.91 0.07 -13.60
CA GLY A 69 -7.96 1.17 -13.48
C GLY A 69 -8.56 2.51 -13.86
N ARG A 70 -8.27 3.55 -13.06
CA ARG A 70 -8.76 4.92 -13.29
C ARG A 70 -9.36 5.49 -12.02
N LYS A 71 -9.81 4.63 -11.11
CA LYS A 71 -10.39 5.07 -9.86
C LYS A 71 -11.61 5.96 -10.11
N THR A 72 -12.73 5.35 -10.46
CA THR A 72 -13.96 6.07 -10.73
C THR A 72 -14.48 6.76 -9.48
N TYR A 73 -15.68 7.32 -9.56
CA TYR A 73 -16.30 8.01 -8.44
C TYR A 73 -17.10 7.04 -7.58
N THR A 74 -16.48 5.91 -7.23
CA THR A 74 -17.14 4.91 -6.40
C THR A 74 -16.10 4.10 -5.62
N VAL A 75 -15.00 3.77 -6.27
CA VAL A 75 -13.93 3.02 -5.64
C VAL A 75 -13.06 3.97 -4.78
N ARG A 76 -13.37 4.08 -3.48
CA ARG A 76 -12.61 4.97 -2.61
C ARG A 76 -11.32 4.34 -2.10
N VAL A 77 -11.39 3.07 -1.67
CA VAL A 77 -10.20 2.39 -1.16
C VAL A 77 -10.00 1.04 -1.89
N PRO A 78 -8.80 0.80 -2.48
CA PRO A 78 -8.50 -0.45 -3.21
C PRO A 78 -8.68 -1.72 -2.44
N THR A 79 -9.89 -2.13 -2.08
CA THR A 79 -9.89 -3.41 -1.45
C THR A 79 -10.45 -4.46 -2.38
N ILE A 80 -9.51 -5.27 -2.86
CA ILE A 80 -9.78 -6.45 -3.67
C ILE A 80 -9.04 -7.66 -3.10
N PHE A 81 -9.66 -8.52 -2.30
CA PHE A 81 -8.95 -9.71 -1.78
C PHE A 81 -9.92 -10.62 -1.04
N GLY A 1 19.24 0.77 -4.00
CA GLY A 1 17.82 0.30 -4.00
C GLY A 1 17.03 0.80 -2.81
N SER A 2 15.79 0.35 -2.70
CA SER A 2 14.93 0.76 -1.59
C SER A 2 14.84 -0.33 -0.53
N PRO A 3 14.58 0.05 0.72
CA PRO A 3 14.48 -0.89 1.84
C PRO A 3 13.15 -1.63 1.87
N GLY A 4 12.29 -1.35 0.90
CA GLY A 4 10.99 -2.01 0.84
C GLY A 4 10.04 -1.50 1.93
N PHE A 5 8.79 -2.03 1.97
CA PHE A 5 7.83 -1.58 2.98
C PHE A 5 6.72 -2.63 3.27
N THR A 6 6.27 -3.31 2.23
CA THR A 6 5.21 -4.34 2.33
C THR A 6 3.79 -3.77 2.12
N CYS A 7 3.18 -4.08 0.95
CA CYS A 7 1.82 -3.62 0.64
C CYS A 7 0.84 -4.47 1.43
N CYS A 8 1.35 -5.43 2.20
CA CYS A 8 0.47 -6.32 2.91
C CYS A 8 -0.27 -7.13 1.83
N VAL A 9 0.51 -7.40 0.77
CA VAL A 9 0.04 -8.11 -0.42
C VAL A 9 -0.11 -9.61 -0.14
N PRO A 10 -1.36 -10.07 0.06
CA PRO A 10 -1.65 -11.48 0.32
C PRO A 10 -1.61 -12.27 -0.97
N GLY A 11 -2.18 -11.68 -2.01
CA GLY A 11 -2.22 -12.29 -3.32
C GLY A 11 -2.18 -11.26 -4.42
N CYS A 12 -1.91 -10.00 -4.05
CA CYS A 12 -1.84 -8.92 -5.03
C CYS A 12 -0.77 -9.21 -6.08
N TYR A 13 -0.43 -8.22 -6.88
CA TYR A 13 0.55 -8.38 -7.92
C TYR A 13 1.97 -8.54 -7.37
N ASN A 14 2.40 -7.45 -6.79
CA ASN A 14 3.73 -7.24 -6.25
C ASN A 14 3.68 -6.78 -4.77
N ASN A 15 4.78 -6.89 -4.01
CA ASN A 15 4.72 -6.50 -2.60
C ASN A 15 5.43 -5.13 -2.37
N SER A 16 5.20 -4.44 -1.22
CA SER A 16 5.80 -3.13 -0.99
C SER A 16 7.25 -3.26 -0.47
N HIS A 17 7.75 -4.49 -0.22
CA HIS A 17 9.12 -4.69 0.28
C HIS A 17 9.75 -5.99 -0.26
N ARG A 18 9.00 -6.75 -1.06
CA ARG A 18 9.50 -8.02 -1.59
C ARG A 18 9.56 -8.02 -3.10
N ASP A 19 9.85 -6.85 -3.65
CA ASP A 19 9.97 -6.67 -5.10
C ASP A 19 10.49 -5.27 -5.43
N LYS A 20 9.68 -4.26 -5.17
CA LYS A 20 10.07 -2.86 -5.42
C LYS A 20 10.37 -2.60 -6.91
N ALA A 21 9.97 -3.54 -7.75
CA ALA A 21 10.20 -3.44 -9.21
C ALA A 21 8.91 -3.19 -10.04
N LEU A 22 7.84 -3.98 -9.84
CA LEU A 22 6.58 -3.84 -10.60
C LEU A 22 6.04 -2.36 -10.49
N HIS A 23 4.73 -2.07 -10.60
CA HIS A 23 4.26 -0.69 -10.54
C HIS A 23 3.76 -0.30 -9.13
N PHE A 24 3.99 0.95 -8.70
CA PHE A 24 3.55 1.37 -7.36
C PHE A 24 2.74 2.70 -7.40
N TYR A 25 1.54 2.76 -6.80
CA TYR A 25 0.76 4.01 -6.76
C TYR A 25 1.22 4.85 -5.56
N THR A 26 1.04 6.19 -5.58
CA THR A 26 1.49 7.03 -4.47
C THR A 26 0.30 7.47 -3.61
N PHE A 27 0.58 8.12 -2.48
CA PHE A 27 -0.46 8.49 -1.52
C PHE A 27 -1.14 9.87 -1.72
N PRO A 28 -2.50 9.94 -1.67
CA PRO A 28 -3.26 11.21 -1.80
C PRO A 28 -2.61 12.35 -1.00
N LYS A 29 -3.12 13.58 -1.15
CA LYS A 29 -2.55 14.73 -0.43
C LYS A 29 -3.21 14.91 0.94
N ASP A 30 -4.39 14.33 1.10
CA ASP A 30 -5.12 14.42 2.36
C ASP A 30 -4.59 13.37 3.34
N ALA A 31 -3.99 13.82 4.45
CA ALA A 31 -3.43 12.90 5.42
C ALA A 31 -4.36 11.68 5.73
N GLU A 32 -5.53 11.87 6.36
CA GLU A 32 -6.40 10.71 6.68
C GLU A 32 -6.66 9.80 5.51
N LEU A 33 -7.28 10.25 4.41
CA LEU A 33 -7.48 9.32 3.32
C LEU A 33 -6.26 8.41 3.20
N ARG A 34 -5.11 9.02 3.40
CA ARG A 34 -3.83 8.31 3.35
C ARG A 34 -3.80 7.17 4.32
N ARG A 35 -3.99 7.47 5.58
CA ARG A 35 -3.99 6.44 6.58
C ARG A 35 -4.99 5.40 6.18
N LEU A 36 -6.09 5.81 5.56
CA LEU A 36 -7.06 4.80 5.14
C LEU A 36 -6.40 3.80 4.20
N TRP A 37 -5.69 4.29 3.21
CA TRP A 37 -5.00 3.39 2.33
C TRP A 37 -4.03 2.54 3.12
N LEU A 38 -3.34 3.15 4.13
CA LEU A 38 -2.41 2.41 4.94
C LEU A 38 -3.00 1.01 5.14
N LYS A 39 -4.27 0.97 5.62
CA LYS A 39 -4.95 -0.28 5.82
C LYS A 39 -4.74 -1.29 4.69
N ASN A 40 -5.24 -0.98 3.49
CA ASN A 40 -5.12 -1.91 2.36
C ASN A 40 -3.69 -2.29 2.05
N VAL A 41 -2.82 -1.32 2.11
CA VAL A 41 -1.41 -1.52 1.79
C VAL A 41 -0.57 -2.14 2.89
N SER A 42 -0.99 -2.07 4.15
CA SER A 42 -0.12 -2.58 5.22
C SER A 42 -0.48 -1.88 6.57
N ARG A 43 0.20 -0.75 6.98
CA ARG A 43 -0.17 -0.05 8.23
C ARG A 43 0.67 -0.49 9.43
N ALA A 44 1.99 -0.25 9.39
CA ALA A 44 2.86 -0.62 10.51
C ALA A 44 2.49 0.18 11.78
N GLY A 45 1.32 -0.10 12.41
CA GLY A 45 0.91 0.64 13.59
C GLY A 45 1.99 0.72 14.67
N VAL A 46 2.49 -0.43 15.09
CA VAL A 46 3.51 -0.49 16.13
C VAL A 46 3.84 -1.95 16.51
N SER A 47 4.34 -2.74 15.56
CA SER A 47 4.66 -4.13 15.87
C SER A 47 5.89 -4.62 15.06
N GLY A 48 5.99 -4.30 13.73
CA GLY A 48 7.13 -4.77 12.96
C GLY A 48 8.48 -4.47 13.61
N CYS A 49 9.56 -4.74 12.88
CA CYS A 49 10.91 -4.52 13.37
C CYS A 49 11.13 -3.07 13.79
N PHE A 50 12.40 -2.70 13.97
CA PHE A 50 12.81 -1.35 14.39
C PHE A 50 11.76 -0.28 14.01
N SER A 51 11.65 0.08 12.72
CA SER A 51 10.68 1.09 12.30
C SER A 51 9.50 0.45 11.57
N THR A 52 9.55 -0.86 11.39
CA THR A 52 8.48 -1.59 10.71
C THR A 52 8.01 -0.86 9.45
N PHE A 53 8.95 -0.51 8.57
CA PHE A 53 8.63 0.20 7.34
C PHE A 53 7.66 1.36 7.57
N GLN A 54 7.69 1.93 8.79
CA GLN A 54 6.82 3.06 9.15
C GLN A 54 6.30 3.83 7.93
N PRO A 55 5.00 4.16 7.90
CA PRO A 55 4.39 4.89 6.77
C PRO A 55 4.90 6.32 6.66
N THR A 56 5.39 6.87 7.77
CA THR A 56 5.91 8.24 7.77
C THR A 56 6.82 8.46 6.56
N THR A 57 7.66 7.45 6.19
CA THR A 57 8.54 7.59 5.04
C THR A 57 7.75 7.80 3.76
N GLY A 58 6.59 7.15 3.66
CA GLY A 58 5.78 7.28 2.46
C GLY A 58 5.38 5.93 1.85
N HIS A 59 4.27 5.29 2.30
CA HIS A 59 3.89 4.00 1.72
C HIS A 59 3.16 4.20 0.39
N ARG A 60 3.40 3.26 -0.51
CA ARG A 60 2.82 3.26 -1.85
C ARG A 60 1.84 2.08 -1.99
N LEU A 61 1.06 2.03 -3.08
CA LEU A 61 0.06 0.98 -3.31
C LEU A 61 0.46 0.16 -4.56
N CYS A 62 0.01 -1.10 -4.77
CA CYS A 62 0.46 -1.83 -5.96
C CYS A 62 -0.70 -2.29 -6.91
N SER A 63 -0.30 -2.68 -8.14
CA SER A 63 -1.12 -3.08 -9.28
C SER A 63 -2.54 -3.57 -9.07
N VAL A 64 -2.63 -4.83 -8.76
CA VAL A 64 -3.92 -5.56 -8.71
C VAL A 64 -4.86 -5.30 -7.53
N HIS A 65 -4.93 -4.08 -7.00
CA HIS A 65 -5.86 -3.81 -5.89
C HIS A 65 -6.91 -2.80 -6.29
N PHE A 66 -7.27 -2.73 -7.57
CA PHE A 66 -8.28 -1.77 -8.01
C PHE A 66 -9.45 -2.47 -8.72
N GLN A 67 -10.61 -1.80 -8.90
CA GLN A 67 -11.74 -2.42 -9.58
C GLN A 67 -11.84 -1.80 -11.01
N GLY A 68 -12.34 -2.52 -12.06
CA GLY A 68 -12.43 -1.94 -13.40
C GLY A 68 -12.49 -0.42 -13.44
N GLY A 69 -11.36 0.28 -13.20
CA GLY A 69 -11.37 1.73 -13.22
C GLY A 69 -10.11 2.32 -12.61
N ARG A 70 -9.96 3.65 -12.70
CA ARG A 70 -8.80 4.34 -12.16
C ARG A 70 -9.25 5.51 -11.29
N LYS A 71 -10.20 5.25 -10.40
CA LYS A 71 -10.72 6.27 -9.50
C LYS A 71 -11.55 7.32 -10.24
N THR A 72 -12.86 7.22 -10.08
CA THR A 72 -13.80 8.15 -10.70
C THR A 72 -14.88 8.52 -9.67
N TYR A 73 -15.42 7.48 -9.05
CA TYR A 73 -16.43 7.61 -8.03
C TYR A 73 -16.70 6.23 -7.43
N THR A 74 -17.49 6.13 -6.34
CA THR A 74 -17.77 4.83 -5.73
C THR A 74 -16.51 4.18 -5.14
N VAL A 75 -15.45 4.08 -5.96
CA VAL A 75 -14.20 3.48 -5.53
C VAL A 75 -13.38 4.50 -4.71
N ARG A 76 -13.51 4.47 -3.37
CA ARG A 76 -12.77 5.39 -2.53
C ARG A 76 -11.45 4.78 -2.06
N VAL A 77 -11.51 3.55 -1.55
CA VAL A 77 -10.31 2.86 -1.08
C VAL A 77 -10.24 1.44 -1.62
N PRO A 78 -9.13 1.06 -2.28
CA PRO A 78 -8.95 -0.28 -2.86
C PRO A 78 -9.01 -1.44 -1.90
N THR A 79 -10.15 -1.80 -1.34
CA THR A 79 -10.05 -2.97 -0.52
C THR A 79 -10.61 -4.15 -1.29
N ILE A 80 -9.65 -4.95 -1.71
CA ILE A 80 -9.81 -6.23 -2.37
C ILE A 80 -8.95 -7.18 -1.55
N PHE A 81 -9.29 -8.44 -1.33
CA PHE A 81 -8.41 -9.31 -0.51
C PHE A 81 -8.32 -8.80 0.92
N GLY A 1 18.11 -2.72 3.34
CA GLY A 1 17.22 -2.36 4.47
C GLY A 1 15.85 -2.99 4.36
N SER A 2 14.87 -2.20 3.92
CA SER A 2 13.50 -2.69 3.76
C SER A 2 12.70 -1.78 2.83
N PRO A 3 13.21 -1.53 1.61
CA PRO A 3 12.54 -0.68 0.63
C PRO A 3 11.40 -1.39 -0.08
N GLY A 4 10.46 -1.91 0.71
CA GLY A 4 9.31 -2.62 0.15
C GLY A 4 8.11 -2.58 1.09
N PHE A 5 6.99 -3.21 0.71
CA PHE A 5 5.81 -3.23 1.58
C PHE A 5 4.65 -3.96 0.90
N THR A 6 3.70 -4.48 1.69
CA THR A 6 2.61 -5.27 1.15
C THR A 6 1.75 -4.52 0.16
N CYS A 7 1.97 -3.22 -0.01
CA CYS A 7 1.13 -2.45 -0.92
C CYS A 7 -0.32 -2.89 -0.74
N CYS A 8 -0.62 -3.43 0.44
CA CYS A 8 -1.95 -3.92 0.69
C CYS A 8 -2.19 -5.15 -0.20
N VAL A 9 -1.22 -6.09 -0.14
CA VAL A 9 -1.29 -7.28 -0.96
C VAL A 9 -1.48 -8.58 -0.18
N PRO A 10 -2.73 -9.04 -0.11
CA PRO A 10 -3.06 -10.33 0.48
C PRO A 10 -2.83 -11.40 -0.59
N GLY A 11 -2.61 -10.91 -1.83
CA GLY A 11 -2.38 -11.73 -2.99
C GLY A 11 -2.47 -10.87 -4.25
N CYS A 12 -1.35 -10.24 -4.62
CA CYS A 12 -1.30 -9.34 -5.78
C CYS A 12 -0.14 -9.70 -6.69
N TYR A 13 0.48 -8.69 -7.31
CA TYR A 13 1.58 -8.91 -8.22
C TYR A 13 2.95 -8.71 -7.57
N ASN A 14 2.91 -7.99 -6.49
CA ASN A 14 4.09 -7.55 -5.77
C ASN A 14 4.06 -7.93 -4.28
N ASN A 15 5.23 -8.08 -3.59
CA ASN A 15 5.19 -8.45 -2.17
C ASN A 15 5.63 -7.25 -1.29
N SER A 16 5.40 -7.30 0.05
CA SER A 16 5.73 -6.22 0.94
C SER A 16 7.25 -6.01 1.02
N HIS A 17 7.86 -6.42 2.12
CA HIS A 17 9.30 -6.25 2.29
C HIS A 17 10.07 -7.46 1.79
N ARG A 18 9.77 -7.93 0.58
CA ARG A 18 10.47 -9.08 0.02
C ARG A 18 10.90 -8.86 -1.43
N ASP A 19 10.59 -7.69 -2.02
CA ASP A 19 10.99 -7.43 -3.41
C ASP A 19 11.71 -6.09 -3.59
N LYS A 20 10.98 -4.99 -3.48
CA LYS A 20 11.58 -3.66 -3.67
C LYS A 20 11.94 -3.43 -5.14
N ALA A 21 11.00 -3.71 -6.04
CA ALA A 21 11.25 -3.52 -7.49
C ALA A 21 9.97 -3.32 -8.36
N LEU A 22 8.98 -4.26 -8.34
CA LEU A 22 7.75 -4.13 -9.16
C LEU A 22 7.14 -2.69 -9.09
N HIS A 23 5.85 -2.46 -9.46
CA HIS A 23 5.29 -1.11 -9.51
C HIS A 23 4.43 -0.72 -8.27
N PHE A 24 4.66 0.46 -7.64
CA PHE A 24 3.82 0.91 -6.51
C PHE A 24 3.31 2.38 -6.78
N TYR A 25 1.98 2.66 -6.65
CA TYR A 25 1.35 3.98 -6.85
C TYR A 25 1.45 4.82 -5.56
N THR A 26 1.39 6.17 -5.63
CA THR A 26 1.53 6.97 -4.40
C THR A 26 0.17 7.49 -3.88
N PHE A 27 0.20 8.13 -2.70
CA PHE A 27 -1.03 8.51 -1.99
C PHE A 27 -1.65 9.91 -2.23
N PRO A 28 -3.03 9.99 -2.11
CA PRO A 28 -3.78 11.26 -2.22
C PRO A 28 -3.10 12.43 -1.48
N LYS A 29 -3.63 13.64 -1.62
CA LYS A 29 -3.05 14.80 -0.95
C LYS A 29 -3.65 14.99 0.44
N ASP A 30 -4.79 14.36 0.68
CA ASP A 30 -5.46 14.45 1.98
C ASP A 30 -4.85 13.45 2.96
N ALA A 31 -4.20 13.96 4.02
CA ALA A 31 -3.55 13.10 5.01
C ALA A 31 -4.41 11.87 5.42
N GLU A 32 -5.56 12.06 6.09
CA GLU A 32 -6.38 10.91 6.52
C GLU A 32 -6.68 9.94 5.41
N LEU A 33 -7.39 10.33 4.35
CA LEU A 33 -7.63 9.36 3.31
C LEU A 33 -6.39 8.48 3.14
N ARG A 34 -5.25 9.12 3.27
CA ARG A 34 -3.96 8.46 3.14
C ARG A 34 -3.84 7.35 4.16
N ARG A 35 -3.96 7.71 5.42
CA ARG A 35 -3.88 6.74 6.47
C ARG A 35 -4.86 5.62 6.20
N LEU A 36 -6.00 5.97 5.60
CA LEU A 36 -6.97 4.89 5.31
C LEU A 36 -6.29 3.80 4.51
N TRP A 37 -5.60 4.20 3.45
CA TRP A 37 -4.88 3.23 2.66
C TRP A 37 -3.93 2.44 3.56
N LEU A 38 -3.22 3.15 4.48
CA LEU A 38 -2.30 2.49 5.41
C LEU A 38 -2.86 1.15 5.88
N LYS A 39 -4.13 1.16 6.32
CA LYS A 39 -4.77 -0.03 6.79
C LYS A 39 -4.69 -1.20 5.81
N ASN A 40 -5.17 -0.96 4.60
CA ASN A 40 -5.24 -1.98 3.58
C ASN A 40 -3.93 -2.73 3.34
N VAL A 41 -2.79 -2.11 3.64
CA VAL A 41 -1.53 -2.78 3.31
C VAL A 41 -1.05 -3.86 4.24
N SER A 42 -1.41 -3.85 5.52
CA SER A 42 -0.92 -4.94 6.40
C SER A 42 -0.94 -4.54 7.90
N ARG A 43 0.20 -4.09 8.51
CA ARG A 43 0.19 -3.73 9.93
C ARG A 43 0.09 -4.99 10.79
N ALA A 44 -1.02 -5.71 10.66
CA ALA A 44 -1.25 -6.93 11.43
C ALA A 44 -0.21 -8.02 11.10
N GLY A 45 1.08 -7.83 11.48
CA GLY A 45 2.09 -8.82 11.18
C GLY A 45 1.82 -10.16 11.87
N VAL A 46 0.94 -10.16 12.85
CA VAL A 46 0.60 -11.37 13.57
C VAL A 46 1.84 -11.95 14.26
N SER A 47 2.80 -11.09 14.57
CA SER A 47 4.03 -11.52 15.21
C SER A 47 4.92 -10.31 15.55
N GLY A 48 5.37 -9.51 14.54
CA GLY A 48 6.20 -8.37 14.85
C GLY A 48 5.46 -7.05 14.71
N CYS A 49 5.43 -6.28 15.80
CA CYS A 49 4.74 -5.00 15.81
C CYS A 49 5.62 -3.92 16.45
N PHE A 50 4.99 -2.81 16.84
CA PHE A 50 5.71 -1.70 17.48
C PHE A 50 6.52 -0.92 16.42
N SER A 51 7.51 -1.57 15.78
CA SER A 51 8.32 -0.89 14.77
C SER A 51 7.94 -1.35 13.37
N THR A 52 6.64 -1.37 13.09
CA THR A 52 6.13 -1.78 11.79
C THR A 52 6.64 -0.84 10.68
N PHE A 53 6.28 -1.11 9.42
CA PHE A 53 6.72 -0.28 8.31
C PHE A 53 5.75 0.87 8.07
N GLN A 54 5.25 1.47 9.14
CA GLN A 54 4.29 2.58 9.06
C GLN A 54 4.26 3.20 7.66
N PRO A 55 3.12 3.10 6.94
CA PRO A 55 3.00 3.63 5.57
C PRO A 55 3.21 5.14 5.50
N THR A 56 3.19 5.80 6.65
CA THR A 56 3.39 7.24 6.70
C THR A 56 4.70 7.61 5.98
N THR A 57 5.80 6.85 6.24
CA THR A 57 7.08 7.12 5.61
C THR A 57 6.94 7.30 4.10
N GLY A 58 6.35 6.32 3.42
CA GLY A 58 6.18 6.41 1.99
C GLY A 58 5.65 5.13 1.37
N HIS A 59 4.48 4.66 1.83
CA HIS A 59 3.87 3.45 1.28
C HIS A 59 3.03 3.81 0.04
N ARG A 60 2.87 2.85 -0.88
CA ARG A 60 2.16 3.06 -2.15
C ARG A 60 1.28 1.80 -2.50
N LEU A 61 0.42 1.86 -3.54
CA LEU A 61 -0.44 0.69 -3.91
C LEU A 61 0.03 0.17 -5.27
N CYS A 62 -0.26 -1.07 -5.66
CA CYS A 62 0.34 -1.59 -6.88
C CYS A 62 -0.58 -2.45 -7.81
N SER A 63 0.02 -2.89 -8.93
CA SER A 63 -0.58 -3.70 -9.98
C SER A 63 -1.95 -4.30 -9.69
N VAL A 64 -2.05 -5.09 -8.64
CA VAL A 64 -3.30 -5.79 -8.39
C VAL A 64 -4.21 -5.19 -7.31
N HIS A 65 -4.28 -3.87 -7.26
CA HIS A 65 -5.18 -3.22 -6.30
C HIS A 65 -6.05 -2.19 -7.02
N PHE A 66 -6.53 -2.51 -8.23
CA PHE A 66 -7.36 -1.55 -8.95
C PHE A 66 -8.35 -2.25 -9.92
N GLN A 67 -9.42 -1.55 -10.38
CA GLN A 67 -10.36 -2.13 -11.33
C GLN A 67 -10.08 -1.50 -12.72
N GLY A 68 -10.28 -2.19 -13.87
CA GLY A 68 -10.01 -1.56 -15.17
C GLY A 68 -8.78 -0.65 -15.18
N GLY A 69 -8.86 0.53 -14.53
CA GLY A 69 -7.72 1.44 -14.49
C GLY A 69 -8.14 2.88 -14.26
N ARG A 70 -7.36 3.60 -13.45
CA ARG A 70 -7.62 5.00 -13.13
C ARG A 70 -8.47 5.14 -11.87
N LYS A 71 -9.20 4.07 -11.52
CA LYS A 71 -10.04 4.09 -10.33
C LYS A 71 -10.90 5.36 -10.29
N THR A 72 -12.19 5.22 -10.64
CA THR A 72 -13.10 6.34 -10.67
C THR A 72 -14.42 5.99 -9.97
N TYR A 73 -14.76 6.74 -8.93
CA TYR A 73 -15.98 6.49 -8.16
C TYR A 73 -16.03 5.03 -7.71
N THR A 74 -17.06 4.64 -6.93
CA THR A 74 -17.19 3.26 -6.45
C THR A 74 -15.90 2.78 -5.78
N VAL A 75 -14.82 2.69 -6.55
CA VAL A 75 -13.53 2.25 -6.03
C VAL A 75 -12.82 3.43 -5.35
N ARG A 76 -12.99 3.57 -4.02
CA ARG A 76 -12.34 4.66 -3.31
C ARG A 76 -10.95 4.24 -2.86
N VAL A 77 -10.89 3.18 -2.05
CA VAL A 77 -9.62 2.64 -1.58
C VAL A 77 -9.34 1.36 -2.35
N PRO A 78 -8.15 1.22 -2.99
CA PRO A 78 -7.82 0.03 -3.78
C PRO A 78 -7.83 -1.27 -3.05
N THR A 79 -8.96 -1.69 -2.51
CA THR A 79 -8.89 -3.00 -1.95
C THR A 79 -9.82 -3.93 -2.69
N ILE A 80 -9.18 -4.82 -3.45
CA ILE A 80 -9.85 -5.90 -4.13
C ILE A 80 -9.20 -7.19 -3.70
N PHE A 81 -9.74 -7.90 -2.72
CA PHE A 81 -9.11 -9.14 -2.28
C PHE A 81 -10.06 -9.94 -1.38
N GLY A 1 19.75 -3.18 5.70
CA GLY A 1 18.74 -4.25 5.53
C GLY A 1 17.34 -3.71 5.33
N SER A 2 17.10 -3.11 4.17
CA SER A 2 15.79 -2.56 3.85
C SER A 2 14.70 -3.62 3.99
N PRO A 3 13.62 -3.33 4.73
CA PRO A 3 12.53 -4.27 4.95
C PRO A 3 11.47 -4.24 3.85
N GLY A 4 11.84 -3.80 2.65
CA GLY A 4 10.88 -3.76 1.55
C GLY A 4 9.53 -3.15 1.96
N PHE A 5 8.43 -3.40 1.21
CA PHE A 5 7.11 -2.89 1.54
C PHE A 5 6.22 -2.84 0.30
N THR A 6 6.59 -3.69 -0.66
CA THR A 6 5.88 -3.89 -1.93
C THR A 6 4.40 -4.19 -1.70
N CYS A 7 3.69 -3.27 -1.04
CA CYS A 7 2.27 -3.45 -0.80
C CYS A 7 2.01 -4.83 -0.23
N CYS A 8 2.13 -5.00 1.08
CA CYS A 8 1.91 -6.31 1.70
C CYS A 8 0.72 -6.99 1.02
N VAL A 9 1.00 -7.46 -0.18
CA VAL A 9 0.02 -8.09 -1.05
C VAL A 9 -0.36 -9.50 -0.63
N PRO A 10 -1.58 -9.67 -0.09
CA PRO A 10 -2.09 -10.97 0.28
C PRO A 10 -2.51 -11.73 -0.98
N GLY A 11 -2.71 -10.97 -2.08
CA GLY A 11 -3.10 -11.58 -3.34
C GLY A 11 -3.03 -10.68 -4.56
N CYS A 12 -2.78 -9.36 -4.40
CA CYS A 12 -2.73 -8.48 -5.58
C CYS A 12 -1.45 -8.67 -6.43
N TYR A 13 -0.82 -7.57 -6.87
CA TYR A 13 0.37 -7.64 -7.75
C TYR A 13 1.55 -8.38 -7.08
N ASN A 14 2.43 -7.60 -6.47
CA ASN A 14 3.64 -8.05 -5.79
C ASN A 14 3.56 -7.53 -4.33
N ASN A 15 4.16 -8.18 -3.33
CA ASN A 15 3.95 -7.72 -1.93
C ASN A 15 5.18 -7.14 -1.20
N SER A 16 4.93 -6.32 -0.10
CA SER A 16 5.94 -5.70 0.66
C SER A 16 7.14 -6.65 0.89
N HIS A 17 8.18 -6.16 1.56
CA HIS A 17 9.37 -6.95 1.89
C HIS A 17 9.46 -8.24 1.06
N ARG A 18 9.48 -8.11 -0.28
CA ARG A 18 9.53 -9.32 -1.10
C ARG A 18 9.99 -9.08 -2.56
N ASP A 19 9.60 -7.97 -3.19
CA ASP A 19 10.00 -7.72 -4.59
C ASP A 19 10.38 -6.26 -4.84
N LYS A 20 9.36 -5.42 -4.94
CA LYS A 20 9.53 -4.00 -5.20
C LYS A 20 10.09 -3.72 -6.61
N ALA A 21 10.09 -4.75 -7.46
CA ALA A 21 10.60 -4.58 -8.83
C ALA A 21 9.49 -4.27 -9.86
N LEU A 22 8.22 -4.22 -9.43
CA LEU A 22 7.11 -3.95 -10.34
C LEU A 22 6.66 -2.45 -10.13
N HIS A 23 5.40 -2.03 -10.42
CA HIS A 23 5.04 -0.62 -10.26
C HIS A 23 4.27 -0.35 -8.95
N PHE A 24 4.49 0.81 -8.27
CA PHE A 24 3.75 1.11 -7.05
C PHE A 24 3.12 2.54 -7.11
N TYR A 25 1.83 2.68 -6.71
CA TYR A 25 1.13 3.98 -6.72
C TYR A 25 1.41 4.76 -5.42
N THR A 26 1.27 6.09 -5.41
CA THR A 26 1.59 6.87 -4.21
C THR A 26 0.31 7.31 -3.47
N PHE A 27 0.49 7.91 -2.27
CA PHE A 27 -0.63 8.28 -1.41
C PHE A 27 -1.37 9.58 -1.77
N PRO A 28 -2.74 9.59 -1.74
CA PRO A 28 -3.54 10.79 -2.04
C PRO A 28 -2.96 12.05 -1.35
N LYS A 29 -3.53 13.23 -1.65
CA LYS A 29 -3.04 14.48 -1.06
C LYS A 29 -3.64 14.74 0.32
N ASP A 30 -4.80 14.15 0.55
CA ASP A 30 -5.50 14.31 1.82
C ASP A 30 -4.94 13.35 2.88
N ALA A 31 -4.34 13.90 3.95
CA ALA A 31 -3.76 13.08 5.00
C ALA A 31 -4.67 11.87 5.41
N GLU A 32 -5.84 12.10 6.02
CA GLU A 32 -6.71 10.98 6.45
C GLU A 32 -6.93 9.94 5.38
N LEU A 33 -7.55 10.25 4.25
CA LEU A 33 -7.72 9.23 3.25
C LEU A 33 -6.46 8.36 3.21
N ARG A 34 -5.34 9.03 3.39
CA ARG A 34 -4.03 8.38 3.40
C ARG A 34 -3.95 7.33 4.48
N ARG A 35 -4.20 7.72 5.71
CA ARG A 35 -4.16 6.77 6.77
C ARG A 35 -5.14 5.65 6.45
N LEU A 36 -6.25 5.97 5.77
CA LEU A 36 -7.17 4.90 5.42
C LEU A 36 -6.45 3.85 4.60
N TRP A 37 -5.68 4.30 3.64
CA TRP A 37 -4.93 3.35 2.85
C TRP A 37 -3.95 2.59 3.73
N LEU A 38 -3.34 3.30 4.72
CA LEU A 38 -2.42 2.63 5.63
C LEU A 38 -2.99 1.22 5.88
N LYS A 39 -4.30 1.17 6.19
CA LYS A 39 -4.98 -0.08 6.43
C LYS A 39 -4.74 -1.14 5.35
N ASN A 40 -5.13 -0.84 4.12
CA ASN A 40 -5.00 -1.77 2.99
C ASN A 40 -3.57 -2.23 2.75
N VAL A 41 -2.61 -1.45 3.18
CA VAL A 41 -1.22 -1.77 2.93
C VAL A 41 -0.64 -2.84 3.85
N SER A 42 -1.18 -3.03 5.06
CA SER A 42 -0.66 -4.06 6.00
C SER A 42 -0.70 -3.59 7.48
N ARG A 43 0.39 -2.97 8.02
CA ARG A 43 0.39 -2.53 9.42
C ARG A 43 0.02 -3.68 10.36
N ALA A 44 0.15 -4.91 9.88
CA ALA A 44 -0.19 -6.10 10.68
C ALA A 44 0.89 -6.43 11.74
N GLY A 45 1.08 -5.56 12.78
CA GLY A 45 2.08 -5.84 13.81
C GLY A 45 3.10 -6.90 13.45
N VAL A 46 3.85 -6.68 12.38
CA VAL A 46 4.86 -7.65 11.95
C VAL A 46 6.21 -7.39 12.61
N SER A 47 6.19 -6.75 13.78
CA SER A 47 7.42 -6.47 14.50
C SER A 47 7.12 -5.79 15.86
N GLY A 48 6.47 -4.59 15.86
CA GLY A 48 6.18 -3.94 17.13
C GLY A 48 6.65 -2.50 17.17
N CYS A 49 7.83 -2.28 17.78
CA CYS A 49 8.39 -0.94 17.88
C CYS A 49 9.61 -0.78 16.99
N PHE A 50 10.18 -1.90 16.54
CA PHE A 50 11.36 -1.88 15.68
C PHE A 50 11.15 -0.94 14.48
N SER A 51 10.27 -1.31 13.53
CA SER A 51 10.01 -0.47 12.36
C SER A 51 9.12 -1.20 11.36
N THR A 52 9.57 -2.37 10.92
CA THR A 52 8.82 -3.19 9.97
C THR A 52 8.77 -2.53 8.59
N PHE A 53 8.20 -1.34 8.54
CA PHE A 53 8.07 -0.60 7.27
C PHE A 53 7.32 0.73 7.49
N GLN A 54 7.91 1.63 8.29
CA GLN A 54 7.27 2.92 8.57
C GLN A 54 6.60 3.54 7.34
N PRO A 55 5.27 3.75 7.37
CA PRO A 55 4.52 4.32 6.25
C PRO A 55 4.86 5.79 5.99
N THR A 56 4.99 6.57 7.07
CA THR A 56 5.31 7.99 6.95
C THR A 56 6.37 8.23 5.88
N THR A 57 7.46 7.42 5.86
CA THR A 57 8.52 7.59 4.87
C THR A 57 7.93 7.73 3.46
N GLY A 58 6.79 7.08 3.23
CA GLY A 58 6.17 7.15 1.92
C GLY A 58 5.75 5.79 1.38
N HIS A 59 4.70 5.16 1.93
CA HIS A 59 4.26 3.86 1.42
C HIS A 59 3.42 4.04 0.17
N ARG A 60 3.56 3.09 -0.74
CA ARG A 60 2.86 3.11 -2.02
C ARG A 60 2.13 1.76 -2.23
N LEU A 61 1.21 1.64 -3.23
CA LEU A 61 0.42 0.41 -3.44
C LEU A 61 0.69 -0.25 -4.83
N CYS A 62 0.37 -1.57 -5.05
CA CYS A 62 0.69 -2.21 -6.33
C CYS A 62 -0.53 -2.38 -7.30
N SER A 63 -0.20 -2.54 -8.58
CA SER A 63 -1.10 -2.60 -9.73
C SER A 63 -2.52 -3.22 -9.55
N VAL A 64 -2.53 -4.53 -9.69
CA VAL A 64 -3.74 -5.38 -9.76
C VAL A 64 -4.80 -5.30 -8.66
N HIS A 65 -5.00 -4.15 -8.06
CA HIS A 65 -6.03 -4.01 -7.00
C HIS A 65 -7.35 -3.40 -7.50
N PHE A 66 -7.30 -2.21 -8.11
CA PHE A 66 -8.51 -1.57 -8.56
C PHE A 66 -9.12 -2.38 -9.72
N GLN A 67 -10.37 -2.08 -10.13
CA GLN A 67 -10.96 -2.81 -11.23
C GLN A 67 -10.82 -1.92 -12.50
N GLY A 68 -10.66 -2.46 -13.73
CA GLY A 68 -10.53 -1.56 -14.87
C GLY A 68 -9.46 -0.49 -14.64
N GLY A 69 -9.31 0.46 -15.56
CA GLY A 69 -8.31 1.50 -15.38
C GLY A 69 -8.91 2.85 -15.01
N ARG A 70 -8.47 3.41 -13.89
CA ARG A 70 -8.93 4.72 -13.38
C ARG A 70 -9.28 4.62 -11.90
N LYS A 71 -9.76 3.45 -11.48
CA LYS A 71 -10.13 3.22 -10.10
C LYS A 71 -11.38 4.02 -9.74
N THR A 72 -12.55 3.40 -9.89
CA THR A 72 -13.81 4.06 -9.58
C THR A 72 -15.00 3.17 -9.94
N TYR A 73 -16.20 3.76 -9.88
CA TYR A 73 -17.45 3.04 -10.18
C TYR A 73 -17.95 2.27 -8.96
N THR A 74 -17.10 2.16 -7.93
CA THR A 74 -17.47 1.44 -6.71
C THR A 74 -16.28 1.31 -5.76
N VAL A 75 -15.09 1.22 -6.33
CA VAL A 75 -13.89 1.02 -5.54
C VAL A 75 -13.01 2.27 -5.44
N ARG A 76 -12.63 2.66 -4.20
CA ARG A 76 -11.78 3.82 -4.01
C ARG A 76 -10.51 3.47 -3.24
N VAL A 77 -10.60 2.50 -2.32
CA VAL A 77 -9.44 2.07 -1.54
C VAL A 77 -8.95 0.71 -2.05
N PRO A 78 -7.64 0.59 -2.39
CA PRO A 78 -7.05 -0.66 -2.91
C PRO A 78 -7.19 -1.90 -2.07
N THR A 79 -8.30 -2.14 -1.39
CA THR A 79 -8.28 -3.39 -0.71
C THR A 79 -9.12 -4.39 -1.50
N ILE A 80 -8.40 -5.33 -2.09
CA ILE A 80 -8.99 -6.45 -2.81
C ILE A 80 -8.37 -7.71 -2.21
N PHE A 81 -9.03 -8.38 -1.27
CA PHE A 81 -8.42 -9.59 -0.67
C PHE A 81 -9.47 -10.38 0.10
N GLY A 1 17.37 -3.60 2.12
CA GLY A 1 17.97 -2.25 1.96
C GLY A 1 17.31 -1.46 0.85
N SER A 2 16.76 -2.17 -0.13
CA SER A 2 16.08 -1.52 -1.26
C SER A 2 14.89 -0.71 -0.78
N PRO A 3 14.32 0.13 -1.65
CA PRO A 3 13.17 0.98 -1.31
C PRO A 3 11.87 0.18 -1.22
N GLY A 4 11.84 -0.84 -0.36
CA GLY A 4 10.65 -1.64 -0.20
C GLY A 4 9.98 -1.42 1.16
N PHE A 5 8.85 -2.08 1.44
CA PHE A 5 8.16 -1.89 2.72
C PHE A 5 7.18 -3.04 3.05
N THR A 6 6.37 -3.46 2.07
CA THR A 6 5.35 -4.54 2.20
C THR A 6 3.93 -4.00 1.91
N CYS A 7 3.32 -4.44 0.79
CA CYS A 7 1.98 -3.98 0.40
C CYS A 7 0.93 -4.82 1.10
N CYS A 8 1.35 -5.64 2.07
CA CYS A 8 0.39 -6.48 2.75
C CYS A 8 -0.36 -7.27 1.66
N VAL A 9 0.38 -7.47 0.57
CA VAL A 9 -0.07 -8.15 -0.64
C VAL A 9 -0.14 -9.66 -0.42
N PRO A 10 -1.36 -10.20 -0.22
CA PRO A 10 -1.56 -11.64 -0.03
C PRO A 10 -1.50 -12.34 -1.37
N GLY A 11 -1.86 -11.60 -2.40
CA GLY A 11 -1.85 -12.14 -3.74
C GLY A 11 -1.86 -11.06 -4.82
N CYS A 12 -1.79 -9.78 -4.43
CA CYS A 12 -1.81 -8.72 -5.44
C CYS A 12 -0.45 -8.59 -6.16
N TYR A 13 -0.51 -8.76 -7.47
CA TYR A 13 0.61 -8.71 -8.41
C TYR A 13 2.00 -8.51 -7.79
N ASN A 14 2.21 -7.39 -7.14
CA ASN A 14 3.52 -7.01 -6.60
C ASN A 14 3.48 -6.74 -5.09
N ASN A 15 4.62 -6.82 -4.38
CA ASN A 15 4.62 -6.56 -2.95
C ASN A 15 5.34 -5.21 -2.70
N SER A 16 5.14 -4.56 -1.52
CA SER A 16 5.75 -3.27 -1.27
C SER A 16 7.25 -3.40 -0.90
N HIS A 17 7.76 -4.64 -0.64
CA HIS A 17 9.17 -4.82 -0.28
C HIS A 17 9.77 -6.16 -0.78
N ARG A 18 8.99 -6.97 -1.48
CA ARG A 18 9.50 -8.28 -1.95
C ARG A 18 9.79 -8.30 -3.45
N ASP A 19 9.90 -7.12 -4.06
CA ASP A 19 10.17 -7.04 -5.50
C ASP A 19 10.63 -5.64 -5.92
N LYS A 20 9.72 -4.69 -5.86
CA LYS A 20 10.02 -3.31 -6.26
C LYS A 20 10.31 -3.20 -7.76
N ALA A 21 10.01 -4.26 -8.52
CA ALA A 21 10.24 -4.22 -9.96
C ALA A 21 8.95 -4.21 -10.78
N LEU A 22 7.81 -3.86 -10.16
CA LEU A 22 6.52 -3.83 -10.87
C LEU A 22 5.91 -2.37 -10.87
N HIS A 23 4.67 -2.06 -10.38
CA HIS A 23 4.17 -0.69 -10.43
C HIS A 23 3.73 -0.23 -9.03
N PHE A 24 3.96 1.04 -8.65
CA PHE A 24 3.54 1.51 -7.34
C PHE A 24 2.74 2.83 -7.38
N TYR A 25 1.50 2.89 -6.83
CA TYR A 25 0.72 4.13 -6.82
C TYR A 25 1.14 4.96 -5.59
N THR A 26 0.95 6.29 -5.61
CA THR A 26 1.38 7.12 -4.48
C THR A 26 0.21 7.57 -3.58
N PHE A 27 0.56 8.21 -2.45
CA PHE A 27 -0.43 8.61 -1.45
C PHE A 27 -1.09 9.99 -1.65
N PRO A 28 -2.46 10.10 -1.64
CA PRO A 28 -3.18 11.38 -1.80
C PRO A 28 -2.55 12.53 -0.98
N LYS A 29 -3.05 13.76 -1.16
CA LYS A 29 -2.50 14.92 -0.44
C LYS A 29 -3.10 15.01 0.96
N ASP A 30 -4.29 14.46 1.12
CA ASP A 30 -4.97 14.47 2.42
C ASP A 30 -4.43 13.34 3.29
N ALA A 31 -3.77 13.68 4.40
CA ALA A 31 -3.18 12.68 5.28
C ALA A 31 -4.15 11.51 5.61
N GLU A 32 -5.30 11.76 6.22
CA GLU A 32 -6.22 10.67 6.56
C GLU A 32 -6.59 9.81 5.39
N LEU A 33 -7.21 10.35 4.33
CA LEU A 33 -7.55 9.48 3.24
C LEU A 33 -6.45 8.45 3.02
N ARG A 34 -5.22 8.91 3.14
CA ARG A 34 -4.09 8.03 2.93
C ARG A 34 -3.95 7.06 4.05
N ARG A 35 -4.02 7.56 5.26
CA ARG A 35 -3.93 6.68 6.38
C ARG A 35 -4.95 5.58 6.19
N LEU A 36 -6.12 5.89 5.59
CA LEU A 36 -7.08 4.82 5.35
C LEU A 36 -6.45 3.79 4.45
N TRP A 37 -5.82 4.26 3.41
CA TRP A 37 -5.14 3.37 2.51
C TRP A 37 -4.14 2.54 3.29
N LEU A 38 -3.36 3.22 4.18
CA LEU A 38 -2.38 2.53 4.98
C LEU A 38 -2.92 1.17 5.37
N LYS A 39 -4.13 1.15 5.95
CA LYS A 39 -4.76 -0.06 6.38
C LYS A 39 -4.67 -1.22 5.38
N ASN A 40 -5.31 -1.07 4.23
CA ASN A 40 -5.33 -2.16 3.26
C ASN A 40 -3.97 -2.49 2.68
N VAL A 41 -3.09 -1.52 2.64
CA VAL A 41 -1.78 -1.73 2.08
C VAL A 41 -0.78 -2.42 2.99
N SER A 42 -0.96 -2.36 4.32
CA SER A 42 0.03 -2.95 5.23
C SER A 42 0.03 -2.17 6.58
N ARG A 43 0.93 -1.16 6.79
CA ARG A 43 0.90 -0.41 8.06
C ARG A 43 1.04 -1.31 9.28
N ALA A 44 2.05 -2.17 9.28
CA ALA A 44 2.28 -3.07 10.40
C ALA A 44 2.93 -2.32 11.59
N GLY A 45 2.18 -1.42 12.28
CA GLY A 45 2.79 -0.69 13.39
C GLY A 45 2.46 0.80 13.37
N VAL A 46 1.22 1.17 13.71
CA VAL A 46 0.81 2.56 13.71
C VAL A 46 1.45 3.35 14.86
N SER A 47 2.79 3.37 14.92
CA SER A 47 3.48 4.09 15.98
C SER A 47 4.92 4.44 15.56
N GLY A 48 5.78 3.43 15.23
CA GLY A 48 7.15 3.75 14.85
C GLY A 48 8.15 3.33 15.89
N CYS A 49 9.05 2.42 15.53
CA CYS A 49 10.07 1.93 16.44
C CYS A 49 11.41 1.79 15.72
N PHE A 50 11.83 2.86 15.04
CA PHE A 50 13.09 2.86 14.31
C PHE A 50 13.03 1.88 13.12
N SER A 51 12.87 0.57 13.38
CA SER A 51 12.79 -0.41 12.30
C SER A 51 11.41 -0.35 11.63
N THR A 52 11.02 -1.46 11.01
CA THR A 52 9.72 -1.53 10.34
C THR A 52 9.73 -0.69 9.06
N PHE A 53 8.63 -0.69 8.31
CA PHE A 53 8.54 0.07 7.07
C PHE A 53 7.68 1.33 7.28
N GLN A 54 7.78 1.93 8.47
CA GLN A 54 7.04 3.16 8.85
C GLN A 54 6.34 3.83 7.66
N PRO A 55 5.00 4.05 7.72
CA PRO A 55 4.25 4.70 6.63
C PRO A 55 4.63 6.15 6.43
N THR A 56 5.02 6.81 7.53
CA THR A 56 5.41 8.22 7.46
C THR A 56 6.35 8.45 6.26
N THR A 57 7.30 7.51 6.02
CA THR A 57 8.23 7.65 4.90
C THR A 57 7.48 7.84 3.59
N GLY A 58 6.27 7.28 3.51
CA GLY A 58 5.50 7.42 2.29
C GLY A 58 5.08 6.06 1.71
N HIS A 59 3.99 5.42 2.20
CA HIS A 59 3.59 4.13 1.65
C HIS A 59 2.82 4.31 0.34
N ARG A 60 3.16 3.46 -0.62
CA ARG A 60 2.57 3.46 -1.95
C ARG A 60 1.75 2.16 -2.10
N LEU A 61 0.95 2.02 -3.17
CA LEU A 61 0.14 0.80 -3.34
C LEU A 61 0.60 0.04 -4.60
N CYS A 62 0.32 -1.29 -4.71
CA CYS A 62 0.79 -2.06 -5.85
C CYS A 62 -0.34 -2.41 -6.87
N SER A 63 0.04 -3.06 -7.97
CA SER A 63 -0.79 -3.33 -9.14
C SER A 63 -2.29 -3.68 -9.02
N VAL A 64 -2.53 -4.96 -9.00
CA VAL A 64 -3.89 -5.55 -9.10
C VAL A 64 -4.97 -5.18 -8.08
N HIS A 65 -4.87 -4.05 -7.41
CA HIS A 65 -5.92 -3.68 -6.44
C HIS A 65 -7.02 -2.82 -7.08
N PHE A 66 -6.65 -1.69 -7.70
CA PHE A 66 -7.63 -0.84 -8.36
C PHE A 66 -8.24 -1.58 -9.56
N GLN A 67 -9.34 -1.08 -10.15
CA GLN A 67 -9.93 -1.75 -11.30
C GLN A 67 -9.34 -1.13 -12.60
N GLY A 68 -8.43 -1.80 -13.37
CA GLY A 68 -7.91 -1.16 -14.57
C GLY A 68 -7.03 0.04 -14.26
N GLY A 69 -7.61 1.15 -13.77
CA GLY A 69 -6.82 2.33 -13.45
C GLY A 69 -7.51 3.62 -13.82
N ARG A 70 -7.44 4.62 -12.92
CA ARG A 70 -8.05 5.94 -13.12
C ARG A 70 -8.81 6.37 -11.88
N LYS A 71 -9.29 5.38 -11.12
CA LYS A 71 -10.02 5.67 -9.88
C LYS A 71 -11.30 6.43 -10.18
N THR A 72 -12.34 5.71 -10.56
CA THR A 72 -13.63 6.32 -10.88
C THR A 72 -14.18 7.07 -9.67
N TYR A 73 -15.42 7.54 -9.79
CA TYR A 73 -16.06 8.27 -8.71
C TYR A 73 -16.89 7.33 -7.84
N THR A 74 -16.29 6.19 -7.47
CA THR A 74 -16.97 5.19 -6.65
C THR A 74 -15.98 4.44 -5.77
N VAL A 75 -14.84 4.08 -6.34
CA VAL A 75 -13.82 3.34 -5.60
C VAL A 75 -12.99 4.30 -4.73
N ARG A 76 -13.37 4.49 -3.46
CA ARG A 76 -12.62 5.38 -2.58
C ARG A 76 -11.37 4.67 -2.07
N VAL A 77 -11.54 3.47 -1.53
CA VAL A 77 -10.40 2.69 -1.05
C VAL A 77 -10.38 1.33 -1.75
N PRO A 78 -9.25 0.97 -2.40
CA PRO A 78 -9.11 -0.31 -3.10
C PRO A 78 -9.20 -1.53 -2.23
N THR A 79 -10.38 -1.97 -1.78
CA THR A 79 -10.29 -3.20 -1.06
C THR A 79 -10.73 -4.34 -1.96
N ILE A 80 -9.69 -5.04 -2.37
CA ILE A 80 -9.71 -6.26 -3.14
C ILE A 80 -8.85 -7.21 -2.32
N PHE A 81 -9.12 -8.50 -2.24
CA PHE A 81 -8.25 -9.37 -1.43
C PHE A 81 -8.41 -9.05 0.06
N GLY A 1 14.35 -2.41 7.26
CA GLY A 1 15.77 -2.12 6.91
C GLY A 1 15.95 -1.79 5.43
N SER A 2 15.90 -2.82 4.60
CA SER A 2 16.06 -2.65 3.16
C SER A 2 15.00 -1.68 2.62
N PRO A 3 15.16 -1.24 1.35
CA PRO A 3 14.21 -0.30 0.73
C PRO A 3 12.87 -0.97 0.42
N GLY A 4 12.20 -1.49 1.46
CA GLY A 4 10.92 -2.14 1.26
C GLY A 4 9.82 -1.53 2.13
N PHE A 5 8.59 -2.06 2.06
CA PHE A 5 7.48 -1.50 2.83
C PHE A 5 6.37 -2.54 3.14
N THR A 6 6.08 -3.41 2.18
CA THR A 6 5.03 -4.45 2.29
C THR A 6 3.65 -3.89 1.93
N CYS A 7 3.10 -4.29 0.76
CA CYS A 7 1.79 -3.82 0.34
C CYS A 7 0.73 -4.66 1.05
N CYS A 8 1.17 -5.54 1.96
CA CYS A 8 0.25 -6.40 2.65
C CYS A 8 -0.45 -7.23 1.58
N VAL A 9 0.36 -7.59 0.59
CA VAL A 9 -0.05 -8.35 -0.58
C VAL A 9 -0.28 -9.82 -0.24
N PRO A 10 -1.56 -10.23 -0.09
CA PRO A 10 -1.90 -11.61 0.20
C PRO A 10 -1.75 -12.47 -1.04
N GLY A 11 -2.18 -11.91 -2.16
CA GLY A 11 -2.09 -12.60 -3.43
C GLY A 11 -2.12 -11.65 -4.61
N CYS A 12 -1.89 -10.35 -4.35
CA CYS A 12 -1.90 -9.37 -5.42
C CYS A 12 -0.78 -9.67 -6.43
N TYR A 13 -0.33 -8.66 -7.18
CA TYR A 13 0.71 -8.86 -8.19
C TYR A 13 2.11 -8.67 -7.65
N ASN A 14 2.24 -7.63 -6.89
CA ASN A 14 3.50 -7.13 -6.34
C ASN A 14 3.50 -6.97 -4.80
N ASN A 15 4.67 -6.99 -4.15
CA ASN A 15 4.72 -6.77 -2.71
C ASN A 15 5.33 -5.36 -2.48
N SER A 16 5.22 -4.77 -1.28
CA SER A 16 5.74 -3.43 -1.07
C SER A 16 7.12 -3.46 -0.40
N HIS A 17 7.79 -4.63 -0.35
CA HIS A 17 9.11 -4.71 0.30
C HIS A 17 9.94 -5.88 -0.22
N ARG A 18 9.60 -6.42 -1.39
CA ARG A 18 10.36 -7.55 -1.92
C ARG A 18 11.22 -7.14 -3.14
N ASP A 19 10.63 -6.93 -4.32
CA ASP A 19 11.42 -6.57 -5.50
C ASP A 19 11.64 -5.06 -5.71
N LYS A 20 10.68 -4.23 -5.32
CA LYS A 20 10.79 -2.80 -5.55
C LYS A 20 11.01 -2.51 -7.04
N ALA A 21 10.81 -3.54 -7.88
CA ALA A 21 10.94 -3.38 -9.33
C ALA A 21 9.59 -3.61 -10.03
N LEU A 22 8.51 -3.36 -9.31
CA LEU A 22 7.14 -3.54 -9.81
C LEU A 22 6.46 -2.15 -9.95
N HIS A 23 5.13 -2.06 -10.13
CA HIS A 23 4.49 -0.76 -10.28
C HIS A 23 3.89 -0.31 -8.92
N PHE A 24 4.12 0.93 -8.47
CA PHE A 24 3.59 1.37 -7.18
C PHE A 24 2.82 2.72 -7.27
N TYR A 25 1.57 2.80 -6.71
CA TYR A 25 0.80 4.04 -6.72
C TYR A 25 1.21 4.93 -5.52
N THR A 26 1.02 6.25 -5.58
CA THR A 26 1.42 7.11 -4.47
C THR A 26 0.21 7.57 -3.64
N PHE A 27 0.46 8.26 -2.52
CA PHE A 27 -0.60 8.63 -1.60
C PHE A 27 -1.30 10.00 -1.79
N PRO A 28 -2.67 10.06 -1.70
CA PRO A 28 -3.45 11.32 -1.81
C PRO A 28 -2.80 12.47 -1.03
N LYS A 29 -3.34 13.70 -1.15
CA LYS A 29 -2.79 14.85 -0.45
C LYS A 29 -3.40 15.00 0.94
N ASP A 30 -4.56 14.39 1.14
CA ASP A 30 -5.26 14.47 2.42
C ASP A 30 -4.68 13.41 3.38
N ALA A 31 -4.06 13.86 4.48
CA ALA A 31 -3.46 12.95 5.44
C ALA A 31 -4.36 11.73 5.78
N GLU A 32 -5.51 11.92 6.45
CA GLU A 32 -6.37 10.77 6.81
C GLU A 32 -6.65 9.85 5.65
N LEU A 33 -7.32 10.28 4.58
CA LEU A 33 -7.54 9.36 3.50
C LEU A 33 -6.31 8.47 3.34
N ARG A 34 -5.17 9.08 3.52
CA ARG A 34 -3.87 8.41 3.43
C ARG A 34 -3.80 7.26 4.40
N ARG A 35 -3.96 7.57 5.66
CA ARG A 35 -3.92 6.54 6.66
C ARG A 35 -4.91 5.47 6.30
N LEU A 36 -6.04 5.85 5.71
CA LEU A 36 -7.00 4.82 5.31
C LEU A 36 -6.33 3.84 4.38
N TRP A 37 -5.65 4.35 3.38
CA TRP A 37 -4.97 3.48 2.47
C TRP A 37 -3.94 2.67 3.21
N LEU A 38 -3.25 3.28 4.20
CA LEU A 38 -2.29 2.54 4.97
C LEU A 38 -2.90 1.16 5.18
N LYS A 39 -4.16 1.14 5.67
CA LYS A 39 -4.85 -0.08 5.90
C LYS A 39 -4.79 -1.07 4.72
N ASN A 40 -5.27 -0.68 3.54
CA ASN A 40 -5.28 -1.57 2.39
C ASN A 40 -3.89 -2.04 1.98
N VAL A 41 -2.94 -1.14 2.07
CA VAL A 41 -1.59 -1.45 1.67
C VAL A 41 -0.78 -2.22 2.68
N SER A 42 -1.13 -2.20 3.97
CA SER A 42 -0.30 -2.93 4.94
C SER A 42 -0.42 -2.31 6.36
N ARG A 43 0.54 -1.47 6.84
CA ARG A 43 0.41 -0.88 8.19
C ARG A 43 -0.25 -1.85 9.17
N ALA A 44 0.07 -3.14 9.04
CA ALA A 44 -0.51 -4.17 9.88
C ALA A 44 0.04 -4.15 11.33
N GLY A 45 -0.26 -3.10 12.13
CA GLY A 45 0.23 -3.06 13.50
C GLY A 45 -0.87 -2.82 14.53
N VAL A 46 -1.37 -1.59 14.61
CA VAL A 46 -2.45 -1.25 15.54
C VAL A 46 -2.27 -1.91 16.91
N SER A 47 -1.07 -1.86 17.46
CA SER A 47 -0.83 -2.47 18.76
C SER A 47 0.63 -2.22 19.24
N GLY A 48 1.67 -2.75 18.53
CA GLY A 48 3.02 -2.51 18.99
C GLY A 48 3.73 -1.45 18.17
N CYS A 49 2.98 -0.70 17.36
CA CYS A 49 3.54 0.35 16.52
C CYS A 49 4.17 -0.24 15.25
N PHE A 50 4.47 -1.54 15.27
CA PHE A 50 5.08 -2.21 14.13
C PHE A 50 6.46 -1.60 13.81
N SER A 51 6.50 -0.39 13.22
CA SER A 51 7.78 0.25 12.89
C SER A 51 8.56 -0.55 11.85
N THR A 52 7.95 -1.64 11.37
CA THR A 52 8.61 -2.49 10.37
C THR A 52 8.79 -1.76 9.04
N PHE A 53 7.92 -0.78 8.76
CA PHE A 53 8.00 -0.02 7.52
C PHE A 53 7.26 1.32 7.66
N GLN A 54 7.62 2.12 8.67
CA GLN A 54 6.99 3.41 8.93
C GLN A 54 6.38 4.03 7.66
N PRO A 55 5.05 4.33 7.67
CA PRO A 55 4.37 4.93 6.51
C PRO A 55 4.81 6.36 6.28
N THR A 56 5.26 7.03 7.34
CA THR A 56 5.72 8.41 7.24
C THR A 56 6.68 8.54 6.04
N THR A 57 7.58 7.54 5.86
CA THR A 57 8.50 7.57 4.73
C THR A 57 7.74 7.71 3.41
N GLY A 58 6.55 7.12 3.37
CA GLY A 58 5.75 7.21 2.16
C GLY A 58 5.25 5.84 1.67
N HIS A 59 4.18 5.25 2.24
CA HIS A 59 3.72 3.96 1.75
C HIS A 59 2.90 4.17 0.47
N ARG A 60 3.18 3.33 -0.51
CA ARG A 60 2.58 3.37 -1.83
C ARG A 60 1.67 2.12 -2.02
N LEU A 61 0.88 2.05 -3.11
CA LEU A 61 -0.06 0.94 -3.36
C LEU A 61 0.41 0.15 -4.60
N CYS A 62 0.02 -1.15 -4.79
CA CYS A 62 0.58 -1.87 -5.94
C CYS A 62 -0.47 -2.54 -6.92
N SER A 63 0.01 -3.14 -8.04
CA SER A 63 -0.76 -3.64 -9.20
C SER A 63 -2.18 -4.16 -9.07
N VAL A 64 -2.26 -5.44 -8.88
CA VAL A 64 -3.58 -6.15 -8.97
C VAL A 64 -4.56 -5.97 -7.83
N HIS A 65 -4.69 -4.76 -7.34
CA HIS A 65 -5.66 -4.49 -6.28
C HIS A 65 -6.39 -3.18 -6.55
N PHE A 66 -6.83 -3.01 -7.81
CA PHE A 66 -7.54 -1.81 -8.21
C PHE A 66 -8.79 -2.20 -9.04
N GLN A 67 -9.73 -1.25 -9.28
CA GLN A 67 -10.92 -1.57 -10.06
C GLN A 67 -10.79 -0.94 -11.49
N GLY A 68 -10.52 -1.70 -12.60
CA GLY A 68 -10.42 -1.04 -13.90
C GLY A 68 -9.23 -0.09 -14.00
N GLY A 69 -9.28 1.06 -13.29
CA GLY A 69 -8.18 2.00 -13.36
C GLY A 69 -8.64 3.43 -13.52
N ARG A 70 -7.75 4.38 -13.25
CA ARG A 70 -8.06 5.80 -13.35
C ARG A 70 -8.95 6.28 -12.20
N LYS A 71 -9.39 5.36 -11.34
CA LYS A 71 -10.23 5.72 -10.21
C LYS A 71 -11.47 6.48 -10.66
N THR A 72 -12.51 5.75 -11.04
CA THR A 72 -13.75 6.36 -11.51
C THR A 72 -14.47 7.10 -10.38
N TYR A 73 -15.09 6.34 -9.48
CA TYR A 73 -15.81 6.94 -8.36
C TYR A 73 -16.21 5.89 -7.32
N THR A 74 -16.58 4.71 -7.80
CA THR A 74 -16.99 3.61 -6.92
C THR A 74 -15.77 2.96 -6.25
N VAL A 75 -14.57 3.43 -6.60
CA VAL A 75 -13.35 2.89 -6.04
C VAL A 75 -12.69 3.92 -5.13
N ARG A 76 -12.98 3.86 -3.81
CA ARG A 76 -12.40 4.83 -2.88
C ARG A 76 -11.09 4.29 -2.28
N VAL A 77 -11.09 3.03 -1.83
CA VAL A 77 -9.88 2.46 -1.25
C VAL A 77 -9.62 1.05 -1.84
N PRO A 78 -8.42 0.83 -2.42
CA PRO A 78 -8.04 -0.47 -3.04
C PRO A 78 -8.03 -1.66 -2.15
N THR A 79 -9.05 -1.94 -1.35
CA THR A 79 -8.89 -3.17 -0.63
C THR A 79 -9.81 -4.25 -1.18
N ILE A 80 -9.14 -5.17 -1.84
CA ILE A 80 -9.72 -6.40 -2.35
C ILE A 80 -8.91 -7.60 -1.89
N PHE A 81 -9.31 -8.29 -0.83
CA PHE A 81 -8.56 -9.47 -0.37
C PHE A 81 -9.32 -10.19 0.73
N GLY A 1 14.64 -5.46 8.18
CA GLY A 1 15.91 -4.75 7.94
C GLY A 1 16.35 -4.77 6.49
N SER A 2 15.70 -3.95 5.67
CA SER A 2 16.02 -3.88 4.24
C SER A 2 15.19 -2.79 3.56
N PRO A 3 15.53 -2.46 2.30
CA PRO A 3 14.83 -1.42 1.54
C PRO A 3 13.45 -1.89 1.07
N GLY A 4 12.61 -2.30 2.01
CA GLY A 4 11.27 -2.76 1.66
C GLY A 4 10.22 -2.33 2.70
N PHE A 5 8.95 -2.69 2.49
CA PHE A 5 7.90 -2.32 3.43
C PHE A 5 6.77 -3.35 3.54
N THR A 6 6.37 -3.93 2.41
CA THR A 6 5.29 -4.94 2.34
C THR A 6 3.92 -4.29 2.04
N CYS A 7 3.39 -4.51 0.82
CA CYS A 7 2.09 -3.97 0.43
C CYS A 7 1.02 -4.80 1.12
N CYS A 8 1.44 -5.69 2.03
CA CYS A 8 0.47 -6.53 2.69
C CYS A 8 -0.28 -7.27 1.60
N VAL A 9 0.47 -7.48 0.52
CA VAL A 9 -0.02 -8.13 -0.70
C VAL A 9 -0.18 -9.62 -0.47
N PRO A 10 -1.43 -10.08 -0.26
CA PRO A 10 -1.73 -11.48 -0.04
C PRO A 10 -1.86 -12.21 -1.36
N GLY A 11 -2.25 -11.45 -2.38
CA GLY A 11 -2.41 -12.02 -3.69
C GLY A 11 -2.44 -10.98 -4.80
N CYS A 12 -2.13 -9.71 -4.50
CA CYS A 12 -2.15 -8.72 -5.58
C CYS A 12 -1.04 -9.02 -6.60
N TYR A 13 -0.34 -8.01 -7.09
CA TYR A 13 0.69 -8.25 -8.12
C TYR A 13 2.12 -8.24 -7.56
N ASN A 14 2.45 -7.16 -6.88
CA ASN A 14 3.79 -6.90 -6.33
C ASN A 14 3.77 -6.66 -4.81
N ASN A 15 4.91 -6.82 -4.09
CA ASN A 15 4.89 -6.59 -2.66
C ASN A 15 5.66 -5.27 -2.32
N SER A 16 5.44 -4.66 -1.12
CA SER A 16 6.09 -3.40 -0.79
C SER A 16 7.51 -3.62 -0.20
N HIS A 17 7.94 -4.89 0.01
CA HIS A 17 9.27 -5.17 0.57
C HIS A 17 9.96 -6.37 -0.09
N ARG A 18 9.30 -7.04 -1.04
CA ARG A 18 9.90 -8.22 -1.66
C ARG A 18 10.18 -8.01 -3.15
N ASP A 19 10.25 -6.77 -3.60
CA ASP A 19 10.52 -6.50 -5.00
C ASP A 19 10.93 -5.03 -5.26
N LYS A 20 9.99 -4.11 -5.06
CA LYS A 20 10.23 -2.67 -5.27
C LYS A 20 10.46 -2.32 -6.75
N ALA A 21 10.17 -3.27 -7.64
CA ALA A 21 10.35 -3.09 -9.10
C ALA A 21 9.04 -2.95 -9.94
N LEU A 22 7.96 -3.69 -9.63
CA LEU A 22 6.72 -3.64 -10.41
C LEU A 22 6.15 -2.19 -10.34
N HIS A 23 4.82 -1.92 -10.46
CA HIS A 23 4.34 -0.55 -10.44
C HIS A 23 3.85 -0.18 -9.03
N PHE A 24 4.07 1.07 -8.57
CA PHE A 24 3.63 1.46 -7.24
C PHE A 24 2.80 2.78 -7.28
N TYR A 25 1.57 2.80 -6.73
CA TYR A 25 0.76 4.02 -6.73
C TYR A 25 1.17 4.88 -5.51
N THR A 26 0.96 6.20 -5.55
CA THR A 26 1.38 7.06 -4.43
C THR A 26 0.20 7.50 -3.56
N PHE A 27 0.50 8.16 -2.43
CA PHE A 27 -0.51 8.55 -1.46
C PHE A 27 -1.21 9.91 -1.70
N PRO A 28 -2.58 9.96 -1.68
CA PRO A 28 -3.35 11.22 -1.87
C PRO A 28 -2.74 12.39 -1.08
N LYS A 29 -3.27 13.61 -1.28
CA LYS A 29 -2.74 14.79 -0.58
C LYS A 29 -3.39 14.97 0.79
N ASP A 30 -4.55 14.37 0.95
CA ASP A 30 -5.29 14.45 2.22
C ASP A 30 -4.73 13.42 3.20
N ALA A 31 -4.13 13.89 4.30
CA ALA A 31 -3.53 12.98 5.28
C ALA A 31 -4.44 11.76 5.61
N GLU A 32 -5.59 11.93 6.26
CA GLU A 32 -6.45 10.77 6.60
C GLU A 32 -6.70 9.83 5.44
N LEU A 33 -7.34 10.26 4.35
CA LEU A 33 -7.55 9.32 3.28
C LEU A 33 -6.31 8.42 3.16
N ARG A 34 -5.16 9.05 3.34
CA ARG A 34 -3.87 8.36 3.28
C ARG A 34 -3.81 7.24 4.28
N ARG A 35 -3.99 7.57 5.53
CA ARG A 35 -3.93 6.57 6.54
C ARG A 35 -4.93 5.49 6.22
N LEU A 36 -6.06 5.87 5.61
CA LEU A 36 -7.02 4.82 5.25
C LEU A 36 -6.37 3.81 4.35
N TRP A 37 -5.68 4.29 3.32
CA TRP A 37 -5.00 3.37 2.45
C TRP A 37 -4.00 2.56 3.23
N LEU A 38 -3.29 3.22 4.19
CA LEU A 38 -2.31 2.51 4.99
C LEU A 38 -2.88 1.11 5.26
N LYS A 39 -4.12 1.07 5.76
CA LYS A 39 -4.79 -0.17 6.04
C LYS A 39 -4.64 -1.21 4.92
N ASN A 40 -5.20 -0.92 3.76
CA ASN A 40 -5.17 -1.87 2.65
C ASN A 40 -3.78 -2.29 2.23
N VAL A 41 -2.84 -1.39 2.33
CA VAL A 41 -1.47 -1.67 1.92
C VAL A 41 -0.63 -2.45 2.92
N SER A 42 -0.96 -2.42 4.21
CA SER A 42 -0.11 -3.12 5.19
C SER A 42 -0.30 -2.54 6.62
N ARG A 43 0.57 -1.63 7.15
CA ARG A 43 0.33 -1.12 8.51
C ARG A 43 1.40 -0.10 8.92
N ALA A 44 1.31 0.39 10.16
CA ALA A 44 2.29 1.37 10.65
C ALA A 44 3.62 0.72 11.07
N GLY A 45 4.42 0.18 10.12
CA GLY A 45 5.69 -0.44 10.50
C GLY A 45 5.55 -1.43 11.64
N VAL A 46 4.32 -1.92 11.87
CA VAL A 46 4.04 -2.88 12.94
C VAL A 46 5.01 -2.75 14.12
N SER A 47 5.17 -1.51 14.62
CA SER A 47 6.06 -1.26 15.75
C SER A 47 6.06 0.25 16.12
N GLY A 48 6.46 1.16 15.19
CA GLY A 48 6.46 2.57 15.54
C GLY A 48 7.75 3.00 16.22
N CYS A 49 8.83 2.28 15.95
CA CYS A 49 10.12 2.59 16.54
C CYS A 49 11.23 1.77 15.88
N PHE A 50 10.99 0.47 15.73
CA PHE A 50 11.96 -0.43 15.11
C PHE A 50 12.43 0.13 13.76
N SER A 51 11.51 0.70 12.95
CA SER A 51 11.87 1.26 11.65
C SER A 51 11.81 0.20 10.56
N THR A 52 10.91 -0.76 10.71
CA THR A 52 10.75 -1.82 9.73
C THR A 52 10.26 -1.24 8.41
N PHE A 53 9.13 -0.57 8.47
CA PHE A 53 8.54 0.06 7.29
C PHE A 53 7.54 1.16 7.69
N GLN A 54 7.98 2.12 8.49
CA GLN A 54 7.11 3.21 8.93
C GLN A 54 6.47 3.91 7.73
N PRO A 55 5.15 4.20 7.80
CA PRO A 55 4.44 4.89 6.72
C PRO A 55 4.81 6.36 6.62
N THR A 56 5.47 6.87 7.64
CA THR A 56 5.89 8.28 7.65
C THR A 56 6.55 8.63 6.31
N THR A 57 7.47 7.78 5.82
CA THR A 57 8.14 8.03 4.55
C THR A 57 7.12 8.16 3.41
N GLY A 58 5.93 7.60 3.62
CA GLY A 58 4.90 7.66 2.61
C GLY A 58 4.67 6.29 1.94
N HIS A 59 3.67 5.48 2.35
CA HIS A 59 3.47 4.18 1.71
C HIS A 59 2.74 4.33 0.39
N ARG A 60 3.09 3.45 -0.52
CA ARG A 60 2.54 3.40 -1.87
C ARG A 60 1.71 2.11 -2.01
N LEU A 61 0.93 1.95 -3.08
CA LEU A 61 0.11 0.75 -3.26
C LEU A 61 0.62 -0.03 -4.51
N CYS A 62 0.37 -1.36 -4.63
CA CYS A 62 0.85 -2.08 -5.80
C CYS A 62 -0.33 -2.39 -6.78
N SER A 63 -0.05 -2.97 -7.95
CA SER A 63 -0.99 -3.17 -9.07
C SER A 63 -2.46 -3.56 -8.83
N VAL A 64 -2.67 -4.85 -8.95
CA VAL A 64 -4.00 -5.49 -8.97
C VAL A 64 -4.95 -5.27 -7.79
N HIS A 65 -4.94 -4.09 -7.19
CA HIS A 65 -5.86 -3.87 -6.07
C HIS A 65 -7.10 -3.07 -6.46
N PHE A 66 -7.39 -2.95 -7.75
CA PHE A 66 -8.57 -2.21 -8.19
C PHE A 66 -9.38 -3.03 -9.21
N GLN A 67 -10.67 -2.71 -9.44
CA GLN A 67 -11.45 -3.44 -10.42
C GLN A 67 -11.63 -2.54 -11.69
N GLY A 68 -10.90 -2.73 -12.82
CA GLY A 68 -11.12 -1.87 -13.99
C GLY A 68 -11.44 -0.41 -13.62
N GLY A 69 -11.86 0.40 -14.61
CA GLY A 69 -12.21 1.79 -14.33
C GLY A 69 -11.01 2.74 -14.18
N ARG A 70 -10.26 2.66 -13.05
CA ARG A 70 -9.11 3.55 -12.79
C ARG A 70 -9.51 4.70 -11.86
N LYS A 71 -10.43 4.42 -10.95
CA LYS A 71 -10.92 5.43 -10.00
C LYS A 71 -11.89 6.38 -10.68
N THR A 72 -13.16 6.01 -10.63
CA THR A 72 -14.23 6.82 -11.22
C THR A 72 -15.55 6.47 -10.56
N TYR A 73 -15.64 6.76 -9.27
CA TYR A 73 -16.82 6.45 -8.49
C TYR A 73 -16.86 4.96 -8.18
N THR A 74 -17.90 4.48 -7.48
CA THR A 74 -18.02 3.07 -7.14
C THR A 74 -16.94 2.63 -6.15
N VAL A 75 -15.67 2.87 -6.48
CA VAL A 75 -14.58 2.47 -5.60
C VAL A 75 -13.79 3.67 -5.08
N ARG A 76 -13.73 3.83 -3.75
CA ARG A 76 -12.99 4.92 -3.13
C ARG A 76 -11.69 4.39 -2.51
N VAL A 77 -11.77 3.24 -1.83
CA VAL A 77 -10.59 2.61 -1.23
C VAL A 77 -10.44 1.21 -1.81
N PRO A 78 -9.26 0.86 -2.37
CA PRO A 78 -9.04 -0.46 -2.97
C PRO A 78 -9.11 -1.63 -2.05
N THR A 79 -10.27 -2.05 -1.55
CA THR A 79 -10.18 -3.24 -0.77
C THR A 79 -10.63 -4.41 -1.63
N ILE A 80 -9.62 -5.14 -2.03
CA ILE A 80 -9.70 -6.39 -2.76
C ILE A 80 -8.83 -7.35 -1.94
N PHE A 81 -9.14 -8.64 -1.81
CA PHE A 81 -8.28 -9.51 -1.00
C PHE A 81 -8.31 -9.08 0.46
N GLY A 1 20.54 -4.46 1.00
CA GLY A 1 19.13 -4.49 1.47
C GLY A 1 18.30 -3.35 0.90
N SER A 2 16.99 -3.43 1.07
CA SER A 2 16.09 -2.40 0.56
C SER A 2 15.06 -2.01 1.62
N PRO A 3 14.68 -0.71 1.67
CA PRO A 3 13.70 -0.21 2.64
C PRO A 3 12.27 -0.58 2.25
N GLY A 4 11.99 -1.87 2.10
CA GLY A 4 10.66 -2.30 1.73
C GLY A 4 9.56 -1.74 2.64
N PHE A 5 8.29 -2.09 2.40
CA PHE A 5 7.20 -1.57 3.24
C PHE A 5 5.94 -2.48 3.28
N THR A 6 5.93 -3.60 2.56
CA THR A 6 4.76 -4.52 2.56
C THR A 6 3.47 -3.85 2.06
N CYS A 7 2.90 -4.35 0.94
CA CYS A 7 1.65 -3.79 0.40
C CYS A 7 0.46 -4.56 0.97
N CYS A 8 0.67 -5.21 2.12
CA CYS A 8 -0.41 -5.99 2.71
C CYS A 8 -0.98 -6.87 1.60
N VAL A 9 -0.08 -7.26 0.70
CA VAL A 9 -0.38 -8.05 -0.47
C VAL A 9 -0.49 -9.53 -0.13
N PRO A 10 -1.74 -10.03 0.00
CA PRO A 10 -1.97 -11.45 0.28
C PRO A 10 -1.67 -12.27 -0.97
N GLY A 11 -1.57 -11.55 -2.07
CA GLY A 11 -1.29 -12.16 -3.35
C GLY A 11 -1.28 -11.15 -4.49
N CYS A 12 -1.55 -9.86 -4.19
CA CYS A 12 -1.57 -8.88 -5.26
C CYS A 12 -0.20 -8.74 -5.92
N TYR A 13 -0.21 -8.89 -7.24
CA TYR A 13 0.95 -8.83 -8.12
C TYR A 13 2.31 -8.60 -7.44
N ASN A 14 2.41 -7.51 -6.70
CA ASN A 14 3.67 -7.12 -6.09
C ASN A 14 3.60 -6.89 -4.56
N ASN A 15 4.75 -6.98 -3.84
CA ASN A 15 4.73 -6.74 -2.42
C ASN A 15 5.44 -5.38 -2.14
N SER A 16 5.10 -4.63 -1.05
CA SER A 16 5.72 -3.34 -0.81
C SER A 16 7.16 -3.48 -0.26
N HIS A 17 7.58 -4.70 0.14
CA HIS A 17 8.93 -4.90 0.68
C HIS A 17 9.60 -6.15 0.09
N ARG A 18 8.83 -6.96 -0.64
CA ARG A 18 9.37 -8.18 -1.21
C ARG A 18 9.62 -8.06 -2.71
N ASP A 19 9.88 -6.84 -3.18
CA ASP A 19 10.14 -6.62 -4.60
C ASP A 19 10.60 -5.19 -4.92
N LYS A 20 9.75 -4.20 -4.69
CA LYS A 20 10.07 -2.80 -4.97
C LYS A 20 10.32 -2.55 -6.48
N ALA A 21 9.94 -3.53 -7.30
CA ALA A 21 10.15 -3.45 -8.76
C ALA A 21 8.85 -3.28 -9.62
N LEU A 22 7.78 -4.05 -9.35
CA LEU A 22 6.54 -3.98 -10.14
C LEU A 22 6.01 -2.49 -10.16
N HIS A 23 4.69 -2.22 -10.31
CA HIS A 23 4.24 -0.83 -10.37
C HIS A 23 3.75 -0.37 -8.99
N PHE A 24 4.00 0.90 -8.60
CA PHE A 24 3.56 1.36 -7.30
C PHE A 24 2.77 2.69 -7.39
N TYR A 25 1.51 2.76 -6.87
CA TYR A 25 0.75 4.00 -6.88
C TYR A 25 1.15 4.84 -5.65
N THR A 26 0.97 6.18 -5.67
CA THR A 26 1.38 7.00 -4.54
C THR A 26 0.18 7.42 -3.68
N PHE A 27 0.46 8.06 -2.54
CA PHE A 27 -0.57 8.41 -1.57
C PHE A 27 -1.24 9.81 -1.75
N PRO A 28 -2.61 9.90 -1.65
CA PRO A 28 -3.35 11.18 -1.77
C PRO A 28 -2.67 12.32 -0.98
N LYS A 29 -3.19 13.55 -1.12
CA LYS A 29 -2.61 14.71 -0.42
C LYS A 29 -3.20 14.87 0.99
N ASP A 30 -4.39 14.34 1.17
CA ASP A 30 -5.10 14.43 2.45
C ASP A 30 -4.58 13.37 3.42
N ALA A 31 -3.94 13.79 4.52
CA ALA A 31 -3.38 12.87 5.50
C ALA A 31 -4.33 11.68 5.82
N GLU A 32 -5.48 11.89 6.46
CA GLU A 32 -6.38 10.76 6.80
C GLU A 32 -6.65 9.85 5.63
N LEU A 33 -7.29 10.30 4.55
CA LEU A 33 -7.50 9.38 3.46
C LEU A 33 -6.28 8.48 3.31
N ARG A 34 -5.13 9.12 3.50
CA ARG A 34 -3.84 8.43 3.43
C ARG A 34 -3.79 7.28 4.39
N ARG A 35 -3.95 7.57 5.66
CA ARG A 35 -3.94 6.52 6.64
C ARG A 35 -4.95 5.48 6.26
N LEU A 36 -6.06 5.88 5.63
CA LEU A 36 -7.03 4.86 5.23
C LEU A 36 -6.38 3.85 4.32
N TRP A 37 -5.68 4.32 3.30
CA TRP A 37 -5.02 3.38 2.44
C TRP A 37 -4.03 2.56 3.23
N LEU A 38 -3.32 3.20 4.20
CA LEU A 38 -2.38 2.47 5.03
C LEU A 38 -2.99 1.09 5.26
N LYS A 39 -4.25 1.07 5.75
CA LYS A 39 -4.96 -0.16 5.99
C LYS A 39 -4.80 -1.17 4.85
N ASN A 40 -5.33 -0.84 3.69
CA ASN A 40 -5.29 -1.74 2.53
C ASN A 40 -3.88 -2.18 2.17
N VAL A 41 -2.98 -1.24 2.22
CA VAL A 41 -1.61 -1.50 1.84
C VAL A 41 -0.75 -2.17 2.90
N SER A 42 -1.10 -2.08 4.19
CA SER A 42 -0.25 -2.70 5.23
C SER A 42 -0.31 -1.88 6.55
N ARG A 43 0.63 -0.92 6.80
CA ARG A 43 0.60 -0.13 8.04
C ARG A 43 1.26 -0.89 9.21
N ALA A 44 1.17 -2.22 9.17
CA ALA A 44 1.73 -3.06 10.23
C ALA A 44 3.25 -2.84 10.40
N GLY A 45 3.68 -1.65 10.87
CA GLY A 45 5.10 -1.41 11.04
C GLY A 45 5.50 -1.28 12.50
N VAL A 46 5.08 -2.25 13.31
CA VAL A 46 5.39 -2.26 14.73
C VAL A 46 6.93 -2.20 14.96
N SER A 47 7.58 -1.03 14.76
CA SER A 47 9.03 -0.90 14.94
C SER A 47 9.71 -2.24 15.31
N GLY A 48 9.60 -2.74 16.60
CA GLY A 48 10.22 -4.01 16.96
C GLY A 48 11.56 -4.23 16.27
N CYS A 49 11.53 -4.92 15.13
CA CYS A 49 12.74 -5.21 14.37
C CYS A 49 12.65 -4.57 12.97
N PHE A 50 13.27 -5.21 11.99
CA PHE A 50 13.26 -4.72 10.61
C PHE A 50 11.89 -4.17 10.19
N SER A 51 10.77 -4.78 10.71
CA SER A 51 9.43 -4.32 10.34
C SER A 51 9.15 -2.87 10.78
N THR A 52 9.94 -1.92 10.28
CA THR A 52 9.76 -0.51 10.63
C THR A 52 9.55 0.34 9.37
N PHE A 53 8.51 0.02 8.60
CA PHE A 53 8.24 0.77 7.37
C PHE A 53 7.30 1.95 7.60
N GLN A 54 7.43 2.59 8.77
CA GLN A 54 6.60 3.77 9.13
C GLN A 54 5.93 4.39 7.91
N PRO A 55 4.61 4.67 7.97
CA PRO A 55 3.88 5.28 6.85
C PRO A 55 4.30 6.71 6.60
N THR A 56 4.75 7.41 7.65
CA THR A 56 5.19 8.79 7.50
C THR A 56 6.16 8.91 6.32
N THR A 57 7.05 7.90 6.13
CA THR A 57 7.99 7.93 5.01
C THR A 57 7.25 8.03 3.68
N GLY A 58 6.03 7.47 3.63
CA GLY A 58 5.26 7.52 2.41
C GLY A 58 4.92 6.13 1.85
N HIS A 59 3.80 5.48 2.26
CA HIS A 59 3.48 4.16 1.72
C HIS A 59 2.83 4.30 0.35
N ARG A 60 3.18 3.36 -0.52
CA ARG A 60 2.71 3.32 -1.89
C ARG A 60 1.79 2.09 -2.09
N LEU A 61 1.09 1.99 -3.25
CA LEU A 61 0.14 0.90 -3.52
C LEU A 61 0.65 0.02 -4.72
N CYS A 62 0.23 -1.27 -4.86
CA CYS A 62 0.72 -2.10 -5.97
C CYS A 62 -0.45 -2.57 -6.95
N SER A 63 -0.08 -3.26 -8.04
CA SER A 63 -0.94 -3.66 -9.18
C SER A 63 -2.38 -4.14 -8.99
N VAL A 64 -2.52 -5.44 -8.85
CA VAL A 64 -3.82 -6.14 -8.89
C VAL A 64 -4.87 -5.85 -7.81
N HIS A 65 -4.99 -4.62 -7.39
CA HIS A 65 -6.03 -4.30 -6.40
C HIS A 65 -6.75 -3.00 -6.73
N PHE A 66 -7.10 -2.84 -8.01
CA PHE A 66 -7.82 -1.65 -8.45
C PHE A 66 -9.03 -2.07 -9.32
N GLN A 67 -9.96 -1.14 -9.62
CA GLN A 67 -11.10 -1.48 -10.46
C GLN A 67 -10.87 -0.87 -11.86
N GLY A 68 -11.38 -1.47 -12.98
CA GLY A 68 -11.17 -0.88 -14.32
C GLY A 68 -9.91 -0.03 -14.45
N GLY A 69 -9.89 1.18 -13.86
CA GLY A 69 -8.73 2.04 -13.95
C GLY A 69 -9.00 3.44 -13.43
N ARG A 70 -7.95 4.15 -13.02
CA ARG A 70 -8.07 5.50 -12.49
C ARG A 70 -9.21 5.58 -11.46
N LYS A 71 -9.20 4.63 -10.52
CA LYS A 71 -10.21 4.55 -9.47
C LYS A 71 -11.03 5.84 -9.34
N THR A 72 -12.34 5.72 -9.52
CA THR A 72 -13.24 6.87 -9.44
C THR A 72 -14.61 6.45 -8.93
N TYR A 73 -15.10 7.15 -7.90
CA TYR A 73 -16.39 6.83 -7.31
C TYR A 73 -16.41 5.35 -6.89
N THR A 74 -17.49 4.89 -6.23
CA THR A 74 -17.59 3.48 -5.79
C THR A 74 -16.28 2.99 -5.17
N VAL A 75 -15.21 2.94 -5.97
CA VAL A 75 -13.91 2.48 -5.48
C VAL A 75 -13.20 3.62 -4.73
N ARG A 76 -13.35 3.67 -3.39
CA ARG A 76 -12.71 4.72 -2.61
C ARG A 76 -11.34 4.28 -2.10
N VAL A 77 -11.25 3.05 -1.58
CA VAL A 77 -9.99 2.53 -1.08
C VAL A 77 -9.74 1.12 -1.65
N PRO A 78 -8.58 0.90 -2.31
CA PRO A 78 -8.25 -0.40 -2.92
C PRO A 78 -8.22 -1.60 -2.02
N THR A 79 -9.26 -1.90 -1.25
CA THR A 79 -9.11 -3.14 -0.53
C THR A 79 -10.02 -4.20 -1.13
N ILE A 80 -9.37 -5.12 -1.84
CA ILE A 80 -10.00 -6.31 -2.40
C ILE A 80 -9.20 -7.54 -1.96
N PHE A 81 -9.60 -8.26 -0.93
CA PHE A 81 -8.84 -9.46 -0.52
C PHE A 81 -9.64 -10.27 0.49
N GLY A 1 18.74 2.99 0.47
CA GLY A 1 18.87 1.51 0.32
C GLY A 1 17.66 0.77 0.84
N SER A 2 16.51 1.44 0.84
CA SER A 2 15.26 0.82 1.32
C SER A 2 14.96 -0.45 0.53
N PRO A 3 14.88 -1.60 1.21
CA PRO A 3 14.59 -2.88 0.56
C PRO A 3 13.10 -3.08 0.28
N GLY A 4 12.28 -2.11 0.66
CA GLY A 4 10.85 -2.22 0.42
C GLY A 4 10.02 -1.87 1.66
N PHE A 5 8.68 -2.01 1.58
CA PHE A 5 7.83 -1.65 2.73
C PHE A 5 6.62 -2.60 2.95
N THR A 6 6.50 -3.65 2.15
CA THR A 6 5.40 -4.64 2.26
C THR A 6 4.01 -4.05 1.96
N CYS A 7 3.38 -4.50 0.86
CA CYS A 7 2.04 -4.04 0.47
C CYS A 7 1.01 -4.91 1.16
N CYS A 8 1.44 -5.71 2.14
CA CYS A 8 0.49 -6.59 2.80
C CYS A 8 -0.21 -7.36 1.69
N VAL A 9 0.55 -7.54 0.60
CA VAL A 9 0.11 -8.21 -0.61
C VAL A 9 0.04 -9.71 -0.40
N PRO A 10 -1.18 -10.24 -0.20
CA PRO A 10 -1.40 -11.67 -0.01
C PRO A 10 -1.53 -12.38 -1.34
N GLY A 11 -1.85 -11.61 -2.38
CA GLY A 11 -2.01 -12.19 -3.68
C GLY A 11 -2.11 -11.16 -4.80
N CYS A 12 -1.87 -9.86 -4.52
CA CYS A 12 -1.97 -8.89 -5.60
C CYS A 12 -0.87 -9.17 -6.66
N TYR A 13 -0.31 -8.15 -7.28
CA TYR A 13 0.67 -8.35 -8.34
C TYR A 13 2.11 -8.28 -7.83
N ASN A 14 2.38 -7.21 -7.12
CA ASN A 14 3.72 -6.89 -6.61
C ASN A 14 3.72 -6.70 -5.09
N ASN A 15 4.86 -6.85 -4.40
CA ASN A 15 4.87 -6.67 -2.97
C ASN A 15 5.62 -5.36 -2.62
N SER A 16 5.30 -4.65 -1.49
CA SER A 16 5.96 -3.41 -1.16
C SER A 16 7.42 -3.64 -0.70
N HIS A 17 7.73 -4.83 -0.13
CA HIS A 17 9.09 -5.14 0.35
C HIS A 17 9.54 -6.55 -0.05
N ARG A 18 9.51 -6.86 -1.34
CA ARG A 18 9.94 -8.18 -1.81
C ARG A 18 10.16 -8.22 -3.32
N ASP A 19 10.16 -7.05 -3.96
CA ASP A 19 10.36 -6.95 -5.41
C ASP A 19 10.77 -5.54 -5.83
N LYS A 20 9.83 -4.62 -5.77
CA LYS A 20 10.07 -3.24 -6.14
C LYS A 20 10.37 -3.09 -7.63
N ALA A 21 10.12 -4.14 -8.41
CA ALA A 21 10.37 -4.09 -9.85
C ALA A 21 9.07 -4.05 -10.68
N LEU A 22 7.93 -3.74 -10.05
CA LEU A 22 6.65 -3.69 -10.77
C LEU A 22 6.06 -2.23 -10.75
N HIS A 23 4.81 -1.92 -10.28
CA HIS A 23 4.32 -0.55 -10.30
C HIS A 23 3.82 -0.13 -8.90
N PHE A 24 4.00 1.13 -8.48
CA PHE A 24 3.53 1.55 -7.16
C PHE A 24 2.68 2.84 -7.21
N TYR A 25 1.46 2.87 -6.61
CA TYR A 25 0.64 4.09 -6.59
C TYR A 25 1.07 4.95 -5.39
N THR A 26 0.87 6.29 -5.44
CA THR A 26 1.31 7.14 -4.34
C THR A 26 0.14 7.62 -3.46
N PHE A 27 0.48 8.31 -2.36
CA PHE A 27 -0.51 8.73 -1.37
C PHE A 27 -1.19 10.11 -1.60
N PRO A 28 -2.56 10.19 -1.58
CA PRO A 28 -3.32 11.45 -1.76
C PRO A 28 -2.73 12.64 -0.96
N LYS A 29 -3.28 13.84 -1.16
CA LYS A 29 -2.80 15.03 -0.46
C LYS A 29 -3.33 15.09 0.97
N ASP A 30 -4.50 14.53 1.17
CA ASP A 30 -5.14 14.51 2.48
C ASP A 30 -4.57 13.37 3.33
N ALA A 31 -3.88 13.72 4.42
CA ALA A 31 -3.25 12.73 5.29
C ALA A 31 -4.20 11.52 5.62
N GLU A 32 -5.34 11.76 6.25
CA GLU A 32 -6.24 10.64 6.58
C GLU A 32 -6.60 9.78 5.42
N LEU A 33 -7.25 10.29 4.38
CA LEU A 33 -7.58 9.42 3.27
C LEU A 33 -6.46 8.44 3.05
N ARG A 34 -5.25 8.94 3.16
CA ARG A 34 -4.09 8.07 2.93
C ARG A 34 -3.92 7.11 4.04
N ARG A 35 -3.97 7.59 5.27
CA ARG A 35 -3.85 6.69 6.38
C ARG A 35 -4.86 5.58 6.17
N LEU A 36 -6.02 5.89 5.58
CA LEU A 36 -6.98 4.81 5.32
C LEU A 36 -6.35 3.80 4.42
N TRP A 37 -5.77 4.28 3.35
CA TRP A 37 -5.08 3.40 2.45
C TRP A 37 -4.03 2.62 3.19
N LEU A 38 -3.29 3.29 4.12
CA LEU A 38 -2.27 2.62 4.88
C LEU A 38 -2.80 1.22 5.18
N LYS A 39 -4.01 1.16 5.77
CA LYS A 39 -4.66 -0.07 6.08
C LYS A 39 -4.56 -1.12 4.96
N ASN A 40 -5.19 -0.83 3.84
CA ASN A 40 -5.23 -1.75 2.71
C ASN A 40 -3.86 -2.23 2.25
N VAL A 41 -2.90 -1.34 2.26
CA VAL A 41 -1.57 -1.67 1.79
C VAL A 41 -0.69 -2.43 2.76
N SER A 42 -0.93 -2.33 4.06
CA SER A 42 -0.04 -3.01 5.02
C SER A 42 -0.02 -2.26 6.39
N ARG A 43 0.98 -1.40 6.70
CA ARG A 43 1.00 -0.70 7.99
C ARG A 43 1.22 -1.67 9.16
N ALA A 44 0.39 -2.72 9.25
CA ALA A 44 0.50 -3.70 10.33
C ALA A 44 1.71 -4.63 10.12
N GLY A 45 2.96 -4.14 10.31
CA GLY A 45 4.12 -5.01 10.11
C GLY A 45 4.02 -6.32 10.85
N VAL A 46 3.69 -6.25 12.12
CA VAL A 46 3.57 -7.45 12.96
C VAL A 46 4.84 -8.29 12.89
N SER A 47 5.97 -7.64 12.68
CA SER A 47 7.22 -8.35 12.57
C SER A 47 8.43 -7.40 12.69
N GLY A 48 8.56 -6.37 11.80
CA GLY A 48 9.68 -5.46 11.90
C GLY A 48 9.94 -5.00 13.32
N CYS A 49 11.19 -5.00 13.74
CA CYS A 49 11.57 -4.58 15.08
C CYS A 49 12.33 -3.26 15.07
N PHE A 50 12.83 -2.87 13.90
CA PHE A 50 13.58 -1.63 13.77
C PHE A 50 12.73 -0.52 13.15
N SER A 51 12.22 -0.72 11.91
CA SER A 51 11.40 0.32 11.26
C SER A 51 10.01 -0.21 10.93
N THR A 52 9.91 -1.49 10.62
CA THR A 52 8.62 -2.10 10.27
C THR A 52 8.01 -1.39 9.06
N PHE A 53 8.87 -1.03 8.11
CA PHE A 53 8.45 -0.34 6.89
C PHE A 53 7.52 0.85 7.21
N GLN A 54 7.63 1.38 8.44
CA GLN A 54 6.81 2.53 8.89
C GLN A 54 6.30 3.38 7.71
N PRO A 55 5.02 3.81 7.76
CA PRO A 55 4.43 4.63 6.70
C PRO A 55 5.02 6.03 6.65
N THR A 56 5.74 6.42 7.71
CA THR A 56 6.38 7.73 7.75
C THR A 56 7.16 7.96 6.45
N THR A 57 7.93 6.95 5.98
CA THR A 57 8.69 7.08 4.76
C THR A 57 7.78 7.36 3.57
N GLY A 58 6.51 7.01 3.70
CA GLY A 58 5.56 7.24 2.60
C GLY A 58 5.06 5.92 1.99
N HIS A 59 3.94 5.33 2.48
CA HIS A 59 3.49 4.07 1.90
C HIS A 59 2.73 4.29 0.60
N ARG A 60 3.06 3.46 -0.37
CA ARG A 60 2.48 3.47 -1.71
C ARG A 60 1.67 2.17 -1.87
N LEU A 61 0.85 2.02 -2.93
CA LEU A 61 0.05 0.79 -3.10
C LEU A 61 0.52 0.05 -4.38
N CYS A 62 0.27 -1.29 -4.51
CA CYS A 62 0.75 -2.00 -5.69
C CYS A 62 -0.39 -2.36 -6.70
N SER A 63 -0.01 -2.96 -7.84
CA SER A 63 -0.87 -3.20 -9.01
C SER A 63 -2.33 -3.66 -8.88
N VAL A 64 -2.51 -4.95 -8.90
CA VAL A 64 -3.84 -5.60 -9.02
C VAL A 64 -4.86 -5.41 -7.90
N HIS A 65 -4.92 -4.24 -7.31
CA HIS A 65 -5.90 -3.98 -6.25
C HIS A 65 -7.12 -3.21 -6.79
N PHE A 66 -6.93 -1.99 -7.35
CA PHE A 66 -8.04 -1.23 -7.89
C PHE A 66 -8.87 -2.10 -8.85
N GLN A 67 -10.11 -1.69 -9.21
CA GLN A 67 -10.91 -2.49 -10.12
C GLN A 67 -10.93 -1.85 -11.54
N GLY A 68 -10.20 -2.36 -12.57
CA GLY A 68 -10.27 -1.75 -13.90
C GLY A 68 -10.13 -0.22 -13.88
N GLY A 69 -10.21 0.39 -15.07
CA GLY A 69 -10.11 1.85 -15.21
C GLY A 69 -9.01 2.49 -14.34
N ARG A 70 -9.28 2.83 -13.06
CA ARG A 70 -8.28 3.47 -12.21
C ARG A 70 -8.97 3.99 -10.96
N LYS A 71 -9.80 3.14 -10.35
CA LYS A 71 -10.55 3.50 -9.15
C LYS A 71 -11.19 4.88 -9.31
N THR A 72 -12.46 4.90 -9.71
CA THR A 72 -13.18 6.14 -9.91
C THR A 72 -13.67 6.75 -8.58
N TYR A 73 -14.99 6.75 -8.35
CA TYR A 73 -15.54 7.31 -7.13
C TYR A 73 -16.15 6.23 -6.24
N THR A 74 -16.99 5.39 -6.82
CA THR A 74 -17.63 4.30 -6.09
C THR A 74 -16.61 3.54 -5.24
N VAL A 75 -15.37 3.51 -5.73
CA VAL A 75 -14.29 2.83 -5.02
C VAL A 75 -13.40 3.86 -4.30
N ARG A 76 -13.69 4.13 -3.01
CA ARG A 76 -12.89 5.11 -2.27
C ARG A 76 -11.55 4.51 -1.85
N VAL A 77 -11.56 3.29 -1.30
CA VAL A 77 -10.32 2.65 -0.89
C VAL A 77 -10.24 1.23 -1.47
N PRO A 78 -9.13 0.90 -2.18
CA PRO A 78 -8.96 -0.43 -2.80
C PRO A 78 -8.95 -1.60 -1.86
N THR A 79 -10.10 -2.07 -1.33
CA THR A 79 -9.92 -3.25 -0.54
C THR A 79 -10.35 -4.45 -1.39
N ILE A 80 -9.31 -5.14 -1.82
CA ILE A 80 -9.36 -6.37 -2.55
C ILE A 80 -8.48 -7.32 -1.75
N PHE A 81 -8.75 -8.61 -1.62
CA PHE A 81 -7.86 -9.47 -0.82
C PHE A 81 -7.88 -9.03 0.64
N GLY A 1 20.16 -4.08 5.85
CA GLY A 1 18.87 -3.64 6.47
C GLY A 1 17.66 -4.29 5.82
N SER A 2 16.71 -3.47 5.40
CA SER A 2 15.50 -3.97 4.75
C SER A 2 14.75 -2.84 4.05
N PRO A 3 15.12 -2.55 2.78
CA PRO A 3 14.49 -1.49 2.01
C PRO A 3 13.13 -1.90 1.43
N GLY A 4 12.24 -2.38 2.29
CA GLY A 4 10.92 -2.79 1.83
C GLY A 4 9.84 -2.53 2.89
N PHE A 5 8.56 -2.80 2.57
CA PHE A 5 7.47 -2.56 3.52
C PHE A 5 6.35 -3.63 3.46
N THR A 6 5.99 -4.04 2.24
CA THR A 6 4.91 -5.03 1.98
C THR A 6 3.57 -4.32 1.71
N CYS A 7 2.98 -4.54 0.51
CA CYS A 7 1.71 -3.91 0.12
C CYS A 7 0.56 -4.62 0.80
N CYS A 8 0.84 -5.41 1.84
CA CYS A 8 -0.23 -6.17 2.45
C CYS A 8 -0.83 -7.00 1.31
N VAL A 9 0.04 -7.22 0.32
CA VAL A 9 -0.28 -7.93 -0.90
C VAL A 9 -0.38 -9.42 -0.63
N PRO A 10 -1.62 -9.93 -0.49
CA PRO A 10 -1.85 -11.35 -0.27
C PRO A 10 -1.55 -12.14 -1.53
N GLY A 11 -1.62 -11.43 -2.64
CA GLY A 11 -1.35 -12.02 -3.92
C GLY A 11 -1.72 -11.09 -5.07
N CYS A 12 -1.83 -9.78 -4.80
CA CYS A 12 -2.18 -8.85 -5.87
C CYS A 12 -1.17 -8.94 -7.02
N TYR A 13 -0.29 -7.95 -7.16
CA TYR A 13 0.68 -7.98 -8.26
C TYR A 13 2.12 -8.05 -7.72
N ASN A 14 2.48 -6.98 -7.04
CA ASN A 14 3.81 -6.77 -6.46
C ASN A 14 3.72 -6.51 -4.95
N ASN A 15 4.81 -6.71 -4.17
CA ASN A 15 4.68 -6.45 -2.74
C ASN A 15 5.45 -5.14 -2.38
N SER A 16 5.17 -4.51 -1.21
CA SER A 16 5.82 -3.27 -0.86
C SER A 16 7.22 -3.51 -0.25
N HIS A 17 7.63 -4.79 -0.08
CA HIS A 17 8.95 -5.09 0.48
C HIS A 17 9.64 -6.23 -0.29
N ARG A 18 8.85 -7.13 -0.84
CA ARG A 18 9.38 -8.28 -1.56
C ARG A 18 9.35 -8.08 -3.07
N ASP A 19 9.76 -6.89 -3.50
CA ASP A 19 9.79 -6.57 -4.93
C ASP A 19 10.45 -5.21 -5.18
N LYS A 20 9.80 -4.14 -4.76
CA LYS A 20 10.31 -2.77 -4.94
C LYS A 20 10.69 -2.50 -6.40
N ALA A 21 10.23 -3.39 -7.28
CA ALA A 21 10.53 -3.30 -8.73
C ALA A 21 9.30 -3.06 -9.65
N LEU A 22 8.20 -3.84 -9.50
CA LEU A 22 7.00 -3.71 -10.34
C LEU A 22 6.48 -2.23 -10.29
N HIS A 23 5.19 -1.91 -10.53
CA HIS A 23 4.77 -0.52 -10.52
C HIS A 23 4.15 -0.16 -9.15
N PHE A 24 4.33 1.08 -8.67
CA PHE A 24 3.79 1.46 -7.37
C PHE A 24 2.96 2.77 -7.43
N TYR A 25 1.74 2.79 -6.86
CA TYR A 25 0.92 4.01 -6.84
C TYR A 25 1.33 4.85 -5.63
N THR A 26 1.09 6.18 -5.63
CA THR A 26 1.51 7.01 -4.51
C THR A 26 0.33 7.39 -3.61
N PHE A 27 0.61 8.00 -2.45
CA PHE A 27 -0.41 8.33 -1.48
C PHE A 27 -1.14 9.68 -1.71
N PRO A 28 -2.51 9.70 -1.70
CA PRO A 28 -3.29 10.94 -1.92
C PRO A 28 -2.69 12.14 -1.15
N LYS A 29 -3.22 13.36 -1.39
CA LYS A 29 -2.69 14.55 -0.72
C LYS A 29 -3.38 14.78 0.62
N ASP A 30 -4.54 14.18 0.80
CA ASP A 30 -5.29 14.32 2.04
C ASP A 30 -4.76 13.33 3.08
N ALA A 31 -4.17 13.84 4.16
CA ALA A 31 -3.59 12.98 5.19
C ALA A 31 -4.51 11.77 5.55
N GLU A 32 -5.67 11.98 6.16
CA GLU A 32 -6.54 10.84 6.53
C GLU A 32 -6.76 9.87 5.41
N LEU A 33 -7.39 10.23 4.29
CA LEU A 33 -7.57 9.25 3.25
C LEU A 33 -6.33 8.36 3.19
N ARG A 34 -5.19 9.01 3.37
CA ARG A 34 -3.88 8.33 3.35
C ARG A 34 -3.82 7.27 4.40
N ARG A 35 -4.02 7.67 5.63
CA ARG A 35 -4.00 6.71 6.70
C ARG A 35 -4.96 5.61 6.41
N LEU A 36 -6.09 5.93 5.76
CA LEU A 36 -7.03 4.85 5.44
C LEU A 36 -6.33 3.81 4.61
N TRP A 37 -5.64 4.24 3.59
CA TRP A 37 -4.93 3.32 2.76
C TRP A 37 -3.94 2.56 3.59
N LEU A 38 -3.23 3.27 4.51
CA LEU A 38 -2.27 2.61 5.36
C LEU A 38 -2.84 1.23 5.71
N LYS A 39 -4.10 1.21 6.21
CA LYS A 39 -4.75 -0.02 6.56
C LYS A 39 -4.66 -1.09 5.47
N ASN A 40 -5.27 -0.84 4.33
CA ASN A 40 -5.31 -1.81 3.25
C ASN A 40 -3.95 -2.18 2.72
N VAL A 41 -3.02 -1.28 2.84
CA VAL A 41 -1.70 -1.50 2.31
C VAL A 41 -0.78 -2.36 3.17
N SER A 42 -1.00 -2.46 4.48
CA SER A 42 -0.09 -3.26 5.34
C SER A 42 -0.06 -2.70 6.78
N ARG A 43 0.95 -1.89 7.20
CA ARG A 43 0.98 -1.35 8.56
C ARG A 43 1.16 -2.47 9.61
N ALA A 44 0.28 -3.46 9.58
CA ALA A 44 0.35 -4.57 10.53
C ALA A 44 1.51 -5.53 10.19
N GLY A 45 2.79 -5.13 10.42
CA GLY A 45 3.90 -6.01 10.09
C GLY A 45 4.04 -7.20 11.04
N VAL A 46 2.91 -7.70 11.54
CA VAL A 46 2.92 -8.84 12.46
C VAL A 46 4.05 -8.75 13.50
N SER A 47 4.11 -7.62 14.22
CA SER A 47 5.15 -7.43 15.22
C SER A 47 4.70 -6.41 16.29
N GLY A 48 4.34 -5.14 15.90
CA GLY A 48 3.93 -4.18 16.90
C GLY A 48 5.10 -3.53 17.60
N CYS A 49 5.85 -4.33 18.36
CA CYS A 49 7.02 -3.82 19.09
C CYS A 49 8.04 -3.25 18.12
N PHE A 50 8.06 -3.80 16.89
CA PHE A 50 9.00 -3.35 15.87
C PHE A 50 8.40 -2.19 15.06
N SER A 51 7.23 -2.40 14.40
CA SER A 51 6.62 -1.34 13.61
C SER A 51 7.56 -0.86 12.52
N THR A 52 8.12 -1.81 11.77
CA THR A 52 9.06 -1.50 10.70
C THR A 52 8.31 -0.88 9.50
N PHE A 53 9.06 -0.50 8.45
CA PHE A 53 8.48 0.09 7.25
C PHE A 53 7.51 1.23 7.59
N GLN A 54 7.73 1.90 8.72
CA GLN A 54 6.88 3.02 9.15
C GLN A 54 6.34 3.81 7.95
N PRO A 55 5.05 4.18 7.96
CA PRO A 55 4.44 4.93 6.86
C PRO A 55 4.96 6.37 6.78
N THR A 56 5.65 6.81 7.82
CA THR A 56 6.22 8.15 7.85
C THR A 56 6.94 8.45 6.53
N THR A 57 7.75 7.48 6.03
CA THR A 57 8.47 7.68 4.78
C THR A 57 7.50 7.89 3.62
N GLY A 58 6.29 7.35 3.75
CA GLY A 58 5.30 7.50 2.69
C GLY A 58 4.99 6.15 2.00
N HIS A 59 3.90 5.42 2.37
CA HIS A 59 3.64 4.14 1.71
C HIS A 59 2.96 4.33 0.36
N ARG A 60 3.33 3.45 -0.55
CA ARG A 60 2.81 3.44 -1.92
C ARG A 60 1.96 2.16 -2.10
N LEU A 61 1.18 2.05 -3.19
CA LEU A 61 0.34 0.87 -3.38
C LEU A 61 0.74 0.08 -4.68
N CYS A 62 0.43 -1.25 -4.80
CA CYS A 62 0.84 -2.00 -5.99
C CYS A 62 -0.35 -2.26 -6.98
N SER A 63 -0.08 -2.89 -8.15
CA SER A 63 -1.02 -3.07 -9.26
C SER A 63 -2.38 -3.75 -9.02
N VAL A 64 -2.46 -4.91 -9.66
CA VAL A 64 -3.65 -5.79 -9.81
C VAL A 64 -4.67 -5.81 -8.67
N HIS A 65 -5.01 -4.65 -8.19
CA HIS A 65 -6.00 -4.55 -7.09
C HIS A 65 -7.35 -3.99 -7.56
N PHE A 66 -7.39 -2.75 -8.11
CA PHE A 66 -8.62 -2.15 -8.56
C PHE A 66 -9.38 -3.10 -9.52
N GLN A 67 -10.67 -2.83 -9.81
CA GLN A 67 -11.40 -3.69 -10.73
C GLN A 67 -11.43 -3.03 -12.14
N GLY A 68 -10.67 -3.49 -13.18
CA GLY A 68 -10.74 -2.83 -14.48
C GLY A 68 -9.82 -1.61 -14.58
N GLY A 69 -10.16 -0.48 -13.94
CA GLY A 69 -9.30 0.70 -14.01
C GLY A 69 -10.03 1.98 -13.62
N ARG A 70 -9.27 2.96 -13.14
CA ARG A 70 -9.85 4.24 -12.72
C ARG A 70 -10.79 4.02 -11.53
N LYS A 71 -10.28 3.34 -10.51
CA LYS A 71 -11.05 3.04 -9.31
C LYS A 71 -11.85 4.26 -8.82
N THR A 72 -13.15 4.24 -9.10
CA THR A 72 -14.06 5.31 -8.70
C THR A 72 -15.50 4.89 -8.91
N TYR A 73 -16.40 5.48 -8.11
CA TYR A 73 -17.84 5.18 -8.22
C TYR A 73 -18.22 3.92 -7.43
N THR A 74 -17.33 3.45 -6.56
CA THR A 74 -17.62 2.25 -5.77
C THR A 74 -16.49 1.91 -4.79
N VAL A 75 -15.28 1.85 -5.31
CA VAL A 75 -14.12 1.49 -4.50
C VAL A 75 -13.38 2.73 -3.98
N ARG A 76 -13.21 2.81 -2.67
CA ARG A 76 -12.49 3.94 -2.07
C ARG A 76 -11.08 3.55 -1.67
N VAL A 77 -10.91 2.34 -1.13
CA VAL A 77 -9.60 1.86 -0.71
C VAL A 77 -9.29 0.50 -1.38
N PRO A 78 -8.13 0.37 -2.06
CA PRO A 78 -7.74 -0.86 -2.77
C PRO A 78 -7.79 -2.13 -1.99
N THR A 79 -8.92 -2.53 -1.45
CA THR A 79 -8.85 -3.82 -0.85
C THR A 79 -9.64 -4.82 -1.68
N ILE A 80 -8.88 -5.66 -2.37
CA ILE A 80 -9.40 -6.77 -3.13
C ILE A 80 -8.66 -8.03 -2.66
N PHE A 81 -9.20 -8.82 -1.76
CA PHE A 81 -8.50 -10.02 -1.32
C PHE A 81 -9.44 -10.95 -0.58
N GLY A 1 12.72 7.64 -2.55
CA GLY A 1 12.20 7.27 -1.21
C GLY A 1 13.00 6.15 -0.57
N SER A 2 12.32 5.06 -0.22
CA SER A 2 12.97 3.92 0.41
C SER A 2 13.06 2.74 -0.55
N PRO A 3 13.83 1.71 -0.20
CA PRO A 3 13.99 0.52 -1.04
C PRO A 3 12.79 -0.43 -0.96
N GLY A 4 11.79 -0.07 -0.15
CA GLY A 4 10.61 -0.90 0.00
C GLY A 4 9.84 -0.58 1.26
N PHE A 5 8.70 -1.26 1.51
CA PHE A 5 7.91 -0.99 2.71
C PHE A 5 7.00 -2.17 3.11
N THR A 6 6.38 -2.82 2.12
CA THR A 6 5.46 -3.97 2.30
C THR A 6 3.99 -3.58 2.03
N CYS A 7 3.43 -4.08 0.90
CA CYS A 7 2.04 -3.78 0.53
C CYS A 7 1.10 -4.67 1.31
N CYS A 8 1.64 -5.47 2.23
CA CYS A 8 0.79 -6.39 2.96
C CYS A 8 0.01 -7.16 1.90
N VAL A 9 0.72 -7.36 0.78
CA VAL A 9 0.20 -8.01 -0.40
C VAL A 9 0.09 -9.51 -0.17
N PRO A 10 -1.15 -9.99 0.08
CA PRO A 10 -1.40 -11.41 0.32
C PRO A 10 -1.28 -12.20 -0.97
N GLY A 11 -1.19 -11.47 -2.07
CA GLY A 11 -1.06 -12.09 -3.36
C GLY A 11 -1.51 -11.19 -4.50
N CYS A 12 -1.64 -9.88 -4.25
CA CYS A 12 -2.08 -8.98 -5.32
C CYS A 12 -1.20 -9.19 -6.55
N TYR A 13 -0.15 -8.40 -6.70
CA TYR A 13 0.74 -8.51 -7.85
C TYR A 13 2.18 -8.33 -7.45
N ASN A 14 2.41 -7.20 -6.82
CA ASN A 14 3.71 -6.73 -6.40
C ASN A 14 3.76 -6.46 -4.88
N ASN A 15 4.93 -6.49 -4.23
CA ASN A 15 4.96 -6.24 -2.80
C ASN A 15 5.60 -4.83 -2.54
N SER A 16 5.27 -4.13 -1.42
CA SER A 16 5.80 -2.79 -1.17
C SER A 16 7.28 -2.82 -0.70
N HIS A 17 7.76 -3.96 -0.12
CA HIS A 17 9.14 -4.05 0.36
C HIS A 17 9.83 -5.35 -0.11
N ARG A 18 10.11 -5.52 -1.42
CA ARG A 18 10.78 -6.72 -1.88
C ARG A 18 11.60 -6.49 -3.17
N ASP A 19 10.95 -6.38 -4.34
CA ASP A 19 11.69 -6.21 -5.60
C ASP A 19 11.99 -4.76 -5.99
N LYS A 20 11.14 -3.82 -5.64
CA LYS A 20 11.32 -2.42 -6.02
C LYS A 20 11.40 -2.31 -7.55
N ALA A 21 11.06 -3.39 -8.25
CA ALA A 21 11.07 -3.39 -9.73
C ALA A 21 9.67 -3.64 -10.30
N LEU A 22 8.63 -3.31 -9.53
CA LEU A 22 7.24 -3.49 -9.96
C LEU A 22 6.55 -2.11 -10.12
N HIS A 23 5.21 -2.07 -10.31
CA HIS A 23 4.53 -0.79 -10.49
C HIS A 23 3.89 -0.35 -9.14
N PHE A 24 4.08 0.92 -8.70
CA PHE A 24 3.51 1.33 -7.42
C PHE A 24 2.67 2.64 -7.51
N TYR A 25 1.53 2.72 -6.78
CA TYR A 25 0.72 3.94 -6.74
C TYR A 25 1.21 4.82 -5.58
N THR A 26 0.99 6.14 -5.60
CA THR A 26 1.47 7.00 -4.51
C THR A 26 0.30 7.44 -3.61
N PHE A 27 0.64 8.12 -2.49
CA PHE A 27 -0.37 8.48 -1.49
C PHE A 27 -1.02 9.88 -1.64
N PRO A 28 -2.39 9.97 -1.60
CA PRO A 28 -3.12 11.26 -1.71
C PRO A 28 -2.45 12.37 -0.86
N LYS A 29 -2.93 13.61 -0.97
CA LYS A 29 -2.36 14.73 -0.21
C LYS A 29 -3.07 14.90 1.13
N ASP A 30 -4.26 14.32 1.25
CA ASP A 30 -5.04 14.41 2.48
C ASP A 30 -4.56 13.34 3.47
N ALA A 31 -3.98 13.77 4.60
CA ALA A 31 -3.46 12.84 5.59
C ALA A 31 -4.41 11.62 5.85
N GLU A 32 -5.59 11.81 6.44
CA GLU A 32 -6.48 10.67 6.71
C GLU A 32 -6.69 9.77 5.52
N LEU A 33 -7.30 10.24 4.43
CA LEU A 33 -7.48 9.34 3.31
C LEU A 33 -6.25 8.45 3.20
N ARG A 34 -5.10 9.06 3.44
CA ARG A 34 -3.81 8.37 3.40
C ARG A 34 -3.79 7.23 4.36
N ARG A 35 -4.00 7.52 5.62
CA ARG A 35 -3.99 6.47 6.60
C ARG A 35 -4.99 5.43 6.20
N LEU A 36 -6.09 5.83 5.57
CA LEU A 36 -7.05 4.82 5.12
C LEU A 36 -6.38 3.84 4.19
N TRP A 37 -5.65 4.34 3.20
CA TRP A 37 -4.95 3.42 2.33
C TRP A 37 -3.98 2.59 3.14
N LEU A 38 -3.30 3.21 4.14
CA LEU A 38 -2.38 2.47 4.97
C LEU A 38 -2.97 1.08 5.15
N LYS A 39 -4.24 1.04 5.61
CA LYS A 39 -4.93 -0.21 5.79
C LYS A 39 -4.76 -1.18 4.62
N ASN A 40 -5.27 -0.82 3.45
CA ASN A 40 -5.22 -1.69 2.27
C ASN A 40 -3.80 -2.08 1.91
N VAL A 41 -2.90 -1.13 2.05
CA VAL A 41 -1.51 -1.37 1.68
C VAL A 41 -0.68 -2.13 2.68
N SER A 42 -1.05 -2.15 3.96
CA SER A 42 -0.20 -2.81 4.95
C SER A 42 -0.36 -2.13 6.34
N ARG A 43 0.52 -1.18 6.76
CA ARG A 43 0.36 -0.51 8.05
C ARG A 43 0.74 -1.40 9.24
N ALA A 44 0.68 -2.73 9.05
CA ALA A 44 1.00 -3.69 10.10
C ALA A 44 2.18 -3.25 11.00
N GLY A 45 2.01 -2.18 11.82
CA GLY A 45 3.10 -1.73 12.67
C GLY A 45 2.83 -0.38 13.30
N VAL A 46 1.84 -0.29 14.18
CA VAL A 46 1.50 0.96 14.83
C VAL A 46 1.07 0.73 16.29
N SER A 47 1.90 0.02 17.05
CA SER A 47 1.58 -0.26 18.45
C SER A 47 2.81 -0.88 19.17
N GLY A 48 3.35 -2.04 18.67
CA GLY A 48 4.49 -2.64 19.34
C GLY A 48 5.77 -1.83 19.16
N CYS A 49 5.70 -0.78 18.34
CA CYS A 49 6.86 0.07 18.08
C CYS A 49 7.88 -0.66 17.22
N PHE A 50 7.41 -1.56 16.37
CA PHE A 50 8.28 -2.32 15.49
C PHE A 50 8.97 -1.39 14.49
N SER A 51 8.20 -0.57 13.74
CA SER A 51 8.80 0.35 12.76
C SER A 51 9.34 -0.42 11.57
N THR A 52 8.72 -1.55 11.25
CA THR A 52 9.15 -2.38 10.14
C THR A 52 9.09 -1.60 8.83
N PHE A 53 8.07 -0.76 8.70
CA PHE A 53 7.91 0.05 7.49
C PHE A 53 7.11 1.33 7.78
N GLN A 54 7.54 2.10 8.77
CA GLN A 54 6.87 3.36 9.15
C GLN A 54 6.27 4.09 7.94
N PRO A 55 4.95 4.38 7.94
CA PRO A 55 4.31 5.08 6.81
C PRO A 55 4.78 6.51 6.66
N THR A 56 5.41 7.05 7.71
CA THR A 56 5.93 8.41 7.66
C THR A 56 6.80 8.58 6.41
N THR A 57 7.67 7.59 6.09
CA THR A 57 8.51 7.68 4.92
C THR A 57 7.68 7.85 3.65
N GLY A 58 6.44 7.37 3.68
CA GLY A 58 5.57 7.48 2.52
C GLY A 58 5.19 6.11 1.94
N HIS A 59 4.08 5.47 2.38
CA HIS A 59 3.72 4.17 1.82
C HIS A 59 3.02 4.34 0.48
N ARG A 60 3.31 3.41 -0.42
CA ARG A 60 2.78 3.39 -1.77
C ARG A 60 1.83 2.18 -1.92
N LEU A 61 1.09 2.09 -3.02
CA LEU A 61 0.11 0.99 -3.23
C LEU A 61 0.59 0.12 -4.42
N CYS A 62 0.14 -1.15 -4.55
CA CYS A 62 0.61 -1.98 -5.66
C CYS A 62 -0.52 -2.39 -6.64
N SER A 63 -0.14 -3.06 -7.72
CA SER A 63 -0.97 -3.40 -8.89
C SER A 63 -2.44 -3.82 -8.77
N VAL A 64 -2.62 -5.11 -8.64
CA VAL A 64 -3.97 -5.74 -8.76
C VAL A 64 -5.00 -5.58 -7.64
N HIS A 65 -5.03 -4.46 -6.97
CA HIS A 65 -6.06 -4.27 -5.93
C HIS A 65 -6.90 -3.03 -6.21
N PHE A 66 -7.17 -2.80 -7.51
CA PHE A 66 -7.97 -1.66 -7.96
C PHE A 66 -9.22 -2.16 -8.73
N GLN A 67 -10.36 -2.47 -8.07
CA GLN A 67 -11.51 -2.97 -8.80
C GLN A 67 -12.04 -1.89 -9.80
N GLY A 68 -11.79 -1.97 -11.15
CA GLY A 68 -12.32 -0.96 -12.06
C GLY A 68 -12.29 0.47 -11.52
N GLY A 69 -12.86 1.42 -12.28
CA GLY A 69 -12.91 2.80 -11.84
C GLY A 69 -11.60 3.58 -12.03
N ARG A 70 -10.54 3.28 -11.24
CA ARG A 70 -9.29 4.03 -11.36
C ARG A 70 -9.48 5.41 -10.76
N LYS A 71 -10.31 5.45 -9.71
CA LYS A 71 -10.63 6.67 -8.99
C LYS A 71 -11.65 7.52 -9.74
N THR A 72 -12.91 7.35 -9.36
CA THR A 72 -14.01 8.08 -9.97
C THR A 72 -15.07 8.45 -8.93
N TYR A 73 -15.72 7.44 -8.35
CA TYR A 73 -16.74 7.68 -7.33
C TYR A 73 -16.89 6.49 -6.39
N THR A 74 -17.35 5.37 -6.93
CA THR A 74 -17.56 4.16 -6.14
C THR A 74 -16.24 3.65 -5.57
N VAL A 75 -15.24 3.56 -6.42
CA VAL A 75 -13.92 3.07 -6.05
C VAL A 75 -13.12 4.19 -5.34
N ARG A 76 -13.17 4.22 -4.01
CA ARG A 76 -12.43 5.23 -3.25
C ARG A 76 -11.14 4.65 -2.67
N VAL A 77 -11.26 3.48 -2.04
CA VAL A 77 -10.09 2.84 -1.43
C VAL A 77 -9.95 1.37 -1.89
N PRO A 78 -8.78 0.99 -2.45
CA PRO A 78 -8.51 -0.39 -2.95
C PRO A 78 -8.68 -1.50 -1.96
N THR A 79 -9.91 -1.91 -1.59
CA THR A 79 -9.91 -3.04 -0.73
C THR A 79 -10.40 -4.29 -1.47
N ILE A 80 -9.41 -5.11 -1.73
CA ILE A 80 -9.51 -6.45 -2.28
C ILE A 80 -8.75 -7.30 -1.28
N PHE A 81 -9.12 -8.55 -1.00
CA PHE A 81 -8.36 -9.33 0.01
C PHE A 81 -8.55 -8.73 1.39
N GLY A 1 16.55 3.86 -3.56
CA GLY A 1 15.27 3.32 -3.00
C GLY A 1 15.38 2.97 -1.53
N SER A 2 14.36 2.29 -1.01
CA SER A 2 14.34 1.88 0.38
C SER A 2 14.18 0.37 0.51
N PRO A 3 14.28 -0.17 1.74
CA PRO A 3 14.16 -1.61 1.98
C PRO A 3 12.72 -2.10 1.87
N GLY A 4 12.08 -1.84 0.73
CA GLY A 4 10.71 -2.27 0.53
C GLY A 4 9.76 -1.76 1.62
N PHE A 5 8.46 -2.09 1.54
CA PHE A 5 7.50 -1.63 2.55
C PHE A 5 6.25 -2.54 2.75
N THR A 6 6.17 -3.66 2.03
CA THR A 6 5.03 -4.61 2.15
C THR A 6 3.67 -3.96 1.80
N CYS A 7 3.04 -4.40 0.68
CA CYS A 7 1.74 -3.86 0.25
C CYS A 7 0.64 -4.64 0.96
N CYS A 8 1.01 -5.48 1.91
CA CYS A 8 0.01 -6.29 2.56
C CYS A 8 -0.64 -7.07 1.42
N VAL A 9 0.18 -7.27 0.39
CA VAL A 9 -0.20 -7.93 -0.84
C VAL A 9 -0.32 -9.43 -0.62
N PRO A 10 -1.56 -9.92 -0.46
CA PRO A 10 -1.82 -11.33 -0.25
C PRO A 10 -1.61 -12.11 -1.55
N GLY A 11 -1.90 -11.43 -2.65
CA GLY A 11 -1.74 -12.03 -3.94
C GLY A 11 -2.01 -11.06 -5.08
N CYS A 12 -1.88 -9.75 -4.83
CA CYS A 12 -2.13 -8.80 -5.91
C CYS A 12 -1.07 -9.00 -7.01
N TYR A 13 -0.43 -7.92 -7.49
CA TYR A 13 0.55 -8.06 -8.57
C TYR A 13 1.97 -8.08 -8.05
N ASN A 14 2.29 -7.03 -7.34
CA ASN A 14 3.62 -6.78 -6.80
C ASN A 14 3.59 -6.59 -5.27
N ASN A 15 4.70 -6.80 -4.55
CA ASN A 15 4.65 -6.61 -3.11
C ASN A 15 5.40 -5.32 -2.72
N SER A 16 5.07 -4.65 -1.58
CA SER A 16 5.72 -3.41 -1.20
C SER A 16 7.17 -3.66 -0.72
N HIS A 17 7.46 -4.82 -0.08
CA HIS A 17 8.81 -5.11 0.41
C HIS A 17 9.25 -6.54 0.12
N ARG A 18 8.97 -7.02 -1.08
CA ARG A 18 9.37 -8.38 -1.46
C ARG A 18 9.71 -8.47 -2.95
N ASP A 19 9.89 -7.31 -3.60
CA ASP A 19 10.22 -7.28 -5.03
C ASP A 19 10.74 -5.91 -5.45
N LYS A 20 9.84 -4.94 -5.49
CA LYS A 20 10.19 -3.58 -5.88
C LYS A 20 10.57 -3.48 -7.36
N ALA A 21 10.29 -4.53 -8.14
CA ALA A 21 10.63 -4.52 -9.56
C ALA A 21 9.40 -4.37 -10.50
N LEU A 22 8.22 -4.03 -9.94
CA LEU A 22 7.01 -3.88 -10.75
C LEU A 22 6.51 -2.39 -10.63
N HIS A 23 5.18 -2.05 -10.72
CA HIS A 23 4.75 -0.65 -10.66
C HIS A 23 4.20 -0.29 -9.26
N PHE A 24 4.32 0.99 -8.84
CA PHE A 24 3.79 1.38 -7.54
C PHE A 24 2.91 2.66 -7.64
N TYR A 25 1.84 2.76 -6.84
CA TYR A 25 0.97 3.95 -6.83
C TYR A 25 1.36 4.81 -5.63
N THR A 26 1.09 6.12 -5.62
CA THR A 26 1.49 6.96 -4.49
C THR A 26 0.29 7.33 -3.61
N PHE A 27 0.58 7.95 -2.46
CA PHE A 27 -0.44 8.28 -1.47
C PHE A 27 -1.19 9.60 -1.74
N PRO A 28 -2.57 9.61 -1.73
CA PRO A 28 -3.35 10.84 -1.98
C PRO A 28 -2.77 12.06 -1.24
N LYS A 29 -3.30 13.27 -1.51
CA LYS A 29 -2.79 14.48 -0.87
C LYS A 29 -3.45 14.72 0.49
N ASP A 30 -4.62 14.12 0.69
CA ASP A 30 -5.35 14.26 1.94
C ASP A 30 -4.80 13.28 2.98
N ALA A 31 -4.20 13.81 4.05
CA ALA A 31 -3.62 12.96 5.08
C ALA A 31 -4.52 11.75 5.47
N GLU A 32 -5.67 11.95 6.08
CA GLU A 32 -6.54 10.82 6.47
C GLU A 32 -6.76 9.82 5.36
N LEU A 33 -7.40 10.18 4.25
CA LEU A 33 -7.58 9.19 3.21
C LEU A 33 -6.34 8.30 3.15
N ARG A 34 -5.20 8.95 3.32
CA ARG A 34 -3.90 8.27 3.31
C ARG A 34 -3.83 7.22 4.36
N ARG A 35 -4.03 7.62 5.59
CA ARG A 35 -3.99 6.69 6.67
C ARG A 35 -4.96 5.58 6.40
N LEU A 36 -6.09 5.89 5.74
CA LEU A 36 -7.03 4.81 5.43
C LEU A 36 -6.33 3.76 4.62
N TRP A 37 -5.65 4.19 3.58
CA TRP A 37 -4.94 3.26 2.78
C TRP A 37 -3.93 2.51 3.61
N LEU A 38 -3.23 3.24 4.53
CA LEU A 38 -2.27 2.58 5.39
C LEU A 38 -2.83 1.20 5.72
N LYS A 39 -4.08 1.18 6.22
CA LYS A 39 -4.73 -0.06 6.55
C LYS A 39 -4.62 -1.13 5.45
N ASN A 40 -5.24 -0.87 4.32
CA ASN A 40 -5.27 -1.83 3.21
C ASN A 40 -3.91 -2.19 2.69
N VAL A 41 -3.00 -1.27 2.81
CA VAL A 41 -1.67 -1.46 2.28
C VAL A 41 -0.73 -2.31 3.11
N SER A 42 -0.94 -2.42 4.43
CA SER A 42 0.01 -3.19 5.26
C SER A 42 0.15 -2.57 6.68
N ARG A 43 1.15 -1.69 6.95
CA ARG A 43 1.29 -1.09 8.28
C ARG A 43 1.68 -2.15 9.33
N ALA A 44 0.82 -3.14 9.55
CA ALA A 44 1.06 -4.19 10.52
C ALA A 44 2.10 -5.21 10.01
N GLY A 45 3.40 -4.85 9.91
CA GLY A 45 4.40 -5.79 9.41
C GLY A 45 4.26 -7.19 10.00
N VAL A 46 3.99 -7.26 11.30
CA VAL A 46 3.83 -8.53 12.01
C VAL A 46 4.88 -9.56 11.59
N SER A 47 6.17 -9.25 11.76
CA SER A 47 7.21 -10.20 11.38
C SER A 47 8.45 -10.08 12.29
N GLY A 48 9.10 -8.88 12.40
CA GLY A 48 10.28 -8.80 13.26
C GLY A 48 10.69 -7.37 13.55
N CYS A 49 9.74 -6.45 13.54
CA CYS A 49 10.02 -5.04 13.81
C CYS A 49 11.24 -4.56 13.01
N PHE A 50 12.32 -4.22 13.71
CA PHE A 50 13.55 -3.75 13.07
C PHE A 50 13.28 -2.41 12.34
N SER A 51 12.51 -2.44 11.23
CA SER A 51 12.21 -1.22 10.49
C SER A 51 10.70 -0.98 10.43
N THR A 52 9.94 -2.08 10.35
CA THR A 52 8.49 -1.99 10.29
C THR A 52 8.03 -1.18 9.08
N PHE A 53 8.93 -1.01 8.11
CA PHE A 53 8.63 -0.25 6.89
C PHE A 53 7.77 0.98 7.18
N GLN A 54 7.93 1.56 8.37
CA GLN A 54 7.16 2.75 8.79
C GLN A 54 6.57 3.51 7.60
N PRO A 55 5.27 3.89 7.67
CA PRO A 55 4.61 4.60 6.59
C PRO A 55 5.18 6.01 6.42
N THR A 56 5.73 6.57 7.49
CA THR A 56 6.32 7.90 7.44
C THR A 56 7.26 8.00 6.23
N THR A 57 8.07 6.94 5.97
CA THR A 57 8.97 6.94 4.83
C THR A 57 8.22 7.21 3.53
N GLY A 58 6.93 6.87 3.51
CA GLY A 58 6.14 7.09 2.31
C GLY A 58 5.60 5.78 1.72
N HIS A 59 4.47 5.24 2.23
CA HIS A 59 3.95 3.98 1.69
C HIS A 59 3.18 4.24 0.39
N ARG A 60 3.47 3.41 -0.60
CA ARG A 60 2.85 3.45 -1.91
C ARG A 60 1.99 2.19 -2.06
N LEU A 61 1.13 2.09 -3.08
CA LEU A 61 0.28 0.90 -3.22
C LEU A 61 0.62 0.16 -4.54
N CYS A 62 0.33 -1.15 -4.68
CA CYS A 62 0.73 -1.89 -5.86
C CYS A 62 -0.45 -2.18 -6.85
N SER A 63 -0.13 -2.82 -8.00
CA SER A 63 -1.02 -2.99 -9.14
C SER A 63 -2.43 -3.60 -8.95
N VAL A 64 -2.53 -4.81 -9.48
CA VAL A 64 -3.77 -5.62 -9.65
C VAL A 64 -4.81 -5.57 -8.54
N HIS A 65 -5.08 -4.39 -8.07
CA HIS A 65 -6.09 -4.22 -7.01
C HIS A 65 -7.39 -3.55 -7.54
N PHE A 66 -7.32 -2.33 -8.08
CA PHE A 66 -8.52 -1.66 -8.57
C PHE A 66 -9.08 -2.46 -9.76
N GLN A 67 -10.29 -2.14 -10.23
CA GLN A 67 -10.83 -2.84 -11.36
C GLN A 67 -10.77 -1.93 -12.64
N GLY A 68 -9.82 -2.12 -13.61
CA GLY A 68 -9.79 -1.27 -14.81
C GLY A 68 -10.09 0.22 -14.58
N GLY A 69 -10.09 1.00 -15.68
CA GLY A 69 -10.38 2.43 -15.62
C GLY A 69 -9.47 3.25 -14.68
N ARG A 70 -9.75 3.29 -13.36
CA ARG A 70 -8.95 4.06 -12.42
C ARG A 70 -9.59 3.98 -11.04
N LYS A 71 -10.05 2.79 -10.72
CA LYS A 71 -10.71 2.52 -9.45
C LYS A 71 -11.92 3.43 -9.22
N THR A 72 -13.11 2.86 -9.34
CA THR A 72 -14.34 3.61 -9.13
C THR A 72 -15.57 2.73 -9.36
N TYR A 73 -16.74 3.34 -9.17
CA TYR A 73 -18.01 2.63 -9.34
C TYR A 73 -18.34 1.76 -8.13
N THR A 74 -17.42 1.69 -7.15
CA THR A 74 -17.65 0.88 -5.96
C THR A 74 -16.45 0.91 -5.01
N VAL A 75 -15.28 0.64 -5.55
CA VAL A 75 -14.06 0.58 -4.75
C VAL A 75 -13.36 1.94 -4.59
N ARG A 76 -13.10 2.33 -3.34
CA ARG A 76 -12.40 3.57 -3.07
C ARG A 76 -10.99 3.28 -2.54
N VAL A 77 -10.90 2.31 -1.63
CA VAL A 77 -9.62 1.91 -1.06
C VAL A 77 -9.21 0.53 -1.61
N PRO A 78 -7.99 0.39 -2.16
CA PRO A 78 -7.49 -0.86 -2.76
C PRO A 78 -7.61 -2.11 -1.94
N THR A 79 -8.77 -2.48 -1.44
CA THR A 79 -8.76 -3.75 -0.79
C THR A 79 -9.45 -4.77 -1.67
N ILE A 80 -8.63 -5.64 -2.25
CA ILE A 80 -9.10 -6.76 -3.03
C ILE A 80 -8.42 -8.01 -2.47
N PHE A 81 -9.06 -8.77 -1.60
CA PHE A 81 -8.40 -9.95 -1.05
C PHE A 81 -9.41 -10.87 -0.37
N GLY A 1 14.25 -2.27 9.55
CA GLY A 1 15.60 -2.42 8.94
C GLY A 1 15.60 -3.43 7.80
N SER A 2 15.16 -3.00 6.62
CA SER A 2 15.11 -3.89 5.46
C SER A 2 14.68 -3.11 4.21
N PRO A 3 15.17 -3.52 3.03
CA PRO A 3 14.83 -2.87 1.77
C PRO A 3 13.45 -3.24 1.27
N GLY A 4 12.42 -3.00 2.09
CA GLY A 4 11.07 -3.32 1.71
C GLY A 4 10.04 -2.76 2.70
N PHE A 5 8.74 -3.02 2.48
CA PHE A 5 7.72 -2.48 3.38
C PHE A 5 6.49 -3.40 3.53
N THR A 6 6.04 -4.01 2.43
CA THR A 6 4.87 -4.93 2.41
C THR A 6 3.59 -4.20 1.96
N CYS A 7 3.05 -4.59 0.79
CA CYS A 7 1.81 -3.98 0.27
C CYS A 7 0.61 -4.67 0.90
N CYS A 8 0.81 -5.42 1.98
CA CYS A 8 -0.32 -6.14 2.53
C CYS A 8 -0.84 -7.02 1.41
N VAL A 9 0.07 -7.28 0.47
CA VAL A 9 -0.21 -8.04 -0.73
C VAL A 9 -0.34 -9.52 -0.42
N PRO A 10 -1.59 -10.00 -0.33
CA PRO A 10 -1.87 -11.42 -0.09
C PRO A 10 -1.52 -12.23 -1.33
N GLY A 11 -1.26 -11.50 -2.40
CA GLY A 11 -0.91 -12.09 -3.67
C GLY A 11 -1.37 -11.23 -4.82
N CYS A 12 -1.63 -9.92 -4.57
CA CYS A 12 -2.08 -9.04 -5.64
C CYS A 12 -1.20 -9.20 -6.87
N TYR A 13 -0.20 -8.35 -7.01
CA TYR A 13 0.69 -8.39 -8.16
C TYR A 13 2.14 -8.39 -7.72
N ASN A 14 2.47 -7.31 -7.04
CA ASN A 14 3.80 -7.02 -6.54
C ASN A 14 3.74 -6.78 -5.02
N ASN A 15 4.83 -6.96 -4.26
CA ASN A 15 4.73 -6.73 -2.81
C ASN A 15 5.47 -5.44 -2.43
N SER A 16 5.22 -4.83 -1.24
CA SER A 16 5.87 -3.61 -0.88
C SER A 16 7.23 -3.89 -0.19
N HIS A 17 7.67 -5.17 -0.16
CA HIS A 17 8.94 -5.55 0.48
C HIS A 17 9.55 -6.81 -0.13
N ARG A 18 9.16 -7.18 -1.35
CA ARG A 18 9.68 -8.41 -1.96
C ARG A 18 10.20 -8.20 -3.39
N ASP A 19 10.31 -6.94 -3.82
CA ASP A 19 10.81 -6.65 -5.17
C ASP A 19 11.05 -5.16 -5.40
N LYS A 20 9.97 -4.39 -5.38
CA LYS A 20 10.05 -2.96 -5.61
C LYS A 20 10.41 -2.65 -7.08
N ALA A 21 10.36 -3.66 -7.96
CA ALA A 21 10.68 -3.47 -9.38
C ALA A 21 9.46 -3.47 -10.33
N LEU A 22 8.22 -3.50 -9.81
CA LEU A 22 7.03 -3.50 -10.67
C LEU A 22 6.34 -2.08 -10.61
N HIS A 23 4.99 -1.90 -10.62
CA HIS A 23 4.41 -0.56 -10.60
C HIS A 23 3.92 -0.20 -9.18
N PHE A 24 4.10 1.06 -8.72
CA PHE A 24 3.63 1.44 -7.41
C PHE A 24 2.78 2.75 -7.45
N TYR A 25 1.57 2.77 -6.82
CA TYR A 25 0.76 4.00 -6.78
C TYR A 25 1.24 4.84 -5.60
N THR A 26 1.03 6.17 -5.62
CA THR A 26 1.50 7.00 -4.51
C THR A 26 0.31 7.41 -3.61
N PHE A 27 0.60 8.03 -2.47
CA PHE A 27 -0.43 8.36 -1.50
C PHE A 27 -1.12 9.73 -1.70
N PRO A 28 -2.49 9.79 -1.68
CA PRO A 28 -3.24 11.05 -1.84
C PRO A 28 -2.61 12.20 -1.04
N LYS A 29 -3.09 13.45 -1.24
CA LYS A 29 -2.53 14.60 -0.53
C LYS A 29 -3.22 14.82 0.81
N ASP A 30 -4.40 14.24 0.96
CA ASP A 30 -5.16 14.36 2.20
C ASP A 30 -4.65 13.34 3.22
N ALA A 31 -4.06 13.81 4.32
CA ALA A 31 -3.50 12.91 5.33
C ALA A 31 -4.45 11.70 5.64
N GLU A 32 -5.63 11.93 6.24
CA GLU A 32 -6.53 10.81 6.57
C GLU A 32 -6.76 9.86 5.43
N LEU A 33 -7.37 10.26 4.32
CA LEU A 33 -7.55 9.30 3.26
C LEU A 33 -6.32 8.39 3.19
N ARG A 34 -5.18 9.01 3.40
CA ARG A 34 -3.89 8.31 3.39
C ARG A 34 -3.87 7.22 4.41
N ARG A 35 -4.08 7.58 5.64
CA ARG A 35 -4.08 6.59 6.69
C ARG A 35 -5.04 5.49 6.31
N LEU A 36 -6.15 5.86 5.66
CA LEU A 36 -7.09 4.80 5.26
C LEU A 36 -6.38 3.80 4.39
N TRP A 37 -5.67 4.28 3.39
CA TRP A 37 -4.94 3.37 2.55
C TRP A 37 -3.96 2.58 3.39
N LEU A 38 -3.30 3.26 4.37
CA LEU A 38 -2.36 2.57 5.24
C LEU A 38 -2.92 1.17 5.48
N LYS A 39 -4.18 1.11 5.94
CA LYS A 39 -4.84 -0.13 6.19
C LYS A 39 -4.70 -1.15 5.05
N ASN A 40 -5.24 -0.82 3.89
CA ASN A 40 -5.24 -1.72 2.73
C ASN A 40 -3.85 -2.11 2.28
N VAL A 41 -2.89 -1.23 2.49
CA VAL A 41 -1.54 -1.51 2.05
C VAL A 41 -0.69 -2.38 2.97
N SER A 42 -0.99 -2.47 4.27
CA SER A 42 -0.13 -3.30 5.15
C SER A 42 -0.39 -3.04 6.66
N ARG A 43 0.37 -2.20 7.40
CA ARG A 43 0.08 -2.02 8.83
C ARG A 43 0.89 -0.87 9.45
N ALA A 44 0.70 0.35 8.95
CA ALA A 44 1.40 1.54 9.46
C ALA A 44 1.66 1.48 10.98
N GLY A 45 2.57 0.60 11.45
CA GLY A 45 2.83 0.51 12.88
C GLY A 45 3.28 1.83 13.47
N VAL A 46 3.93 2.66 12.65
CA VAL A 46 4.41 3.96 13.09
C VAL A 46 5.42 3.80 14.22
N SER A 47 6.11 2.66 14.25
CA SER A 47 7.09 2.39 15.29
C SER A 47 7.90 1.11 14.96
N GLY A 48 7.24 -0.08 14.85
CA GLY A 48 8.01 -1.28 14.54
C GLY A 48 7.32 -2.55 15.04
N CYS A 49 7.19 -3.53 14.16
CA CYS A 49 6.56 -4.80 14.49
C CYS A 49 7.45 -5.97 14.11
N PHE A 50 7.70 -6.10 12.81
CA PHE A 50 8.54 -7.18 12.29
C PHE A 50 9.65 -6.61 11.39
N SER A 51 9.28 -5.90 10.31
CA SER A 51 10.29 -5.32 9.42
C SER A 51 10.46 -3.82 9.65
N THR A 52 9.53 -3.23 10.40
CA THR A 52 9.59 -1.80 10.69
C THR A 52 9.44 -0.98 9.40
N PHE A 53 8.36 -1.25 8.65
CA PHE A 53 8.09 -0.55 7.40
C PHE A 53 7.35 0.77 7.64
N GLN A 54 7.73 1.50 8.69
CA GLN A 54 7.09 2.78 9.02
C GLN A 54 6.61 3.53 7.77
N PRO A 55 5.35 4.03 7.78
CA PRO A 55 4.79 4.77 6.65
C PRO A 55 5.47 6.12 6.45
N THR A 56 6.15 6.60 7.49
CA THR A 56 6.85 7.87 7.40
C THR A 56 7.68 7.92 6.11
N THR A 57 8.42 6.83 5.81
CA THR A 57 9.23 6.77 4.59
C THR A 57 8.36 7.05 3.36
N GLY A 58 7.07 6.80 3.47
CA GLY A 58 6.16 7.03 2.36
C GLY A 58 5.61 5.72 1.77
N HIS A 59 4.46 5.19 2.26
CA HIS A 59 3.95 3.94 1.69
C HIS A 59 3.21 4.21 0.39
N ARG A 60 3.50 3.37 -0.57
CA ARG A 60 2.93 3.42 -1.91
C ARG A 60 2.03 2.17 -2.08
N LEU A 61 1.27 2.09 -3.17
CA LEU A 61 0.33 0.98 -3.39
C LEU A 61 0.75 0.13 -4.61
N CYS A 62 0.32 -1.16 -4.73
CA CYS A 62 0.75 -1.97 -5.86
C CYS A 62 -0.44 -2.32 -6.82
N SER A 63 -0.12 -2.99 -7.93
CA SER A 63 -1.02 -3.25 -9.07
C SER A 63 -2.47 -3.74 -8.89
N VAL A 64 -2.62 -5.04 -8.98
CA VAL A 64 -3.92 -5.75 -9.08
C VAL A 64 -4.95 -5.63 -7.96
N HIS A 65 -5.04 -4.49 -7.31
CA HIS A 65 -6.06 -4.30 -6.26
C HIS A 65 -6.85 -3.03 -6.53
N PHE A 66 -7.19 -2.84 -7.80
CA PHE A 66 -7.94 -1.68 -8.25
C PHE A 66 -9.17 -2.15 -9.07
N GLN A 67 -10.25 -2.64 -8.42
CA GLN A 67 -11.41 -3.12 -9.16
C GLN A 67 -12.05 -1.96 -9.98
N GLY A 68 -12.70 -2.21 -11.16
CA GLY A 68 -13.28 -1.10 -11.89
C GLY A 68 -12.25 -0.29 -12.69
N GLY A 69 -11.41 0.51 -12.01
CA GLY A 69 -10.43 1.31 -12.71
C GLY A 69 -10.52 2.78 -12.34
N ARG A 70 -9.37 3.44 -12.22
CA ARG A 70 -9.34 4.85 -11.84
C ARG A 70 -9.99 5.01 -10.47
N LYS A 71 -10.08 6.24 -9.95
CA LYS A 71 -10.68 6.44 -8.65
C LYS A 71 -11.96 7.24 -8.73
N THR A 72 -12.98 6.62 -9.33
CA THR A 72 -14.28 7.25 -9.48
C THR A 72 -14.96 7.45 -8.12
N TYR A 73 -16.25 7.13 -8.03
CA TYR A 73 -16.98 7.27 -6.77
C TYR A 73 -16.97 5.97 -5.96
N THR A 74 -17.24 4.86 -6.64
CA THR A 74 -17.26 3.56 -5.98
C THR A 74 -15.84 3.07 -5.72
N VAL A 75 -15.02 3.07 -6.77
CA VAL A 75 -13.63 2.61 -6.65
C VAL A 75 -12.74 3.78 -6.20
N ARG A 76 -12.51 3.90 -4.89
CA ARG A 76 -11.66 4.97 -4.37
C ARG A 76 -10.54 4.38 -3.52
N VAL A 77 -10.88 3.42 -2.65
CA VAL A 77 -9.88 2.78 -1.82
C VAL A 77 -9.65 1.34 -2.31
N PRO A 78 -8.39 0.98 -2.63
CA PRO A 78 -8.03 -0.36 -3.12
C PRO A 78 -8.31 -1.49 -2.19
N THR A 79 -9.56 -1.81 -1.89
CA THR A 79 -9.69 -2.96 -1.06
C THR A 79 -10.34 -4.13 -1.80
N ILE A 80 -9.45 -5.04 -2.08
CA ILE A 80 -9.68 -6.36 -2.62
C ILE A 80 -8.97 -7.26 -1.61
N PHE A 81 -9.43 -8.45 -1.29
CA PHE A 81 -8.72 -9.27 -0.29
C PHE A 81 -8.87 -8.65 1.10
N GLY A 1 17.40 4.27 0.12
CA GLY A 1 16.36 5.23 -0.34
C GLY A 1 15.04 4.55 -0.62
N SER A 2 15.10 3.27 -0.98
CA SER A 2 13.89 2.51 -1.28
C SER A 2 14.08 1.03 -0.93
N PRO A 3 14.20 0.73 0.37
CA PRO A 3 14.37 -0.64 0.86
C PRO A 3 13.07 -1.45 0.85
N GLY A 4 11.98 -0.81 0.44
CA GLY A 4 10.70 -1.48 0.40
C GLY A 4 9.81 -1.10 1.58
N PHE A 5 8.58 -1.64 1.66
CA PHE A 5 7.67 -1.30 2.76
C PHE A 5 6.59 -2.37 3.05
N THR A 6 6.39 -3.33 2.14
CA THR A 6 5.38 -4.40 2.32
C THR A 6 3.95 -3.89 2.05
N CYS A 7 3.38 -4.32 0.91
CA CYS A 7 2.02 -3.93 0.53
C CYS A 7 1.03 -4.83 1.23
N CYS A 8 1.51 -5.64 2.18
CA CYS A 8 0.62 -6.55 2.87
C CYS A 8 -0.14 -7.33 1.79
N VAL A 9 0.57 -7.51 0.68
CA VAL A 9 0.08 -8.18 -0.51
C VAL A 9 0.03 -9.69 -0.30
N PRO A 10 -1.19 -10.23 -0.07
CA PRO A 10 -1.37 -11.67 0.11
C PRO A 10 -1.47 -12.36 -1.23
N GLY A 11 -1.44 -11.56 -2.29
CA GLY A 11 -1.52 -12.10 -3.63
C GLY A 11 -1.53 -11.01 -4.69
N CYS A 12 -1.74 -9.75 -4.30
CA CYS A 12 -1.78 -8.69 -5.29
C CYS A 12 -0.44 -8.53 -6.02
N TYR A 13 -0.52 -8.59 -7.33
CA TYR A 13 0.60 -8.50 -8.26
C TYR A 13 2.00 -8.38 -7.64
N ASN A 14 2.25 -7.26 -7.01
CA ASN A 14 3.58 -6.93 -6.47
C ASN A 14 3.57 -6.62 -4.96
N ASN A 15 4.72 -6.71 -4.28
CA ASN A 15 4.73 -6.42 -2.84
C ASN A 15 5.41 -5.06 -2.60
N SER A 16 5.18 -4.41 -1.43
CA SER A 16 5.75 -3.09 -1.16
C SER A 16 7.25 -3.16 -0.80
N HIS A 17 7.80 -4.38 -0.58
CA HIS A 17 9.21 -4.51 -0.22
C HIS A 17 9.83 -5.84 -0.68
N ARG A 18 9.37 -6.41 -1.79
CA ARG A 18 9.94 -7.67 -2.24
C ARG A 18 10.95 -7.48 -3.38
N ASP A 19 10.56 -6.84 -4.49
CA ASP A 19 11.49 -6.68 -5.62
C ASP A 19 11.87 -5.24 -6.00
N LYS A 20 11.42 -4.20 -5.27
CA LYS A 20 11.73 -2.82 -5.61
C LYS A 20 11.72 -2.54 -7.12
N ALA A 21 11.17 -3.47 -7.91
CA ALA A 21 11.13 -3.29 -9.38
C ALA A 21 9.73 -3.50 -9.99
N LEU A 22 8.66 -3.34 -9.22
CA LEU A 22 7.29 -3.52 -9.74
C LEU A 22 6.60 -2.14 -9.88
N HIS A 23 5.26 -2.05 -10.08
CA HIS A 23 4.62 -0.75 -10.24
C HIS A 23 3.96 -0.31 -8.92
N PHE A 24 4.14 0.97 -8.49
CA PHE A 24 3.55 1.40 -7.23
C PHE A 24 2.73 2.72 -7.34
N TYR A 25 1.52 2.77 -6.75
CA TYR A 25 0.71 4.00 -6.76
C TYR A 25 1.14 4.86 -5.56
N THR A 26 0.95 6.19 -5.59
CA THR A 26 1.39 7.03 -4.47
C THR A 26 0.22 7.47 -3.59
N PHE A 27 0.54 8.12 -2.46
CA PHE A 27 -0.48 8.49 -1.47
C PHE A 27 -1.15 9.88 -1.66
N PRO A 28 -2.52 9.95 -1.64
CA PRO A 28 -3.27 11.21 -1.80
C PRO A 28 -2.65 12.37 -1.01
N LYS A 29 -3.18 13.60 -1.19
CA LYS A 29 -2.67 14.78 -0.50
C LYS A 29 -3.27 14.92 0.89
N ASP A 30 -4.45 14.38 1.06
CA ASP A 30 -5.17 14.46 2.34
C ASP A 30 -4.63 13.37 3.29
N ALA A 31 -4.00 13.81 4.40
CA ALA A 31 -3.43 12.88 5.37
C ALA A 31 -4.36 11.68 5.68
N GLU A 32 -5.52 11.87 6.32
CA GLU A 32 -6.40 10.73 6.65
C GLU A 32 -6.66 9.81 5.48
N LEU A 33 -7.30 10.25 4.40
CA LEU A 33 -7.49 9.33 3.30
C LEU A 33 -6.25 8.45 3.17
N ARG A 34 -5.12 9.09 3.36
CA ARG A 34 -3.82 8.43 3.31
C ARG A 34 -3.75 7.29 4.28
N ARG A 35 -3.92 7.60 5.55
CA ARG A 35 -3.88 6.57 6.54
C ARG A 35 -4.85 5.48 6.15
N LEU A 36 -5.97 5.86 5.53
CA LEU A 36 -6.93 4.83 5.13
C LEU A 36 -6.30 3.82 4.20
N TRP A 37 -5.61 4.29 3.18
CA TRP A 37 -4.97 3.37 2.27
C TRP A 37 -3.99 2.51 3.04
N LEU A 38 -3.27 3.12 4.02
CA LEU A 38 -2.35 2.36 4.84
C LEU A 38 -2.95 0.99 5.06
N LYS A 39 -4.17 0.98 5.61
CA LYS A 39 -4.88 -0.24 5.87
C LYS A 39 -4.75 -1.28 4.74
N ASN A 40 -5.28 -0.98 3.58
CA ASN A 40 -5.25 -1.93 2.46
C ASN A 40 -3.85 -2.37 2.09
N VAL A 41 -2.92 -1.45 2.13
CA VAL A 41 -1.56 -1.73 1.74
C VAL A 41 -0.71 -2.44 2.78
N SER A 42 -1.05 -2.35 4.07
CA SER A 42 -0.19 -2.97 5.08
C SER A 42 -0.48 -2.41 6.49
N ARG A 43 0.29 -1.43 7.06
CA ARG A 43 -0.05 -0.94 8.40
C ARG A 43 0.73 0.31 8.77
N ALA A 44 0.47 0.85 9.97
CA ALA A 44 1.13 2.06 10.45
C ALA A 44 2.21 1.75 11.52
N GLY A 45 3.42 1.28 11.15
CA GLY A 45 4.43 1.00 12.15
C GLY A 45 4.64 2.15 13.11
N VAL A 46 4.75 3.35 12.54
CA VAL A 46 4.96 4.57 13.32
C VAL A 46 5.87 4.35 14.53
N SER A 47 7.04 3.76 14.29
CA SER A 47 7.99 3.50 15.38
C SER A 47 9.43 3.35 14.83
N GLY A 48 9.68 2.38 13.89
CA GLY A 48 11.03 2.23 13.37
C GLY A 48 11.93 1.47 14.32
N CYS A 49 12.82 2.18 15.00
CA CYS A 49 13.75 1.57 15.95
C CYS A 49 14.69 0.61 15.23
N PHE A 50 14.21 -0.60 14.95
CA PHE A 50 15.01 -1.61 14.27
C PHE A 50 15.08 -1.34 12.76
N SER A 51 13.93 -1.46 12.04
CA SER A 51 13.93 -1.22 10.61
C SER A 51 12.54 -1.44 10.01
N THR A 52 11.52 -0.92 10.69
CA THR A 52 10.14 -1.05 10.23
C THR A 52 9.93 -0.25 8.94
N PHE A 53 8.74 -0.31 8.34
CA PHE A 53 8.48 0.42 7.11
C PHE A 53 7.61 1.65 7.37
N GLN A 54 7.82 2.29 8.53
CA GLN A 54 7.08 3.50 8.93
C GLN A 54 6.40 4.18 7.72
N PRO A 55 5.11 4.55 7.85
CA PRO A 55 4.38 5.21 6.77
C PRO A 55 4.86 6.64 6.55
N THR A 56 5.54 7.20 7.55
CA THR A 56 6.07 8.55 7.44
C THR A 56 6.84 8.68 6.11
N THR A 57 7.65 7.65 5.76
CA THR A 57 8.41 7.68 4.53
C THR A 57 7.47 7.83 3.33
N GLY A 58 6.23 7.37 3.49
CA GLY A 58 5.26 7.47 2.40
C GLY A 58 4.87 6.09 1.84
N HIS A 59 3.78 5.44 2.31
CA HIS A 59 3.43 4.13 1.76
C HIS A 59 2.69 4.30 0.44
N ARG A 60 3.02 3.44 -0.49
CA ARG A 60 2.45 3.43 -1.83
C ARG A 60 1.60 2.16 -1.99
N LEU A 61 0.80 2.02 -3.04
CA LEU A 61 -0.03 0.82 -3.21
C LEU A 61 0.46 0.04 -4.43
N CYS A 62 0.20 -1.29 -4.54
CA CYS A 62 0.67 -2.02 -5.69
C CYS A 62 -0.49 -2.36 -6.67
N SER A 63 -0.15 -2.95 -7.82
CA SER A 63 -1.03 -3.18 -8.98
C SER A 63 -2.51 -3.55 -8.81
N VAL A 64 -2.74 -4.83 -8.64
CA VAL A 64 -4.09 -5.43 -8.69
C VAL A 64 -5.06 -5.15 -7.54
N HIS A 65 -5.05 -3.98 -6.93
CA HIS A 65 -6.01 -3.74 -5.83
C HIS A 65 -7.23 -2.95 -6.27
N PHE A 66 -7.45 -2.79 -7.57
CA PHE A 66 -8.59 -2.03 -8.04
C PHE A 66 -9.45 -2.91 -8.97
N GLN A 67 -10.69 -2.51 -9.29
CA GLN A 67 -11.52 -3.31 -10.17
C GLN A 67 -11.23 -2.91 -11.65
N GLY A 68 -10.51 -3.70 -12.50
CA GLY A 68 -10.26 -3.25 -13.85
C GLY A 68 -9.19 -2.15 -13.93
N GLY A 69 -9.50 -0.92 -13.48
CA GLY A 69 -8.51 0.14 -13.53
C GLY A 69 -9.13 1.52 -13.35
N ARG A 70 -8.28 2.52 -13.10
CA ARG A 70 -8.75 3.90 -12.90
C ARG A 70 -9.91 3.95 -11.92
N LYS A 71 -9.76 3.26 -10.80
CA LYS A 71 -10.80 3.22 -9.77
C LYS A 71 -11.43 4.60 -9.58
N THR A 72 -12.65 4.75 -10.10
CA THR A 72 -13.39 6.00 -10.00
C THR A 72 -14.84 5.82 -10.45
N TYR A 73 -15.68 5.27 -9.58
CA TYR A 73 -17.09 5.04 -9.91
C TYR A 73 -17.83 4.43 -8.73
N THR A 74 -17.17 3.51 -8.05
CA THR A 74 -17.75 2.83 -6.90
C THR A 74 -16.69 2.49 -5.86
N VAL A 75 -15.44 2.79 -6.16
CA VAL A 75 -14.37 2.46 -5.24
C VAL A 75 -13.57 3.68 -4.79
N ARG A 76 -13.63 3.95 -3.49
CA ARG A 76 -12.87 5.06 -2.91
C ARG A 76 -11.53 4.54 -2.41
N VAL A 77 -11.59 3.48 -1.61
CA VAL A 77 -10.39 2.85 -1.09
C VAL A 77 -10.35 1.39 -1.58
N PRO A 78 -9.26 0.97 -2.25
CA PRO A 78 -9.16 -0.39 -2.79
C PRO A 78 -9.15 -1.52 -1.79
N THR A 79 -10.27 -1.90 -1.17
CA THR A 79 -10.11 -3.07 -0.35
C THR A 79 -10.67 -4.25 -1.12
N ILE A 80 -9.71 -5.02 -1.60
CA ILE A 80 -9.90 -6.29 -2.28
C ILE A 80 -9.00 -7.26 -1.52
N PHE A 81 -9.35 -8.53 -1.32
CA PHE A 81 -8.44 -9.42 -0.57
C PHE A 81 -8.27 -8.93 0.87
N GLY A 1 18.75 -5.55 6.21
CA GLY A 1 18.96 -4.55 5.12
C GLY A 1 18.06 -4.81 3.93
N SER A 2 16.98 -4.03 3.83
CA SER A 2 16.04 -4.19 2.73
C SER A 2 14.96 -3.10 2.79
N PRO A 3 14.92 -2.20 1.79
CA PRO A 3 13.93 -1.12 1.75
C PRO A 3 12.55 -1.60 1.32
N GLY A 4 12.01 -2.57 2.05
CA GLY A 4 10.69 -3.10 1.73
C GLY A 4 9.60 -2.46 2.60
N PHE A 5 8.33 -2.86 2.40
CA PHE A 5 7.24 -2.27 3.21
C PHE A 5 5.93 -3.11 3.24
N THR A 6 5.87 -4.22 2.51
CA THR A 6 4.65 -5.07 2.48
C THR A 6 3.43 -4.27 1.95
N CYS A 7 2.90 -4.67 0.78
CA CYS A 7 1.74 -3.99 0.17
C CYS A 7 0.47 -4.71 0.56
N CYS A 8 0.54 -5.46 1.66
CA CYS A 8 -0.62 -6.22 2.10
C CYS A 8 -1.05 -7.07 0.93
N VAL A 9 -0.07 -7.81 0.41
CA VAL A 9 -0.29 -8.63 -0.76
C VAL A 9 -0.70 -10.06 -0.38
N PRO A 10 -2.01 -10.35 -0.43
CA PRO A 10 -2.54 -11.68 -0.14
C PRO A 10 -2.34 -12.59 -1.35
N GLY A 11 -2.50 -11.99 -2.51
CA GLY A 11 -2.34 -12.69 -3.77
C GLY A 11 -2.35 -11.71 -4.94
N CYS A 12 -2.01 -10.46 -4.65
CA CYS A 12 -1.99 -9.41 -5.66
C CYS A 12 -0.95 -9.74 -6.75
N TYR A 13 -0.30 -8.71 -7.31
CA TYR A 13 0.69 -8.93 -8.35
C TYR A 13 2.11 -8.81 -7.83
N ASN A 14 2.35 -7.75 -7.09
CA ASN A 14 3.66 -7.41 -6.55
C ASN A 14 3.63 -7.26 -5.02
N ASN A 15 4.76 -7.44 -4.31
CA ASN A 15 4.75 -7.29 -2.85
C ASN A 15 5.51 -5.99 -2.47
N SER A 16 5.27 -5.39 -1.27
CA SER A 16 5.93 -4.14 -0.90
C SER A 16 7.34 -4.35 -0.26
N HIS A 17 7.70 -5.57 0.17
CA HIS A 17 9.01 -5.78 0.80
C HIS A 17 9.67 -7.09 0.35
N ARG A 18 9.28 -7.61 -0.81
CA ARG A 18 9.86 -8.85 -1.32
C ARG A 18 10.18 -8.75 -2.81
N ASP A 19 10.08 -7.55 -3.36
CA ASP A 19 10.35 -7.33 -4.78
C ASP A 19 10.69 -5.86 -5.04
N LYS A 20 9.68 -5.02 -4.98
CA LYS A 20 9.86 -3.59 -5.20
C LYS A 20 10.29 -3.30 -6.64
N ALA A 21 10.18 -4.29 -7.53
CA ALA A 21 10.57 -4.10 -8.93
C ALA A 21 9.38 -4.10 -9.90
N LEU A 22 8.14 -3.95 -9.41
CA LEU A 22 6.97 -3.96 -10.31
C LEU A 22 6.33 -2.52 -10.40
N HIS A 23 5.02 -2.25 -10.08
CA HIS A 23 4.50 -0.89 -10.21
C HIS A 23 3.98 -0.37 -8.86
N PHE A 24 4.22 0.91 -8.50
CA PHE A 24 3.75 1.40 -7.21
C PHE A 24 2.96 2.75 -7.32
N TYR A 25 1.68 2.81 -6.87
CA TYR A 25 0.91 4.05 -6.92
C TYR A 25 1.22 4.86 -5.65
N THR A 26 1.07 6.20 -5.65
CA THR A 26 1.45 6.98 -4.47
C THR A 26 0.25 7.45 -3.61
N PHE A 27 0.57 8.05 -2.45
CA PHE A 27 -0.42 8.46 -1.45
C PHE A 27 -1.11 9.84 -1.69
N PRO A 28 -2.48 9.91 -1.65
CA PRO A 28 -3.24 11.16 -1.82
C PRO A 28 -2.63 12.33 -1.02
N LYS A 29 -3.15 13.56 -1.21
CA LYS A 29 -2.63 14.73 -0.50
C LYS A 29 -3.32 14.92 0.84
N ASP A 30 -4.50 14.32 0.98
CA ASP A 30 -5.26 14.41 2.23
C ASP A 30 -4.74 13.38 3.24
N ALA A 31 -4.17 13.86 4.35
CA ALA A 31 -3.62 12.97 5.35
C ALA A 31 -4.53 11.74 5.66
N GLU A 32 -5.72 11.92 6.26
CA GLU A 32 -6.58 10.77 6.57
C GLU A 32 -6.78 9.83 5.42
N LEU A 33 -7.40 10.24 4.31
CA LEU A 33 -7.56 9.30 3.24
C LEU A 33 -6.30 8.42 3.14
N ARG A 34 -5.17 9.07 3.35
CA ARG A 34 -3.87 8.39 3.32
C ARG A 34 -3.81 7.30 4.35
N ARG A 35 -4.02 7.66 5.60
CA ARG A 35 -3.99 6.68 6.65
C ARG A 35 -4.94 5.57 6.30
N LEU A 36 -6.06 5.89 5.64
CA LEU A 36 -6.98 4.82 5.27
C LEU A 36 -6.26 3.80 4.44
N TRP A 37 -5.57 4.26 3.41
CA TRP A 37 -4.83 3.35 2.59
C TRP A 37 -3.86 2.58 3.43
N LEU A 38 -3.19 3.27 4.39
CA LEU A 38 -2.26 2.59 5.24
C LEU A 38 -2.81 1.20 5.53
N LYS A 39 -4.07 1.17 6.01
CA LYS A 39 -4.74 -0.07 6.30
C LYS A 39 -4.65 -1.11 5.18
N ASN A 40 -5.21 -0.79 4.03
CA ASN A 40 -5.25 -1.73 2.91
C ASN A 40 -3.91 -2.18 2.41
N VAL A 41 -2.90 -1.35 2.55
CA VAL A 41 -1.59 -1.71 2.03
C VAL A 41 -0.76 -2.62 2.92
N SER A 42 -1.04 -2.70 4.23
CA SER A 42 -0.18 -3.54 5.11
C SER A 42 -0.09 -2.93 6.54
N ARG A 43 0.88 -2.00 6.81
CA ARG A 43 0.99 -1.40 8.14
C ARG A 43 0.93 -2.43 9.27
N ALA A 44 1.49 -3.61 9.02
CA ALA A 44 1.51 -4.68 10.03
C ALA A 44 2.29 -4.22 11.29
N GLY A 45 1.77 -3.24 12.07
CA GLY A 45 2.49 -2.79 13.24
C GLY A 45 1.70 -1.75 14.03
N VAL A 46 0.79 -2.17 14.89
CA VAL A 46 0.00 -1.22 15.66
C VAL A 46 0.76 -0.65 16.85
N SER A 47 2.00 -0.24 16.62
CA SER A 47 2.81 0.32 17.70
C SER A 47 4.22 0.73 17.19
N GLY A 48 5.02 -0.24 16.64
CA GLY A 48 6.36 0.08 16.14
C GLY A 48 6.68 1.57 16.12
N CYS A 49 7.53 1.99 17.06
CA CYS A 49 7.92 3.40 17.14
C CYS A 49 9.39 3.57 16.76
N PHE A 50 9.85 2.77 15.82
CA PHE A 50 11.24 2.83 15.37
C PHE A 50 11.31 2.94 13.84
N SER A 51 10.84 1.89 13.11
CA SER A 51 10.87 1.93 11.65
C SER A 51 9.68 1.17 11.07
N THR A 52 9.82 -0.15 10.91
CA THR A 52 8.75 -0.97 10.37
C THR A 52 8.15 -0.34 9.11
N PHE A 53 9.00 -0.06 8.12
CA PHE A 53 8.56 0.56 6.87
C PHE A 53 7.63 1.75 7.14
N GLN A 54 7.88 2.43 8.26
CA GLN A 54 7.09 3.61 8.70
C GLN A 54 6.28 4.23 7.55
N PRO A 55 4.99 4.56 7.79
CA PRO A 55 4.14 5.16 6.77
C PRO A 55 4.55 6.59 6.44
N THR A 56 5.23 7.24 7.38
CA THR A 56 5.69 8.61 7.17
C THR A 56 6.36 8.72 5.79
N THR A 57 7.24 7.74 5.44
CA THR A 57 7.89 7.77 4.14
C THR A 57 6.87 7.86 3.02
N GLY A 58 5.65 7.40 3.30
CA GLY A 58 4.60 7.44 2.30
C GLY A 58 4.32 6.06 1.67
N HIS A 59 3.30 5.29 2.14
CA HIS A 59 3.07 3.98 1.52
C HIS A 59 2.30 4.15 0.22
N ARG A 60 2.68 3.33 -0.73
CA ARG A 60 2.10 3.34 -2.07
C ARG A 60 1.30 2.03 -2.26
N LEU A 61 0.49 1.91 -3.32
CA LEU A 61 -0.26 0.65 -3.52
C LEU A 61 0.24 0.02 -4.83
N CYS A 62 0.09 -1.31 -5.02
CA CYS A 62 0.68 -1.95 -6.19
C CYS A 62 -0.32 -2.48 -7.26
N SER A 63 0.29 -2.97 -8.35
CA SER A 63 -0.36 -3.47 -9.57
C SER A 63 -1.86 -3.71 -9.51
N VAL A 64 -2.24 -4.70 -8.77
CA VAL A 64 -3.65 -5.11 -8.77
C VAL A 64 -4.53 -4.54 -7.64
N HIS A 65 -3.97 -3.77 -6.72
CA HIS A 65 -4.80 -3.18 -5.67
C HIS A 65 -5.83 -2.21 -6.25
N PHE A 66 -5.66 -1.82 -7.53
CA PHE A 66 -6.58 -0.88 -8.18
C PHE A 66 -7.45 -1.60 -9.25
N GLN A 67 -8.53 -0.95 -9.74
CA GLN A 67 -9.36 -1.55 -10.78
C GLN A 67 -9.05 -0.85 -12.15
N GLY A 68 -8.31 -1.47 -13.12
CA GLY A 68 -8.06 -0.77 -14.37
C GLY A 68 -7.12 0.43 -14.22
N GLY A 69 -7.57 1.52 -13.58
CA GLY A 69 -6.71 2.69 -13.42
C GLY A 69 -7.46 3.91 -12.92
N ARG A 70 -6.73 4.87 -12.33
CA ARG A 70 -7.35 6.09 -11.80
C ARG A 70 -8.60 5.75 -11.00
N LYS A 71 -8.47 4.76 -10.13
CA LYS A 71 -9.58 4.28 -9.32
C LYS A 71 -10.45 5.41 -8.77
N THR A 72 -9.80 6.46 -8.29
CA THR A 72 -10.45 7.65 -7.72
C THR A 72 -11.94 7.75 -8.04
N TYR A 73 -12.27 7.78 -9.34
CA TYR A 73 -13.68 7.89 -9.74
C TYR A 73 -14.38 6.54 -9.73
N THR A 74 -14.27 5.82 -8.60
CA THR A 74 -14.92 4.51 -8.47
C THR A 74 -14.51 3.84 -7.17
N VAL A 75 -13.20 3.74 -6.97
CA VAL A 75 -12.65 3.08 -5.79
C VAL A 75 -12.03 4.09 -4.83
N ARG A 76 -12.45 4.08 -3.56
CA ARG A 76 -11.89 4.99 -2.59
C ARG A 76 -10.52 4.50 -2.11
N VAL A 77 -10.39 3.19 -1.91
CA VAL A 77 -9.14 2.60 -1.47
C VAL A 77 -8.83 1.32 -2.25
N PRO A 78 -7.65 1.21 -2.89
CA PRO A 78 -7.27 0.04 -3.68
C PRO A 78 -7.23 -1.28 -2.98
N THR A 79 -8.33 -1.78 -2.45
CA THR A 79 -8.19 -3.11 -1.95
C THR A 79 -9.14 -4.04 -2.66
N ILE A 80 -8.52 -4.87 -3.50
CA ILE A 80 -9.21 -5.93 -4.21
C ILE A 80 -8.51 -7.25 -3.90
N PHE A 81 -8.99 -8.04 -2.94
CA PHE A 81 -8.34 -9.33 -2.64
C PHE A 81 -9.21 -10.16 -1.70
#